data_2M7B
#
_entry.id   2M7B
#
loop_
_entity.id
_entity.type
_entity.pdbx_description
1 polymer 'uncharacterized protein'
2 non-polymer 'ZINC ION'
#
_entity_poly.entity_id   1
_entity_poly.type   'polypeptide(L)'
_entity_poly.pdbx_seq_one_letter_code
;GSMGGIKRLMEEEDAKYSEAVYIAIEAGTLAECEVHEGTYFSDSGDISEAEELAREKFEKGEVSNFDDVEELVKKVVAVC
EELGAEECFSCDFD
;
_entity_poly.pdbx_strand_id   A
#
loop_
_chem_comp.id
_chem_comp.type
_chem_comp.name
_chem_comp.formula
ZN non-polymer 'ZINC ION' 'Zn 2'
#
# COMPACT_ATOMS: atom_id res chain seq x y z
N SER A 18 11.00 5.31 6.12
CA SER A 18 9.88 6.24 6.05
C SER A 18 8.57 5.51 6.37
N GLU A 19 7.77 6.17 7.20
CA GLU A 19 6.49 5.60 7.61
C GLU A 19 5.36 6.23 6.80
N ALA A 20 5.63 7.41 6.26
CA ALA A 20 4.65 8.12 5.46
C ALA A 20 4.13 7.20 4.35
N VAL A 21 5.03 6.37 3.85
CA VAL A 21 4.68 5.44 2.79
C VAL A 21 3.69 4.40 3.34
N TYR A 22 4.11 3.74 4.41
CA TYR A 22 3.27 2.73 5.04
C TYR A 22 1.87 3.28 5.33
N ILE A 23 1.83 4.55 5.65
CA ILE A 23 0.56 5.21 5.95
C ILE A 23 -0.21 5.44 4.65
N ALA A 24 0.51 5.96 3.66
CA ALA A 24 -0.10 6.24 2.37
C ALA A 24 -0.71 4.95 1.80
N ILE A 25 -0.03 3.84 2.10
CA ILE A 25 -0.48 2.55 1.63
C ILE A 25 -1.50 1.98 2.62
N GLU A 26 -1.28 2.29 3.89
CA GLU A 26 -2.16 1.82 4.94
C GLU A 26 -3.47 2.62 4.94
N ALA A 27 -3.48 3.67 4.13
CA ALA A 27 -4.65 4.52 4.02
C ALA A 27 -5.74 3.78 3.25
N GLY A 28 -5.33 2.72 2.57
CA GLY A 28 -6.27 1.92 1.81
C GLY A 28 -5.71 1.62 0.42
N THR A 29 -4.46 1.21 0.39
CA THR A 29 -3.80 0.89 -0.86
C THR A 29 -3.89 -0.62 -1.14
N LEU A 30 -3.52 -1.40 -0.15
CA LEU A 30 -3.55 -2.85 -0.26
C LEU A 30 -4.31 -3.43 0.93
N ALA A 31 -4.55 -4.74 0.84
CA ALA A 31 -5.26 -5.43 1.90
C ALA A 31 -4.46 -6.66 2.33
N GLU A 32 -4.56 -6.98 3.62
CA GLU A 32 -3.86 -8.12 4.16
C GLU A 32 -4.70 -8.81 5.23
N CYS A 33 -4.64 -10.13 5.23
CA CYS A 33 -5.39 -10.92 6.19
C CYS A 33 -5.00 -10.46 7.60
N GLU A 34 -6.00 -10.00 8.34
CA GLU A 34 -5.77 -9.53 9.70
C GLU A 34 -5.67 -10.72 10.65
N VAL A 35 -5.83 -11.91 10.10
CA VAL A 35 -5.76 -13.13 10.89
C VAL A 35 -4.46 -13.86 10.56
N HIS A 36 -3.78 -13.37 9.54
CA HIS A 36 -2.53 -13.97 9.11
C HIS A 36 -1.45 -12.88 8.98
N GLU A 37 -0.64 -12.76 10.02
CA GLU A 37 0.42 -11.77 10.03
C GLU A 37 1.53 -12.18 9.06
N GLY A 38 1.82 -11.29 8.12
CA GLY A 38 2.85 -11.53 7.14
C GLY A 38 2.25 -11.74 5.75
N THR A 39 1.00 -12.20 5.74
CA THR A 39 0.30 -12.44 4.49
C THR A 39 -0.44 -11.18 4.04
N TYR A 40 -0.05 -10.68 2.88
CA TYR A 40 -0.66 -9.48 2.33
C TYR A 40 -1.13 -9.71 0.89
N PHE A 41 -1.79 -8.71 0.34
CA PHE A 41 -2.29 -8.79 -1.02
C PHE A 41 -2.86 -7.44 -1.48
N SER A 42 -2.16 -6.83 -2.41
CA SER A 42 -2.58 -5.54 -2.94
C SER A 42 -3.62 -5.74 -4.05
N ASP A 43 -4.54 -4.80 -4.15
CA ASP A 43 -5.58 -4.86 -5.15
C ASP A 43 -4.98 -5.36 -6.47
N SER A 44 -5.13 -6.65 -6.71
CA SER A 44 -4.61 -7.26 -7.92
C SER A 44 -5.43 -6.80 -9.12
N GLY A 45 -4.73 -6.51 -10.20
CA GLY A 45 -5.38 -6.06 -11.42
C GLY A 45 -5.07 -4.59 -11.69
N ASP A 46 -4.83 -3.86 -10.61
CA ASP A 46 -4.52 -2.44 -10.71
C ASP A 46 -3.51 -2.06 -9.63
N ILE A 47 -2.24 -2.33 -9.93
CA ILE A 47 -1.18 -2.01 -9.01
C ILE A 47 -0.96 -0.50 -8.97
N SER A 48 -1.16 0.12 -10.12
CA SER A 48 -0.99 1.56 -10.24
C SER A 48 -2.07 2.28 -9.43
N GLU A 49 -3.21 1.62 -9.31
CA GLU A 49 -4.32 2.19 -8.58
C GLU A 49 -3.91 2.47 -7.13
N ALA A 50 -3.01 1.64 -6.63
CA ALA A 50 -2.54 1.78 -5.27
C ALA A 50 -1.82 3.13 -5.13
N GLU A 51 -1.04 3.46 -6.15
CA GLU A 51 -0.30 4.70 -6.15
C GLU A 51 -1.25 5.89 -6.26
N GLU A 52 -2.10 5.84 -7.28
CA GLU A 52 -3.07 6.90 -7.51
C GLU A 52 -3.88 7.16 -6.23
N LEU A 53 -4.40 6.08 -5.66
CA LEU A 53 -5.18 6.18 -4.45
C LEU A 53 -4.33 6.79 -3.34
N ALA A 54 -3.07 6.36 -3.30
CA ALA A 54 -2.15 6.85 -2.29
C ALA A 54 -1.94 8.36 -2.49
N ARG A 55 -1.89 8.75 -3.76
CA ARG A 55 -1.70 10.15 -4.09
C ARG A 55 -2.96 10.96 -3.78
N GLU A 56 -4.09 10.26 -3.84
CA GLU A 56 -5.37 10.89 -3.56
C GLU A 56 -5.51 11.17 -2.07
N LYS A 57 -5.22 10.16 -1.28
CA LYS A 57 -5.30 10.28 0.17
C LYS A 57 -4.20 11.21 0.67
N PHE A 58 -2.99 10.92 0.24
CA PHE A 58 -1.83 11.71 0.63
C PHE A 58 -2.05 13.18 0.29
N GLU A 59 -2.43 13.43 -0.96
CA GLU A 59 -2.67 14.79 -1.41
C GLU A 59 -3.90 15.37 -0.71
N LYS A 60 -4.81 14.49 -0.36
CA LYS A 60 -6.04 14.90 0.31
C LYS A 60 -5.80 14.89 1.83
N GLY A 61 -4.53 14.90 2.20
CA GLY A 61 -4.17 14.90 3.60
C GLY A 61 -2.64 14.97 3.77
N GLU A 62 -2.14 16.19 3.87
CA GLU A 62 -0.71 16.41 4.04
C GLU A 62 -0.20 15.64 5.25
N VAL A 63 0.90 14.93 5.04
CA VAL A 63 1.51 14.15 6.11
C VAL A 63 2.63 14.95 6.75
N SER A 64 2.92 14.61 8.00
CA SER A 64 3.98 15.29 8.74
C SER A 64 5.27 15.31 7.92
N ASN A 65 5.69 14.12 7.51
CA ASN A 65 6.90 13.98 6.73
C ASN A 65 6.95 15.09 5.68
N PHE A 66 5.76 15.51 5.25
CA PHE A 66 5.66 16.56 4.25
C PHE A 66 6.46 16.21 3.00
N ASP A 67 6.49 14.91 2.70
CA ASP A 67 7.21 14.44 1.52
C ASP A 67 6.47 14.88 0.26
N ASP A 68 7.07 14.53 -0.88
CA ASP A 68 6.49 14.89 -2.16
C ASP A 68 5.51 13.79 -2.58
N VAL A 69 4.50 14.21 -3.34
CA VAL A 69 3.48 13.28 -3.82
C VAL A 69 4.14 12.25 -4.74
N GLU A 70 4.73 12.76 -5.81
CA GLU A 70 5.39 11.90 -6.78
C GLU A 70 6.32 10.93 -6.07
N GLU A 71 6.88 11.39 -4.96
CA GLU A 71 7.78 10.56 -4.17
C GLU A 71 7.00 9.49 -3.41
N LEU A 72 5.96 9.94 -2.73
CA LEU A 72 5.13 9.03 -1.96
C LEU A 72 4.57 7.94 -2.88
N VAL A 73 3.89 8.41 -3.92
CA VAL A 73 3.30 7.49 -4.88
C VAL A 73 4.35 6.48 -5.34
N LYS A 74 5.50 7.01 -5.75
CA LYS A 74 6.59 6.17 -6.22
C LYS A 74 6.97 5.18 -5.11
N LYS A 75 6.97 5.69 -3.89
CA LYS A 75 7.31 4.87 -2.74
C LYS A 75 6.13 3.94 -2.41
N VAL A 76 4.95 4.35 -2.85
CA VAL A 76 3.76 3.58 -2.62
C VAL A 76 3.76 2.34 -3.52
N VAL A 77 4.19 2.56 -4.76
CA VAL A 77 4.26 1.47 -5.72
C VAL A 77 5.44 0.56 -5.39
N ALA A 78 6.49 1.18 -4.87
CA ALA A 78 7.70 0.45 -4.50
C ALA A 78 7.38 -0.46 -3.31
N VAL A 79 6.87 0.15 -2.26
CA VAL A 79 6.53 -0.57 -1.06
C VAL A 79 5.54 -1.70 -1.40
N CYS A 80 4.49 -1.31 -2.11
CA CYS A 80 3.46 -2.26 -2.51
C CYS A 80 4.16 -3.42 -3.24
N GLU A 81 5.12 -3.06 -4.08
CA GLU A 81 5.86 -4.06 -4.84
C GLU A 81 6.84 -4.80 -3.93
N GLU A 82 7.27 -4.10 -2.88
CA GLU A 82 8.22 -4.68 -1.93
C GLU A 82 7.51 -5.72 -1.06
N LEU A 83 6.19 -5.60 -1.01
CA LEU A 83 5.39 -6.53 -0.21
C LEU A 83 5.13 -7.80 -1.02
N GLY A 84 5.31 -7.67 -2.33
CA GLY A 84 5.09 -8.80 -3.22
C GLY A 84 4.00 -9.73 -2.69
N ALA A 85 2.90 -9.11 -2.27
CA ALA A 85 1.78 -9.87 -1.74
C ALA A 85 0.55 -9.64 -2.61
N GLU A 86 -0.12 -10.74 -2.94
CA GLU A 86 -1.30 -10.66 -3.77
C GLU A 86 -2.35 -11.66 -3.27
N GLU A 87 -2.14 -12.16 -2.07
CA GLU A 87 -3.05 -13.11 -1.47
C GLU A 87 -2.50 -13.62 -0.15
N CYS A 88 -3.40 -14.11 0.69
CA CYS A 88 -3.01 -14.64 1.99
C CYS A 88 -3.03 -16.16 1.93
N PHE A 89 -1.92 -16.72 1.47
CA PHE A 89 -1.81 -18.16 1.35
C PHE A 89 -2.06 -18.85 2.69
N SER A 90 -1.86 -18.09 3.76
CA SER A 90 -2.08 -18.60 5.10
C SER A 90 -3.54 -18.97 5.29
N CYS A 91 -4.37 -18.48 4.39
CA CYS A 91 -5.80 -18.74 4.45
C CYS A 91 -6.00 -20.26 4.44
N ASP A 92 -4.97 -20.95 3.99
CA ASP A 92 -5.02 -22.42 3.92
C ASP A 92 -4.05 -23.01 4.94
N PHE A 93 -3.21 -22.12 5.49
CA PHE A 93 -2.23 -22.54 6.48
C PHE A 93 -2.82 -22.49 7.89
N ASP A 94 -3.00 -23.66 8.48
CA ASP A 94 -3.55 -23.77 9.81
C ASP A 94 -2.51 -23.25 10.82
ZN ZN B . -5.91 -15.39 5.66
N SER A 18 10.94 5.53 7.18
CA SER A 18 9.80 6.35 6.83
C SER A 18 8.51 5.53 7.02
N GLU A 19 7.52 6.19 7.61
CA GLU A 19 6.23 5.55 7.85
C GLU A 19 5.17 6.14 6.92
N ALA A 20 5.58 7.14 6.16
CA ALA A 20 4.67 7.78 5.23
C ALA A 20 4.29 6.79 4.12
N VAL A 21 5.21 5.89 3.83
CA VAL A 21 4.98 4.89 2.80
C VAL A 21 3.98 3.85 3.33
N TYR A 22 4.23 3.40 4.56
CA TYR A 22 3.37 2.42 5.18
C TYR A 22 1.98 3.00 5.46
N ILE A 23 1.97 4.27 5.82
CA ILE A 23 0.72 4.96 6.11
C ILE A 23 0.00 5.28 4.81
N ALA A 24 0.78 5.71 3.82
CA ALA A 24 0.22 6.06 2.53
C ALA A 24 -0.30 4.78 1.85
N ILE A 25 0.45 3.71 2.04
CA ILE A 25 0.07 2.43 1.47
C ILE A 25 -0.99 1.76 2.33
N GLU A 26 -1.04 2.19 3.59
CA GLU A 26 -2.01 1.65 4.54
C GLU A 26 -3.24 2.56 4.61
N ALA A 27 -3.13 3.71 3.97
CA ALA A 27 -4.22 4.67 3.95
C ALA A 27 -5.41 4.07 3.21
N GLY A 28 -5.11 3.17 2.29
CA GLY A 28 -6.14 2.51 1.50
C GLY A 28 -5.62 2.18 0.10
N THR A 29 -4.40 1.69 0.05
CA THR A 29 -3.79 1.33 -1.22
C THR A 29 -3.97 -0.16 -1.49
N LEU A 30 -3.63 -0.96 -0.49
CA LEU A 30 -3.75 -2.41 -0.62
C LEU A 30 -4.57 -2.95 0.56
N ALA A 31 -4.82 -4.24 0.52
CA ALA A 31 -5.60 -4.90 1.57
C ALA A 31 -4.82 -6.10 2.08
N GLU A 32 -5.16 -6.51 3.30
CA GLU A 32 -4.51 -7.66 3.91
C GLU A 32 -5.44 -8.31 4.93
N CYS A 33 -5.37 -9.63 4.99
CA CYS A 33 -6.20 -10.39 5.91
C CYS A 33 -5.93 -9.88 7.32
N GLU A 34 -6.99 -9.40 7.96
CA GLU A 34 -6.87 -8.88 9.32
C GLU A 34 -6.88 -10.03 10.33
N VAL A 35 -6.99 -11.24 9.79
CA VAL A 35 -7.01 -12.43 10.65
C VAL A 35 -5.69 -13.17 10.48
N HIS A 36 -4.90 -12.73 9.51
CA HIS A 36 -3.61 -13.34 9.24
C HIS A 36 -2.54 -12.27 9.14
N GLU A 37 -1.77 -12.14 10.22
CA GLU A 37 -0.71 -11.15 10.26
C GLU A 37 0.47 -11.60 9.39
N GLY A 38 0.93 -10.67 8.57
CA GLY A 38 2.05 -10.95 7.67
C GLY A 38 1.57 -11.11 6.24
N THR A 39 0.36 -11.64 6.10
CA THR A 39 -0.23 -11.84 4.78
C THR A 39 -0.84 -10.54 4.26
N TYR A 40 -0.54 -10.25 3.00
CA TYR A 40 -1.06 -9.05 2.38
C TYR A 40 -1.43 -9.30 0.92
N PHE A 41 -2.01 -8.29 0.29
CA PHE A 41 -2.42 -8.39 -1.10
C PHE A 41 -2.93 -7.05 -1.62
N SER A 42 -2.18 -6.51 -2.56
CA SER A 42 -2.54 -5.23 -3.16
C SER A 42 -3.44 -5.45 -4.37
N ASP A 43 -4.31 -4.48 -4.61
CA ASP A 43 -5.22 -4.56 -5.74
C ASP A 43 -4.49 -5.13 -6.95
N SER A 44 -4.66 -6.43 -7.15
CA SER A 44 -4.02 -7.11 -8.27
C SER A 44 -4.69 -6.70 -9.58
N GLY A 45 -3.86 -6.47 -10.59
CA GLY A 45 -4.36 -6.08 -11.89
C GLY A 45 -4.04 -4.61 -12.18
N ASP A 46 -3.91 -3.85 -11.11
CA ASP A 46 -3.61 -2.43 -11.24
C ASP A 46 -2.67 -2.02 -10.10
N ILE A 47 -1.37 -2.22 -10.35
CA ILE A 47 -0.37 -1.87 -9.36
C ILE A 47 -0.26 -0.35 -9.26
N SER A 48 -0.63 0.31 -10.35
CA SER A 48 -0.59 1.76 -10.39
C SER A 48 -1.69 2.34 -9.50
N GLU A 49 -2.77 1.58 -9.38
CA GLU A 49 -3.90 2.01 -8.58
C GLU A 49 -3.46 2.26 -7.13
N ALA A 50 -2.41 1.54 -6.74
CA ALA A 50 -1.88 1.67 -5.39
C ALA A 50 -1.27 3.07 -5.22
N GLU A 51 -0.43 3.43 -6.18
CA GLU A 51 0.22 4.73 -6.15
C GLU A 51 -0.82 5.85 -6.13
N GLU A 52 -1.85 5.66 -6.94
CA GLU A 52 -2.92 6.64 -7.04
C GLU A 52 -3.75 6.65 -5.75
N LEU A 53 -3.93 5.46 -5.20
CA LEU A 53 -4.70 5.32 -3.98
C LEU A 53 -4.07 6.18 -2.88
N ALA A 54 -2.76 5.97 -2.68
CA ALA A 54 -2.04 6.72 -1.67
C ALA A 54 -2.01 8.21 -2.06
N ARG A 55 -1.92 8.44 -3.36
CA ARG A 55 -1.88 9.81 -3.87
C ARG A 55 -3.08 10.60 -3.35
N GLU A 56 -4.24 9.97 -3.44
CA GLU A 56 -5.48 10.61 -2.98
C GLU A 56 -5.57 10.53 -1.47
N LYS A 57 -5.28 9.35 -0.94
CA LYS A 57 -5.33 9.15 0.50
C LYS A 57 -4.57 10.26 1.21
N PHE A 58 -3.33 10.45 0.79
CA PHE A 58 -2.48 11.49 1.37
C PHE A 58 -2.93 12.87 0.91
N GLU A 59 -3.26 12.97 -0.37
CA GLU A 59 -3.70 14.22 -0.94
C GLU A 59 -5.01 14.67 -0.29
N LYS A 60 -5.61 13.76 0.46
CA LYS A 60 -6.86 14.05 1.15
C LYS A 60 -6.57 14.83 2.43
N GLY A 61 -5.30 14.80 2.82
CA GLY A 61 -4.88 15.50 4.03
C GLY A 61 -3.43 15.99 3.89
N GLU A 62 -2.60 15.54 4.83
CA GLU A 62 -1.21 15.92 4.83
C GLU A 62 -0.32 14.67 4.84
N VAL A 63 0.98 14.90 4.68
CA VAL A 63 1.94 13.80 4.67
C VAL A 63 3.34 14.37 4.95
N SER A 64 4.30 13.46 4.97
CA SER A 64 5.68 13.84 5.22
C SER A 64 6.45 13.92 3.90
N ASN A 65 6.05 13.08 2.97
CA ASN A 65 6.70 13.04 1.67
C ASN A 65 5.92 13.91 0.69
N PHE A 66 5.13 14.81 1.26
CA PHE A 66 4.33 15.71 0.45
C PHE A 66 5.20 16.51 -0.51
N ASP A 67 6.49 16.52 -0.23
CA ASP A 67 7.44 17.24 -1.06
C ASP A 67 7.08 17.05 -2.53
N ASP A 68 6.95 15.79 -2.92
CA ASP A 68 6.61 15.47 -4.30
C ASP A 68 5.56 14.35 -4.30
N VAL A 69 4.37 14.71 -4.76
CA VAL A 69 3.28 13.76 -4.82
C VAL A 69 3.72 12.52 -5.60
N GLU A 70 4.51 12.77 -6.64
CA GLU A 70 5.01 11.70 -7.47
C GLU A 70 5.99 10.83 -6.68
N GLU A 71 6.65 11.45 -5.71
CA GLU A 71 7.60 10.74 -4.88
C GLU A 71 6.89 9.82 -3.91
N LEU A 72 5.83 10.35 -3.30
CA LEU A 72 5.04 9.57 -2.35
C LEU A 72 4.42 8.37 -3.06
N VAL A 73 3.71 8.66 -4.14
CA VAL A 73 3.07 7.62 -4.92
C VAL A 73 4.11 6.56 -5.31
N LYS A 74 5.24 7.04 -5.77
CA LYS A 74 6.32 6.15 -6.18
C LYS A 74 6.72 5.27 -5.01
N LYS A 75 6.72 5.87 -3.82
CA LYS A 75 7.08 5.16 -2.61
C LYS A 75 5.98 4.17 -2.27
N VAL A 76 4.76 4.51 -2.66
CA VAL A 76 3.61 3.67 -2.40
C VAL A 76 3.71 2.39 -3.23
N VAL A 77 3.91 2.59 -4.53
CA VAL A 77 4.03 1.46 -5.44
C VAL A 77 5.27 0.64 -5.07
N ALA A 78 6.28 1.36 -4.61
CA ALA A 78 7.52 0.71 -4.22
C ALA A 78 7.23 -0.31 -3.11
N VAL A 79 6.62 0.18 -2.05
CA VAL A 79 6.27 -0.68 -0.92
C VAL A 79 5.31 -1.76 -1.39
N CYS A 80 4.44 -1.38 -2.30
CA CYS A 80 3.45 -2.32 -2.83
C CYS A 80 4.19 -3.53 -3.40
N GLU A 81 5.17 -3.24 -4.23
CA GLU A 81 5.97 -4.29 -4.85
C GLU A 81 6.91 -4.92 -3.81
N GLU A 82 7.30 -4.11 -2.84
CA GLU A 82 8.19 -4.58 -1.79
C GLU A 82 7.45 -5.55 -0.87
N LEU A 83 6.13 -5.46 -0.88
CA LEU A 83 5.31 -6.33 -0.06
C LEU A 83 5.05 -7.65 -0.81
N GLY A 84 5.25 -7.59 -2.12
CA GLY A 84 5.06 -8.76 -2.95
C GLY A 84 3.93 -9.64 -2.40
N ALA A 85 2.81 -8.99 -2.11
CA ALA A 85 1.66 -9.69 -1.58
C ALA A 85 0.46 -9.47 -2.50
N GLU A 86 -0.24 -10.55 -2.79
CA GLU A 86 -1.40 -10.50 -3.67
C GLU A 86 -2.47 -11.48 -3.18
N GLU A 87 -2.34 -11.90 -1.94
CA GLU A 87 -3.29 -12.83 -1.36
C GLU A 87 -2.79 -13.30 0.02
N CYS A 88 -3.74 -13.71 0.84
CA CYS A 88 -3.42 -14.18 2.18
C CYS A 88 -3.45 -15.72 2.16
N PHE A 89 -2.30 -16.29 1.83
CA PHE A 89 -2.18 -17.74 1.79
C PHE A 89 -2.59 -18.38 3.12
N SER A 90 -2.42 -17.60 4.18
CA SER A 90 -2.76 -18.07 5.52
C SER A 90 -4.24 -18.45 5.56
N CYS A 91 -4.97 -18.00 4.56
CA CYS A 91 -6.40 -18.28 4.48
C CYS A 91 -6.58 -19.81 4.50
N ASP A 92 -5.66 -20.49 3.83
CA ASP A 92 -5.71 -21.94 3.77
C ASP A 92 -4.75 -22.53 4.80
N PHE A 93 -4.49 -21.74 5.83
CA PHE A 93 -3.59 -22.16 6.90
C PHE A 93 -4.25 -23.21 7.78
N ASP A 94 -3.43 -24.12 8.28
CA ASP A 94 -3.94 -25.18 9.15
C ASP A 94 -3.62 -24.84 10.60
ZN ZN B . -6.65 -14.89 5.54
N SER A 18 5.24 1.58 11.90
CA SER A 18 4.34 2.26 10.98
C SER A 18 5.07 3.39 10.27
N GLU A 19 4.81 3.49 8.97
CA GLU A 19 5.45 4.52 8.16
C GLU A 19 4.39 5.24 7.31
N ALA A 20 4.76 6.42 6.84
CA ALA A 20 3.87 7.21 6.03
C ALA A 20 3.55 6.46 4.73
N VAL A 21 4.51 5.65 4.30
CA VAL A 21 4.35 4.86 3.10
C VAL A 21 3.43 3.67 3.39
N TYR A 22 3.74 2.98 4.47
CA TYR A 22 2.95 1.82 4.87
C TYR A 22 1.52 2.23 5.23
N ILE A 23 1.40 3.44 5.75
CA ILE A 23 0.09 3.95 6.13
C ILE A 23 -0.67 4.40 4.88
N ALA A 24 0.06 5.04 3.98
CA ALA A 24 -0.52 5.52 2.74
C ALA A 24 -0.97 4.32 1.90
N ILE A 25 -0.09 3.33 1.83
CA ILE A 25 -0.37 2.13 1.06
C ILE A 25 -1.51 1.36 1.74
N GLU A 26 -1.53 1.42 3.06
CA GLU A 26 -2.56 0.73 3.83
C GLU A 26 -3.75 1.66 4.05
N ALA A 27 -3.61 2.89 3.58
CA ALA A 27 -4.67 3.88 3.71
C ALA A 27 -5.88 3.44 2.89
N GLY A 28 -5.67 2.41 2.08
CA GLY A 28 -6.73 1.89 1.24
C GLY A 28 -6.17 1.33 -0.07
N THR A 29 -4.92 1.68 -0.33
CA THR A 29 -4.25 1.20 -1.54
C THR A 29 -4.28 -0.33 -1.61
N LEU A 30 -3.87 -0.94 -0.51
CA LEU A 30 -3.84 -2.39 -0.43
C LEU A 30 -4.48 -2.84 0.89
N ALA A 31 -4.62 -4.15 1.03
CA ALA A 31 -5.21 -4.72 2.22
C ALA A 31 -4.41 -5.95 2.65
N GLU A 32 -4.56 -6.31 3.92
CA GLU A 32 -3.86 -7.46 4.46
C GLU A 32 -4.67 -8.09 5.59
N CYS A 33 -4.64 -9.42 5.61
CA CYS A 33 -5.38 -10.17 6.62
C CYS A 33 -4.91 -9.69 8.00
N GLU A 34 -5.87 -9.19 8.77
CA GLU A 34 -5.56 -8.70 10.11
C GLU A 34 -5.49 -9.87 11.10
N VAL A 35 -5.72 -11.05 10.58
CA VAL A 35 -5.68 -12.26 11.40
C VAL A 35 -4.42 -13.06 11.06
N HIS A 36 -3.75 -12.62 10.00
CA HIS A 36 -2.54 -13.29 9.56
C HIS A 36 -1.42 -12.26 9.40
N GLU A 37 -0.58 -12.16 10.42
CA GLU A 37 0.53 -11.23 10.41
C GLU A 37 1.60 -11.70 9.43
N GLY A 38 1.92 -10.84 8.48
CA GLY A 38 2.94 -11.15 7.49
C GLY A 38 2.31 -11.33 6.10
N THR A 39 1.04 -11.71 6.11
CA THR A 39 0.31 -11.92 4.87
C THR A 39 -0.35 -10.61 4.41
N TYR A 40 -0.11 -10.27 3.15
CA TYR A 40 -0.68 -9.07 2.59
C TYR A 40 -1.13 -9.30 1.15
N PHE A 41 -1.79 -8.28 0.60
CA PHE A 41 -2.28 -8.36 -0.76
C PHE A 41 -2.73 -6.99 -1.27
N SER A 42 -2.12 -6.56 -2.35
CA SER A 42 -2.44 -5.26 -2.94
C SER A 42 -3.42 -5.46 -4.10
N ASP A 43 -4.32 -4.50 -4.24
CA ASP A 43 -5.31 -4.54 -5.29
C ASP A 43 -4.66 -5.06 -6.58
N SER A 44 -4.84 -6.35 -6.82
CA SER A 44 -4.27 -6.97 -8.01
C SER A 44 -5.03 -6.51 -9.26
N GLY A 45 -4.27 -6.25 -10.31
CA GLY A 45 -4.85 -5.80 -11.56
C GLY A 45 -4.51 -4.33 -11.82
N ASP A 46 -4.26 -3.61 -10.73
CA ASP A 46 -3.93 -2.20 -10.83
C ASP A 46 -2.88 -1.85 -9.78
N ILE A 47 -1.63 -2.09 -10.13
CA ILE A 47 -0.53 -1.81 -9.23
C ILE A 47 -0.37 -0.29 -9.09
N SER A 48 -0.65 0.41 -10.18
CA SER A 48 -0.54 1.85 -10.18
C SER A 48 -1.64 2.47 -9.32
N GLU A 49 -2.72 1.73 -9.17
CA GLU A 49 -3.85 2.19 -8.38
C GLU A 49 -3.39 2.45 -6.93
N ALA A 50 -2.35 1.75 -6.54
CA ALA A 50 -1.81 1.91 -5.19
C ALA A 50 -1.24 3.32 -5.03
N GLU A 51 -0.42 3.71 -6.01
CA GLU A 51 0.18 5.02 -6.00
C GLU A 51 -0.88 6.11 -6.11
N GLU A 52 -1.94 5.78 -6.83
CA GLU A 52 -3.03 6.71 -7.03
C GLU A 52 -3.79 6.93 -5.72
N LEU A 53 -4.29 5.83 -5.16
CA LEU A 53 -5.02 5.89 -3.92
C LEU A 53 -4.17 6.58 -2.85
N ALA A 54 -2.87 6.31 -2.92
CA ALA A 54 -1.94 6.89 -1.98
C ALA A 54 -1.77 8.38 -2.28
N ARG A 55 -1.74 8.69 -3.56
CA ARG A 55 -1.59 10.07 -4.00
C ARG A 55 -2.70 10.94 -3.41
N GLU A 56 -3.92 10.45 -3.53
CA GLU A 56 -5.07 11.17 -3.00
C GLU A 56 -5.16 10.99 -1.49
N LYS A 57 -4.99 9.75 -1.05
CA LYS A 57 -5.05 9.44 0.36
C LYS A 57 -4.15 10.41 1.13
N PHE A 58 -2.90 10.47 0.70
CA PHE A 58 -1.93 11.35 1.35
C PHE A 58 -2.22 12.82 1.02
N GLU A 59 -2.67 13.03 -0.22
CA GLU A 59 -2.98 14.38 -0.67
C GLU A 59 -4.26 14.89 0.00
N LYS A 60 -4.96 13.96 0.63
CA LYS A 60 -6.19 14.30 1.32
C LYS A 60 -5.93 14.40 2.83
N GLY A 61 -4.78 13.88 3.23
CA GLY A 61 -4.39 13.92 4.63
C GLY A 61 -3.11 14.73 4.82
N GLU A 62 -2.10 14.08 5.38
CA GLU A 62 -0.83 14.73 5.63
C GLU A 62 0.30 13.94 4.96
N VAL A 63 1.46 14.58 4.90
CA VAL A 63 2.63 13.95 4.30
C VAL A 63 3.90 14.59 4.87
N SER A 64 4.96 13.80 4.88
CA SER A 64 6.24 14.28 5.40
C SER A 64 7.22 14.50 4.24
N ASN A 65 6.86 13.94 3.10
CA ASN A 65 7.70 14.07 1.91
C ASN A 65 6.86 14.62 0.76
N PHE A 66 5.75 15.24 1.13
CA PHE A 66 4.86 15.81 0.14
C PHE A 66 5.64 16.64 -0.89
N ASP A 67 6.81 17.08 -0.49
CA ASP A 67 7.66 17.87 -1.35
C ASP A 67 7.62 17.30 -2.76
N ASP A 68 7.41 15.99 -2.83
CA ASP A 68 7.34 15.30 -4.11
C ASP A 68 6.16 14.32 -4.09
N VAL A 69 5.09 14.73 -4.76
CA VAL A 69 3.90 13.90 -4.83
C VAL A 69 4.19 12.67 -5.68
N GLU A 70 4.79 12.92 -6.84
CA GLU A 70 5.13 11.84 -7.76
C GLU A 70 6.06 10.84 -7.07
N GLU A 71 6.93 11.37 -6.23
CA GLU A 71 7.88 10.53 -5.51
C GLU A 71 7.16 9.71 -4.44
N LEU A 72 6.23 10.37 -3.76
CA LEU A 72 5.47 9.72 -2.71
C LEU A 72 4.69 8.54 -3.31
N VAL A 73 3.94 8.83 -4.36
CA VAL A 73 3.15 7.81 -5.03
C VAL A 73 4.07 6.66 -5.45
N LYS A 74 5.19 7.03 -6.03
CA LYS A 74 6.17 6.04 -6.49
C LYS A 74 6.64 5.22 -5.29
N LYS A 75 6.77 5.89 -4.16
CA LYS A 75 7.21 5.23 -2.94
C LYS A 75 6.14 4.25 -2.48
N VAL A 76 4.89 4.60 -2.78
CA VAL A 76 3.77 3.76 -2.41
C VAL A 76 3.79 2.48 -3.25
N VAL A 77 3.76 2.67 -4.55
CA VAL A 77 3.77 1.54 -5.47
C VAL A 77 5.03 0.70 -5.23
N ALA A 78 6.10 1.39 -4.88
CA ALA A 78 7.37 0.74 -4.62
C ALA A 78 7.21 -0.20 -3.42
N VAL A 79 6.72 0.36 -2.32
CA VAL A 79 6.52 -0.41 -1.11
C VAL A 79 5.58 -1.58 -1.41
N CYS A 80 4.50 -1.27 -2.11
CA CYS A 80 3.52 -2.28 -2.47
C CYS A 80 4.25 -3.43 -3.15
N GLU A 81 5.06 -3.09 -4.14
CA GLU A 81 5.83 -4.09 -4.87
C GLU A 81 6.85 -4.75 -3.96
N GLU A 82 7.30 -3.98 -2.97
CA GLU A 82 8.29 -4.48 -2.02
C GLU A 82 7.64 -5.48 -1.06
N LEU A 83 6.32 -5.38 -0.96
CA LEU A 83 5.56 -6.27 -0.08
C LEU A 83 5.27 -7.57 -0.81
N GLY A 84 5.39 -7.52 -2.13
CA GLY A 84 5.12 -8.68 -2.96
C GLY A 84 4.03 -9.56 -2.35
N ALA A 85 2.87 -8.95 -2.16
CA ALA A 85 1.73 -9.65 -1.59
C ALA A 85 0.51 -9.42 -2.47
N GLU A 86 -0.22 -10.51 -2.71
CA GLU A 86 -1.42 -10.44 -3.53
C GLU A 86 -2.51 -11.34 -2.96
N GLU A 87 -2.35 -11.66 -1.67
CA GLU A 87 -3.31 -12.51 -0.99
C GLU A 87 -2.72 -13.04 0.31
N CYS A 88 -3.61 -13.47 1.20
CA CYS A 88 -3.19 -13.99 2.49
C CYS A 88 -3.30 -15.52 2.45
N PHE A 89 -2.23 -16.15 1.97
CA PHE A 89 -2.19 -17.59 1.87
C PHE A 89 -2.46 -18.25 3.22
N SER A 90 -2.11 -17.51 4.27
CA SER A 90 -2.31 -18.01 5.62
C SER A 90 -3.79 -18.32 5.85
N CYS A 91 -4.62 -17.79 4.97
CA CYS A 91 -6.05 -18.00 5.06
C CYS A 91 -6.31 -19.50 5.12
N ASP A 92 -5.31 -20.26 4.69
CA ASP A 92 -5.42 -21.71 4.69
C ASP A 92 -4.93 -22.26 6.03
N PHE A 93 -4.92 -21.39 7.02
CA PHE A 93 -4.49 -21.77 8.35
C PHE A 93 -5.39 -22.86 8.94
N ASP A 94 -4.80 -23.69 9.78
CA ASP A 94 -5.54 -24.77 10.41
C ASP A 94 -6.40 -24.20 11.53
ZN ZN B . -6.03 -14.63 6.18
N SER A 18 10.46 6.48 7.84
CA SER A 18 10.33 5.24 7.10
C SER A 18 8.93 4.67 7.26
N GLU A 19 8.12 5.38 8.04
CA GLU A 19 6.76 4.97 8.29
C GLU A 19 5.78 5.77 7.42
N ALA A 20 6.31 6.83 6.83
CA ALA A 20 5.51 7.68 5.97
C ALA A 20 4.86 6.83 4.87
N VAL A 21 5.70 6.05 4.20
CA VAL A 21 5.23 5.19 3.12
C VAL A 21 4.14 4.27 3.67
N TYR A 22 4.47 3.59 4.76
CA TYR A 22 3.53 2.67 5.38
C TYR A 22 2.18 3.35 5.61
N ILE A 23 2.23 4.60 6.04
CA ILE A 23 1.02 5.36 6.30
C ILE A 23 0.21 5.47 5.00
N ALA A 24 0.90 5.83 3.93
CA ALA A 24 0.26 5.97 2.64
C ALA A 24 -0.35 4.63 2.22
N ILE A 25 0.49 3.61 2.20
CA ILE A 25 0.05 2.28 1.82
C ILE A 25 -0.92 1.76 2.88
N GLU A 26 -0.96 2.46 4.01
CA GLU A 26 -1.83 2.08 5.10
C GLU A 26 -3.16 2.84 5.01
N ALA A 27 -3.10 4.00 4.36
CA ALA A 27 -4.28 4.82 4.20
C ALA A 27 -5.41 3.98 3.62
N GLY A 28 -5.02 2.95 2.89
CA GLY A 28 -6.00 2.06 2.27
C GLY A 28 -5.66 1.81 0.80
N THR A 29 -4.42 1.41 0.58
CA THR A 29 -3.96 1.12 -0.77
C THR A 29 -4.12 -0.35 -1.10
N LEU A 30 -3.66 -1.19 -0.17
CA LEU A 30 -3.73 -2.63 -0.35
C LEU A 30 -4.53 -3.23 0.81
N ALA A 31 -4.76 -4.53 0.71
CA ALA A 31 -5.50 -5.24 1.74
C ALA A 31 -4.70 -6.46 2.19
N GLU A 32 -4.93 -6.86 3.44
CA GLU A 32 -4.23 -8.00 3.99
C GLU A 32 -5.14 -8.75 4.97
N CYS A 33 -5.07 -10.06 4.92
CA CYS A 33 -5.88 -10.89 5.80
C CYS A 33 -5.55 -10.51 7.25
N GLU A 34 -6.55 -9.99 7.93
CA GLU A 34 -6.40 -9.58 9.31
C GLU A 34 -6.48 -10.79 10.23
N VAL A 35 -6.61 -11.95 9.62
CA VAL A 35 -6.70 -13.19 10.37
C VAL A 35 -5.40 -13.99 10.19
N HIS A 36 -4.58 -13.52 9.27
CA HIS A 36 -3.31 -14.17 8.99
C HIS A 36 -2.19 -13.13 8.99
N GLU A 37 -1.41 -13.15 10.06
CA GLU A 37 -0.29 -12.23 10.19
C GLU A 37 0.85 -12.61 9.24
N GLY A 38 1.18 -11.69 8.36
CA GLY A 38 2.24 -11.92 7.39
C GLY A 38 1.68 -12.05 5.98
N THR A 39 0.36 -12.13 5.90
CA THR A 39 -0.32 -12.26 4.62
C THR A 39 -0.77 -10.89 4.11
N TYR A 40 -0.47 -10.64 2.84
CA TYR A 40 -0.85 -9.38 2.23
C TYR A 40 -1.27 -9.59 0.77
N PHE A 41 -1.90 -8.57 0.22
CA PHE A 41 -2.37 -8.62 -1.15
C PHE A 41 -2.93 -7.27 -1.61
N SER A 42 -2.23 -6.66 -2.56
CA SER A 42 -2.64 -5.37 -3.08
C SER A 42 -3.60 -5.57 -4.25
N ASP A 43 -4.50 -4.60 -4.40
CA ASP A 43 -5.48 -4.66 -5.48
C ASP A 43 -4.80 -5.16 -6.75
N SER A 44 -4.96 -6.46 -7.00
CA SER A 44 -4.38 -7.07 -8.18
C SER A 44 -5.11 -6.61 -9.43
N GLY A 45 -4.33 -6.33 -10.47
CA GLY A 45 -4.89 -5.87 -11.73
C GLY A 45 -4.56 -4.41 -11.98
N ASP A 46 -4.37 -3.69 -10.88
CA ASP A 46 -4.04 -2.27 -10.97
C ASP A 46 -3.05 -1.91 -9.86
N ILE A 47 -1.78 -2.16 -10.13
CA ILE A 47 -0.74 -1.87 -9.17
C ILE A 47 -0.54 -0.36 -9.08
N SER A 48 -0.64 0.30 -10.22
CA SER A 48 -0.49 1.74 -10.28
C SER A 48 -1.67 2.43 -9.58
N GLU A 49 -2.80 1.74 -9.59
CA GLU A 49 -4.00 2.27 -8.97
C GLU A 49 -3.75 2.53 -7.48
N ALA A 50 -2.82 1.75 -6.93
CA ALA A 50 -2.48 1.88 -5.51
C ALA A 50 -1.74 3.20 -5.30
N GLU A 51 -1.01 3.61 -6.33
CA GLU A 51 -0.24 4.84 -6.26
C GLU A 51 -1.17 6.05 -6.42
N GLU A 52 -2.08 5.93 -7.38
CA GLU A 52 -3.02 7.01 -7.64
C GLU A 52 -3.91 7.24 -6.42
N LEU A 53 -4.43 6.14 -5.89
CA LEU A 53 -5.30 6.21 -4.72
C LEU A 53 -4.46 6.56 -3.49
N ALA A 54 -3.20 6.17 -3.55
CA ALA A 54 -2.28 6.44 -2.45
C ALA A 54 -2.02 7.94 -2.36
N ARG A 55 -1.79 8.54 -3.52
CA ARG A 55 -1.53 9.97 -3.58
C ARG A 55 -2.78 10.76 -3.20
N GLU A 56 -3.91 10.27 -3.67
CA GLU A 56 -5.18 10.92 -3.40
C GLU A 56 -5.50 10.84 -1.89
N LYS A 57 -5.46 9.62 -1.38
CA LYS A 57 -5.72 9.39 0.03
C LYS A 57 -4.83 10.30 0.87
N PHE A 58 -3.53 10.23 0.59
CA PHE A 58 -2.55 11.02 1.31
C PHE A 58 -2.72 12.51 0.98
N GLU A 59 -3.17 12.77 -0.23
CA GLU A 59 -3.38 14.13 -0.68
C GLU A 59 -4.61 14.74 0.00
N LYS A 60 -5.46 13.87 0.50
CA LYS A 60 -6.67 14.30 1.17
C LYS A 60 -6.35 14.67 2.62
N GLY A 61 -5.06 14.59 2.94
CA GLY A 61 -4.60 14.91 4.28
C GLY A 61 -3.36 15.81 4.22
N GLU A 62 -2.27 15.23 3.74
CA GLU A 62 -1.02 15.97 3.64
C GLU A 62 -0.52 15.96 2.19
N VAL A 63 0.68 16.50 2.00
CA VAL A 63 1.28 16.56 0.69
C VAL A 63 0.24 17.03 -0.33
N SER A 64 -0.73 17.77 0.17
CA SER A 64 -1.80 18.29 -0.67
C SER A 64 -1.23 19.35 -1.63
N ASN A 65 0.02 19.70 -1.38
CA ASN A 65 0.68 20.70 -2.20
C ASN A 65 1.14 20.05 -3.51
N PHE A 66 1.02 18.73 -3.55
CA PHE A 66 1.42 17.98 -4.73
C PHE A 66 2.87 18.26 -5.11
N ASP A 67 3.73 18.17 -4.10
CA ASP A 67 5.15 18.41 -4.30
C ASP A 67 5.90 17.07 -4.30
N ASP A 68 5.46 16.19 -3.42
CA ASP A 68 6.08 14.88 -3.29
C ASP A 68 5.09 13.81 -3.74
N VAL A 69 4.13 14.24 -4.56
CA VAL A 69 3.12 13.32 -5.06
C VAL A 69 3.80 12.17 -5.78
N GLU A 70 4.76 12.52 -6.62
CA GLU A 70 5.50 11.51 -7.38
C GLU A 70 6.28 10.60 -6.43
N GLU A 71 6.76 11.19 -5.36
CA GLU A 71 7.52 10.44 -4.37
C GLU A 71 6.59 9.56 -3.54
N LEU A 72 5.36 10.03 -3.38
CA LEU A 72 4.37 9.31 -2.61
C LEU A 72 3.88 8.10 -3.42
N VAL A 73 3.50 8.38 -4.66
CA VAL A 73 3.02 7.33 -5.53
C VAL A 73 4.12 6.29 -5.73
N LYS A 74 5.34 6.80 -5.94
CA LYS A 74 6.48 5.92 -6.15
C LYS A 74 6.76 5.15 -4.86
N LYS A 75 6.88 5.88 -3.77
CA LYS A 75 7.15 5.27 -2.48
C LYS A 75 6.07 4.23 -2.18
N VAL A 76 4.86 4.52 -2.62
CA VAL A 76 3.75 3.61 -2.41
C VAL A 76 3.96 2.35 -3.26
N VAL A 77 4.09 2.56 -4.56
CA VAL A 77 4.29 1.46 -5.49
C VAL A 77 5.47 0.61 -5.01
N ALA A 78 6.44 1.30 -4.43
CA ALA A 78 7.63 0.62 -3.93
C ALA A 78 7.24 -0.28 -2.76
N VAL A 79 6.35 0.25 -1.91
CA VAL A 79 5.90 -0.49 -0.75
C VAL A 79 5.06 -1.69 -1.21
N CYS A 80 4.12 -1.40 -2.11
CA CYS A 80 3.25 -2.43 -2.64
C CYS A 80 4.12 -3.55 -3.24
N GLU A 81 5.05 -3.13 -4.09
CA GLU A 81 5.95 -4.07 -4.74
C GLU A 81 6.89 -4.70 -3.70
N GLU A 82 7.24 -3.90 -2.71
CA GLU A 82 8.12 -4.36 -1.65
C GLU A 82 7.42 -5.41 -0.79
N LEU A 83 6.10 -5.37 -0.82
CA LEU A 83 5.29 -6.29 -0.05
C LEU A 83 5.09 -7.58 -0.85
N GLY A 84 5.29 -7.45 -2.16
CA GLY A 84 5.14 -8.59 -3.05
C GLY A 84 4.05 -9.54 -2.54
N ALA A 85 2.88 -8.97 -2.28
CA ALA A 85 1.76 -9.74 -1.80
C ALA A 85 0.53 -9.49 -2.68
N GLU A 86 -0.13 -10.57 -3.04
CA GLU A 86 -1.31 -10.47 -3.89
C GLU A 86 -2.37 -11.49 -3.45
N GLU A 87 -2.20 -11.98 -2.23
CA GLU A 87 -3.12 -12.95 -1.68
C GLU A 87 -2.61 -13.47 -0.34
N CYS A 88 -3.53 -14.00 0.45
CA CYS A 88 -3.19 -14.53 1.75
C CYS A 88 -3.24 -16.06 1.68
N PHE A 89 -2.10 -16.65 1.33
CA PHE A 89 -2.01 -18.09 1.22
C PHE A 89 -2.44 -18.77 2.52
N SER A 90 -2.22 -18.06 3.62
CA SER A 90 -2.58 -18.59 4.93
C SER A 90 -4.06 -18.96 4.95
N CYS A 91 -4.79 -18.43 3.98
CA CYS A 91 -6.22 -18.69 3.88
C CYS A 91 -6.42 -20.20 3.82
N ASP A 92 -5.54 -20.86 3.08
CA ASP A 92 -5.62 -22.31 2.94
C ASP A 92 -4.62 -22.96 3.90
N PHE A 93 -4.29 -22.22 4.95
CA PHE A 93 -3.35 -22.72 5.95
C PHE A 93 -3.93 -23.93 6.69
N ASP A 94 -3.35 -25.09 6.40
CA ASP A 94 -3.78 -26.32 7.03
C ASP A 94 -3.13 -26.45 8.41
ZN ZN B . -6.38 -15.35 5.10
N SER A 18 4.98 10.01 10.34
CA SER A 18 5.68 8.75 10.16
C SER A 18 4.77 7.76 9.42
N GLU A 19 5.40 6.73 8.88
CA GLU A 19 4.66 5.71 8.15
C GLU A 19 3.62 6.36 7.24
N ALA A 20 3.96 7.54 6.76
CA ALA A 20 3.06 8.28 5.87
C ALA A 20 2.89 7.50 4.58
N VAL A 21 4.00 6.96 4.08
CA VAL A 21 3.97 6.19 2.85
C VAL A 21 3.23 4.87 3.09
N TYR A 22 3.69 4.14 4.08
CA TYR A 22 3.08 2.87 4.43
C TYR A 22 1.56 3.00 4.57
N ILE A 23 1.16 4.05 5.28
CA ILE A 23 -0.25 4.30 5.50
C ILE A 23 -0.90 4.75 4.18
N ALA A 24 -0.11 5.46 3.38
CA ALA A 24 -0.58 5.93 2.10
C ALA A 24 -1.00 4.74 1.23
N ILE A 25 -0.30 3.64 1.43
CA ILE A 25 -0.59 2.43 0.67
C ILE A 25 -1.40 1.48 1.53
N GLU A 26 -1.31 1.69 2.85
CA GLU A 26 -2.04 0.85 3.79
C GLU A 26 -3.34 1.54 4.21
N ALA A 27 -3.63 2.64 3.54
CA ALA A 27 -4.84 3.40 3.82
C ALA A 27 -6.04 2.69 3.20
N GLY A 28 -5.74 1.64 2.45
CA GLY A 28 -6.79 0.87 1.79
C GLY A 28 -6.30 0.31 0.46
N THR A 29 -5.20 0.87 -0.01
CA THR A 29 -4.61 0.43 -1.26
C THR A 29 -4.14 -1.03 -1.16
N LEU A 30 -3.70 -1.39 0.03
CA LEU A 30 -3.24 -2.74 0.28
C LEU A 30 -4.07 -3.38 1.39
N ALA A 31 -4.34 -4.66 1.23
CA ALA A 31 -5.12 -5.39 2.22
C ALA A 31 -4.35 -6.66 2.64
N GLU A 32 -4.40 -6.94 3.93
CA GLU A 32 -3.73 -8.10 4.46
C GLU A 32 -4.59 -8.77 5.54
N CYS A 33 -4.52 -10.09 5.56
CA CYS A 33 -5.29 -10.86 6.53
C CYS A 33 -4.89 -10.41 7.94
N GLU A 34 -5.89 -9.98 8.68
CA GLU A 34 -5.66 -9.52 10.05
C GLU A 34 -5.55 -10.70 11.00
N VAL A 35 -5.73 -11.89 10.44
CA VAL A 35 -5.65 -13.11 11.23
C VAL A 35 -4.36 -13.86 10.87
N HIS A 36 -3.69 -13.36 9.84
CA HIS A 36 -2.46 -13.97 9.39
C HIS A 36 -1.38 -12.89 9.25
N GLU A 37 -0.55 -12.79 10.28
CA GLU A 37 0.53 -11.81 10.29
C GLU A 37 1.63 -12.22 9.30
N GLY A 38 1.89 -11.32 8.36
CA GLY A 38 2.92 -11.58 7.35
C GLY A 38 2.29 -11.79 5.98
N THR A 39 1.04 -12.23 6.00
CA THR A 39 0.32 -12.48 4.76
C THR A 39 -0.42 -11.22 4.31
N TYR A 40 0.01 -10.71 3.16
CA TYR A 40 -0.61 -9.51 2.61
C TYR A 40 -1.07 -9.75 1.17
N PHE A 41 -1.72 -8.74 0.61
CA PHE A 41 -2.23 -8.82 -0.75
C PHE A 41 -2.77 -7.46 -1.22
N SER A 42 -2.15 -6.95 -2.26
CA SER A 42 -2.55 -5.67 -2.82
C SER A 42 -3.56 -5.89 -3.95
N ASP A 43 -4.41 -4.88 -4.14
CA ASP A 43 -5.42 -4.95 -5.17
C ASP A 43 -4.77 -5.38 -6.49
N SER A 44 -4.85 -6.68 -6.75
CA SER A 44 -4.27 -7.23 -7.96
C SER A 44 -5.09 -6.80 -9.18
N GLY A 45 -4.39 -6.46 -10.25
CA GLY A 45 -5.04 -6.04 -11.48
C GLY A 45 -4.79 -4.55 -11.74
N ASP A 46 -4.57 -3.83 -10.65
CA ASP A 46 -4.30 -2.40 -10.75
C ASP A 46 -3.29 -1.99 -9.68
N ILE A 47 -2.02 -2.18 -10.01
CA ILE A 47 -0.95 -1.83 -9.10
C ILE A 47 -0.83 -0.32 -9.00
N SER A 48 -1.15 0.35 -10.10
CA SER A 48 -1.09 1.79 -10.15
C SER A 48 -2.05 2.40 -9.12
N GLU A 49 -3.07 1.62 -8.78
CA GLU A 49 -4.05 2.06 -7.81
C GLU A 49 -3.38 2.40 -6.49
N ALA A 50 -2.22 1.80 -6.27
CA ALA A 50 -1.47 2.03 -5.05
C ALA A 50 -1.05 3.50 -4.99
N GLU A 51 -0.46 3.95 -6.08
CA GLU A 51 0.00 5.34 -6.16
C GLU A 51 -1.20 6.29 -6.23
N GLU A 52 -2.22 5.84 -6.95
CA GLU A 52 -3.42 6.64 -7.11
C GLU A 52 -4.06 6.92 -5.74
N LEU A 53 -4.40 5.84 -5.05
CA LEU A 53 -5.01 5.95 -3.74
C LEU A 53 -4.07 6.73 -2.81
N ALA A 54 -2.78 6.46 -2.97
CA ALA A 54 -1.77 7.12 -2.16
C ALA A 54 -1.76 8.62 -2.48
N ARG A 55 -2.02 8.92 -3.74
CA ARG A 55 -2.03 10.30 -4.19
C ARG A 55 -3.19 11.06 -3.53
N GLU A 56 -4.34 10.41 -3.49
CA GLU A 56 -5.52 11.00 -2.89
C GLU A 56 -5.37 11.05 -1.37
N LYS A 57 -5.12 9.88 -0.80
CA LYS A 57 -4.95 9.78 0.65
C LYS A 57 -3.91 10.78 1.11
N PHE A 58 -2.75 10.73 0.46
CA PHE A 58 -1.67 11.64 0.81
C PHE A 58 -2.03 13.08 0.47
N GLU A 59 -2.85 13.23 -0.56
CA GLU A 59 -3.27 14.55 -0.99
C GLU A 59 -4.18 15.19 0.07
N LYS A 60 -4.87 14.33 0.79
CA LYS A 60 -5.77 14.79 1.84
C LYS A 60 -5.06 14.69 3.19
N GLY A 61 -3.80 14.30 3.14
CA GLY A 61 -3.01 14.16 4.36
C GLY A 61 -1.55 14.54 4.09
N GLU A 62 -1.28 15.84 4.17
CA GLU A 62 0.06 16.34 3.95
C GLU A 62 1.04 15.70 4.94
N VAL A 63 2.30 15.70 4.56
CA VAL A 63 3.34 15.12 5.39
C VAL A 63 4.70 15.71 5.00
N SER A 64 5.69 15.43 5.84
CA SER A 64 7.03 15.92 5.58
C SER A 64 7.60 15.27 4.32
N ASN A 65 6.88 14.28 3.83
CA ASN A 65 7.30 13.57 2.63
C ASN A 65 6.77 14.30 1.39
N PHE A 66 5.85 15.23 1.65
CA PHE A 66 5.26 16.00 0.57
C PHE A 66 6.34 16.65 -0.30
N ASP A 67 7.53 16.74 0.27
CA ASP A 67 8.65 17.34 -0.43
C ASP A 67 8.62 16.91 -1.91
N ASP A 68 8.09 15.72 -2.12
CA ASP A 68 7.99 15.17 -3.46
C ASP A 68 6.82 14.20 -3.54
N VAL A 69 5.72 14.68 -4.09
CA VAL A 69 4.52 13.86 -4.22
C VAL A 69 4.83 12.67 -5.13
N GLU A 70 5.22 12.99 -6.35
CA GLU A 70 5.54 11.95 -7.33
C GLU A 70 6.49 10.92 -6.71
N GLU A 71 7.45 11.41 -5.96
CA GLU A 71 8.42 10.55 -5.31
C GLU A 71 7.73 9.73 -4.21
N LEU A 72 6.85 10.38 -3.48
CA LEU A 72 6.13 9.73 -2.41
C LEU A 72 5.30 8.57 -2.98
N VAL A 73 4.49 8.90 -3.98
CA VAL A 73 3.65 7.90 -4.62
C VAL A 73 4.53 6.76 -5.14
N LYS A 74 5.67 7.14 -5.69
CA LYS A 74 6.61 6.16 -6.22
C LYS A 74 7.00 5.19 -5.11
N LYS A 75 7.25 5.75 -3.95
CA LYS A 75 7.64 4.94 -2.80
C LYS A 75 6.46 4.08 -2.35
N VAL A 76 5.27 4.59 -2.60
CA VAL A 76 4.06 3.88 -2.24
C VAL A 76 3.93 2.63 -3.10
N VAL A 77 3.92 2.83 -4.41
CA VAL A 77 3.81 1.72 -5.34
C VAL A 77 4.99 0.76 -5.14
N ALA A 78 6.13 1.35 -4.79
CA ALA A 78 7.33 0.56 -4.56
C ALA A 78 7.09 -0.42 -3.41
N VAL A 79 6.53 0.11 -2.32
CA VAL A 79 6.24 -0.70 -1.16
C VAL A 79 5.23 -1.78 -1.54
N CYS A 80 4.22 -1.36 -2.29
CA CYS A 80 3.17 -2.27 -2.72
C CYS A 80 3.84 -3.48 -3.38
N GLU A 81 4.75 -3.19 -4.30
CA GLU A 81 5.46 -4.24 -5.01
C GLU A 81 6.48 -4.90 -4.09
N GLU A 82 6.96 -4.12 -3.13
CA GLU A 82 7.94 -4.62 -2.18
C GLU A 82 7.31 -5.65 -1.26
N LEU A 83 5.98 -5.60 -1.18
CA LEU A 83 5.25 -6.52 -0.34
C LEU A 83 5.03 -7.84 -1.09
N GLY A 84 5.20 -7.76 -2.41
CA GLY A 84 5.03 -8.92 -3.25
C GLY A 84 3.94 -9.85 -2.70
N ALA A 85 2.89 -9.23 -2.20
CA ALA A 85 1.78 -9.98 -1.63
C ALA A 85 0.54 -9.78 -2.51
N GLU A 86 -0.12 -10.89 -2.82
CA GLU A 86 -1.32 -10.85 -3.65
C GLU A 86 -2.38 -11.81 -3.09
N GLU A 87 -2.28 -12.07 -1.79
CA GLU A 87 -3.21 -12.96 -1.13
C GLU A 87 -2.60 -13.50 0.16
N CYS A 88 -3.49 -14.01 1.01
CA CYS A 88 -3.05 -14.56 2.29
C CYS A 88 -3.13 -16.09 2.21
N PHE A 89 -2.06 -16.69 1.69
CA PHE A 89 -2.00 -18.12 1.55
C PHE A 89 -2.26 -18.82 2.89
N SER A 90 -1.92 -18.11 3.96
CA SER A 90 -2.11 -18.65 5.30
C SER A 90 -3.58 -18.98 5.53
N CYS A 91 -4.42 -18.44 4.64
CA CYS A 91 -5.84 -18.68 4.74
C CYS A 91 -6.10 -20.18 4.74
N ASP A 92 -5.34 -20.87 3.89
CA ASP A 92 -5.46 -22.31 3.79
C ASP A 92 -4.56 -22.98 4.83
N PHE A 93 -3.70 -22.17 5.44
CA PHE A 93 -2.79 -22.66 6.45
C PHE A 93 -3.45 -22.70 7.83
N ASP A 94 -3.40 -23.87 8.44
CA ASP A 94 -3.99 -24.05 9.76
C ASP A 94 -2.87 -24.14 10.79
ZN ZN B . -5.86 -15.33 5.98
N SER A 18 4.50 3.24 12.35
CA SER A 18 3.63 3.79 11.32
C SER A 18 4.40 4.79 10.45
N GLU A 19 4.55 4.45 9.18
CA GLU A 19 5.26 5.32 8.26
C GLU A 19 4.28 5.97 7.28
N ALA A 20 4.73 7.06 6.68
CA ALA A 20 3.90 7.78 5.73
C ALA A 20 3.66 6.90 4.49
N VAL A 21 4.63 6.06 4.21
CA VAL A 21 4.54 5.16 3.07
C VAL A 21 3.62 3.99 3.42
N TYR A 22 3.85 3.44 4.61
CA TYR A 22 3.05 2.32 5.07
C TYR A 22 1.59 2.74 5.30
N ILE A 23 1.43 3.99 5.70
CA ILE A 23 0.10 4.52 5.96
C ILE A 23 -0.56 4.86 4.62
N ALA A 24 0.21 5.49 3.74
CA ALA A 24 -0.30 5.87 2.44
C ALA A 24 -0.61 4.61 1.63
N ILE A 25 0.21 3.58 1.84
CA ILE A 25 0.04 2.33 1.13
C ILE A 25 -1.03 1.49 1.85
N GLU A 26 -1.15 1.75 3.15
CA GLU A 26 -2.12 1.02 3.96
C GLU A 26 -3.38 1.87 4.16
N ALA A 27 -3.39 3.02 3.50
CA ALA A 27 -4.53 3.93 3.60
C ALA A 27 -5.66 3.41 2.72
N GLY A 28 -5.41 2.27 2.09
CA GLY A 28 -6.40 1.66 1.23
C GLY A 28 -5.76 1.12 -0.05
N THR A 29 -4.49 1.45 -0.22
CA THR A 29 -3.74 1.00 -1.39
C THR A 29 -3.75 -0.53 -1.46
N LEU A 30 -3.43 -1.14 -0.34
CA LEU A 30 -3.39 -2.60 -0.26
C LEU A 30 -4.08 -3.06 1.03
N ALA A 31 -4.25 -4.36 1.14
CA ALA A 31 -4.89 -4.94 2.32
C ALA A 31 -4.01 -6.07 2.85
N GLU A 32 -4.16 -6.32 4.15
CA GLU A 32 -3.40 -7.37 4.80
C GLU A 32 -4.23 -8.04 5.89
N CYS A 33 -3.97 -9.33 6.09
CA CYS A 33 -4.69 -10.09 7.09
C CYS A 33 -4.05 -9.81 8.45
N GLU A 34 -4.90 -9.65 9.45
CA GLU A 34 -4.44 -9.38 10.80
C GLU A 34 -4.50 -10.66 11.65
N VAL A 35 -4.56 -11.79 10.95
CA VAL A 35 -4.62 -13.08 11.63
C VAL A 35 -3.27 -13.78 11.50
N HIS A 36 -2.63 -13.56 10.37
CA HIS A 36 -1.32 -14.16 10.11
C HIS A 36 -0.39 -13.12 9.49
N GLU A 37 0.47 -12.58 10.33
CA GLU A 37 1.42 -11.57 9.89
C GLU A 37 2.32 -12.14 8.79
N GLY A 38 2.57 -11.32 7.79
CA GLY A 38 3.42 -11.74 6.68
C GLY A 38 2.59 -11.90 5.39
N THR A 39 1.34 -12.29 5.57
CA THR A 39 0.45 -12.49 4.45
C THR A 39 -0.23 -11.17 4.08
N TYR A 40 0.07 -10.71 2.87
CA TYR A 40 -0.51 -9.46 2.39
C TYR A 40 -1.05 -9.63 0.97
N PHE A 41 -1.68 -8.57 0.48
CA PHE A 41 -2.25 -8.59 -0.86
C PHE A 41 -2.76 -7.20 -1.26
N SER A 42 -2.09 -6.63 -2.24
CA SER A 42 -2.45 -5.30 -2.72
C SER A 42 -3.51 -5.42 -3.81
N ASP A 43 -4.32 -4.39 -3.93
CA ASP A 43 -5.39 -4.37 -4.92
C ASP A 43 -4.86 -4.95 -6.22
N SER A 44 -5.14 -6.24 -6.42
CA SER A 44 -4.71 -6.93 -7.62
C SER A 44 -5.52 -6.46 -8.82
N GLY A 45 -4.83 -6.28 -9.93
CA GLY A 45 -5.48 -5.83 -11.16
C GLY A 45 -5.10 -4.38 -11.49
N ASP A 46 -4.79 -3.64 -10.44
CA ASP A 46 -4.41 -2.25 -10.61
C ASP A 46 -3.35 -1.88 -9.55
N ILE A 47 -2.11 -2.19 -9.88
CA ILE A 47 -1.00 -1.90 -8.99
C ILE A 47 -0.77 -0.39 -8.93
N SER A 48 -0.98 0.25 -10.07
CA SER A 48 -0.82 1.68 -10.16
C SER A 48 -1.87 2.40 -9.32
N GLU A 49 -2.99 1.72 -9.14
CA GLU A 49 -4.09 2.27 -8.36
C GLU A 49 -3.63 2.56 -6.93
N ALA A 50 -2.62 1.83 -6.51
CA ALA A 50 -2.08 1.99 -5.17
C ALA A 50 -1.46 3.39 -5.05
N GLU A 51 -0.62 3.72 -6.01
CA GLU A 51 0.04 5.02 -6.02
C GLU A 51 -0.98 6.12 -6.27
N GLU A 52 -1.95 5.82 -7.12
CA GLU A 52 -2.98 6.78 -7.46
C GLU A 52 -3.81 7.12 -6.22
N LEU A 53 -4.43 6.09 -5.66
CA LEU A 53 -5.24 6.27 -4.48
C LEU A 53 -4.38 6.81 -3.33
N ALA A 54 -3.10 6.48 -3.40
CA ALA A 54 -2.16 6.92 -2.39
C ALA A 54 -1.96 8.44 -2.50
N ARG A 55 -1.97 8.90 -3.74
CA ARG A 55 -1.78 10.33 -4.01
C ARG A 55 -3.00 11.11 -3.52
N GLU A 56 -4.17 10.53 -3.76
CA GLU A 56 -5.42 11.16 -3.36
C GLU A 56 -5.58 11.10 -1.84
N LYS A 57 -5.53 9.88 -1.32
CA LYS A 57 -5.67 9.67 0.10
C LYS A 57 -4.66 10.55 0.86
N PHE A 58 -3.41 10.44 0.43
CA PHE A 58 -2.35 11.22 1.04
C PHE A 58 -2.57 12.72 0.83
N GLU A 59 -3.05 13.04 -0.36
CA GLU A 59 -3.31 14.44 -0.71
C GLU A 59 -4.58 14.93 0.00
N LYS A 60 -5.29 13.98 0.60
CA LYS A 60 -6.52 14.30 1.30
C LYS A 60 -6.17 14.92 2.66
N GLY A 61 -4.88 15.05 2.91
CA GLY A 61 -4.42 15.62 4.16
C GLY A 61 -3.39 14.72 4.82
N GLU A 62 -2.24 14.60 4.17
CA GLU A 62 -1.16 13.77 4.69
C GLU A 62 0.13 14.57 4.77
N VAL A 63 1.10 14.00 5.48
CA VAL A 63 2.38 14.65 5.66
C VAL A 63 2.74 15.42 4.38
N SER A 64 3.30 16.60 4.57
CA SER A 64 3.69 17.44 3.46
C SER A 64 5.16 17.87 3.60
N ASN A 65 5.84 17.21 4.53
CA ASN A 65 7.24 17.51 4.77
C ASN A 65 8.11 16.42 4.14
N PHE A 66 7.44 15.47 3.50
CA PHE A 66 8.14 14.38 2.85
C PHE A 66 8.51 14.73 1.41
N ASP A 67 9.14 13.79 0.74
CA ASP A 67 9.56 13.99 -0.64
C ASP A 67 8.36 14.46 -1.46
N ASP A 68 8.62 14.73 -2.74
CA ASP A 68 7.57 15.19 -3.63
C ASP A 68 6.45 14.15 -3.67
N VAL A 69 5.26 14.63 -4.03
CA VAL A 69 4.10 13.75 -4.11
C VAL A 69 4.40 12.60 -5.06
N GLU A 70 5.13 12.93 -6.11
CA GLU A 70 5.48 11.93 -7.12
C GLU A 70 6.45 10.91 -6.51
N GLU A 71 7.30 11.39 -5.63
CA GLU A 71 8.28 10.53 -4.97
C GLU A 71 7.59 9.62 -3.96
N LEU A 72 6.51 10.15 -3.38
CA LEU A 72 5.76 9.40 -2.39
C LEU A 72 4.92 8.33 -3.10
N VAL A 73 4.14 8.77 -4.06
CA VAL A 73 3.29 7.87 -4.83
C VAL A 73 4.13 6.70 -5.33
N LYS A 74 5.27 7.04 -5.93
CA LYS A 74 6.17 6.02 -6.45
C LYS A 74 6.65 5.13 -5.31
N LYS A 75 6.89 5.75 -4.17
CA LYS A 75 7.35 5.02 -3.01
C LYS A 75 6.20 4.15 -2.47
N VAL A 76 4.99 4.61 -2.72
CA VAL A 76 3.81 3.88 -2.27
C VAL A 76 3.72 2.55 -3.03
N VAL A 77 3.67 2.68 -4.35
CA VAL A 77 3.57 1.51 -5.21
C VAL A 77 4.80 0.63 -4.99
N ALA A 78 5.93 1.28 -4.74
CA ALA A 78 7.17 0.57 -4.51
C ALA A 78 7.00 -0.40 -3.35
N VAL A 79 6.56 0.15 -2.22
CA VAL A 79 6.35 -0.66 -1.03
C VAL A 79 5.39 -1.81 -1.35
N CYS A 80 4.29 -1.44 -2.01
CA CYS A 80 3.29 -2.44 -2.39
C CYS A 80 3.98 -3.57 -3.14
N GLU A 81 4.92 -3.18 -4.00
CA GLU A 81 5.67 -4.15 -4.78
C GLU A 81 6.70 -4.86 -3.90
N GLU A 82 7.19 -4.13 -2.91
CA GLU A 82 8.18 -4.68 -1.99
C GLU A 82 7.54 -5.74 -1.10
N LEU A 83 6.22 -5.66 -0.99
CA LEU A 83 5.48 -6.62 -0.18
C LEU A 83 5.21 -7.89 -1.00
N GLY A 84 5.34 -7.74 -2.31
CA GLY A 84 5.11 -8.86 -3.21
C GLY A 84 4.03 -9.79 -2.66
N ALA A 85 2.88 -9.20 -2.35
CA ALA A 85 1.76 -9.96 -1.82
C ALA A 85 0.49 -9.61 -2.60
N GLU A 86 -0.25 -10.65 -2.96
CA GLU A 86 -1.49 -10.46 -3.69
C GLU A 86 -2.56 -11.44 -3.21
N GLU A 87 -2.37 -11.91 -1.98
CA GLU A 87 -3.31 -12.84 -1.39
C GLU A 87 -2.63 -13.62 -0.25
N CYS A 88 -3.43 -13.98 0.73
CA CYS A 88 -2.93 -14.73 1.87
C CYS A 88 -3.41 -16.17 1.76
N PHE A 89 -2.46 -17.07 1.52
CA PHE A 89 -2.78 -18.47 1.38
C PHE A 89 -3.23 -19.07 2.72
N SER A 90 -2.97 -18.32 3.77
CA SER A 90 -3.35 -18.75 5.11
C SER A 90 -4.85 -19.00 5.18
N CYS A 91 -5.60 -18.01 4.69
CA CYS A 91 -7.04 -18.10 4.70
C CYS A 91 -7.46 -19.30 3.85
N ASP A 92 -6.52 -19.76 3.04
CA ASP A 92 -6.77 -20.90 2.17
C ASP A 92 -6.09 -22.15 2.76
N PHE A 93 -5.27 -21.91 3.77
CA PHE A 93 -4.55 -23.00 4.42
C PHE A 93 -5.45 -23.73 5.41
N ASP A 94 -5.84 -24.93 5.02
CA ASP A 94 -6.70 -25.76 5.86
C ASP A 94 -6.20 -25.70 7.31
ZN ZN B . -5.85 -14.24 5.69
N SER A 18 10.14 5.94 9.28
CA SER A 18 9.96 5.45 7.92
C SER A 18 8.63 4.72 7.79
N GLU A 19 7.62 5.30 8.41
CA GLU A 19 6.28 4.71 8.37
C GLU A 19 5.34 5.57 7.53
N ALA A 20 5.85 6.73 7.13
CA ALA A 20 5.07 7.64 6.32
C ALA A 20 4.51 6.90 5.11
N VAL A 21 5.40 6.21 4.42
CA VAL A 21 5.01 5.45 3.24
C VAL A 21 4.00 4.38 3.64
N TYR A 22 4.38 3.60 4.65
CA TYR A 22 3.51 2.54 5.13
C TYR A 22 2.10 3.06 5.42
N ILE A 23 2.04 4.33 5.79
CA ILE A 23 0.77 4.96 6.10
C ILE A 23 0.02 5.24 4.79
N ALA A 24 0.73 5.88 3.87
CA ALA A 24 0.14 6.21 2.57
C ALA A 24 -0.51 4.97 1.98
N ILE A 25 0.13 3.83 2.21
CA ILE A 25 -0.37 2.56 1.70
C ILE A 25 -1.46 2.05 2.64
N GLU A 26 -1.29 2.36 3.92
CA GLU A 26 -2.26 1.93 4.92
C GLU A 26 -3.55 2.73 4.79
N ALA A 27 -3.47 3.80 4.01
CA ALA A 27 -4.63 4.65 3.79
C ALA A 27 -5.72 3.86 3.07
N GLY A 28 -5.33 2.71 2.54
CA GLY A 28 -6.25 1.85 1.83
C GLY A 28 -5.74 1.55 0.42
N THR A 29 -4.43 1.40 0.32
CA THR A 29 -3.81 1.10 -0.96
C THR A 29 -3.61 -0.41 -1.12
N LEU A 30 -3.36 -1.07 0.01
CA LEU A 30 -3.16 -2.50 0.01
C LEU A 30 -4.21 -3.17 0.90
N ALA A 31 -4.34 -4.48 0.73
CA ALA A 31 -5.30 -5.24 1.51
C ALA A 31 -4.59 -6.41 2.18
N GLU A 32 -4.88 -6.58 3.47
CA GLU A 32 -4.28 -7.65 4.24
C GLU A 32 -5.23 -8.12 5.34
N CYS A 33 -5.13 -9.39 5.66
CA CYS A 33 -5.97 -9.97 6.70
C CYS A 33 -5.35 -9.67 8.05
N GLU A 34 -6.22 -9.33 9.01
CA GLU A 34 -5.76 -9.00 10.35
C GLU A 34 -5.92 -10.23 11.27
N VAL A 35 -6.03 -11.38 10.64
CA VAL A 35 -6.19 -12.62 11.39
C VAL A 35 -4.88 -13.42 11.33
N HIS A 36 -4.21 -13.29 10.20
CA HIS A 36 -2.95 -13.99 10.00
C HIS A 36 -1.91 -13.02 9.41
N GLU A 37 -1.09 -12.47 10.29
CA GLU A 37 -0.06 -11.55 9.87
C GLU A 37 0.98 -12.26 8.99
N GLY A 38 1.49 -11.51 8.03
CA GLY A 38 2.48 -12.06 7.10
C GLY A 38 1.90 -12.23 5.71
N THR A 39 0.59 -12.48 5.67
CA THR A 39 -0.09 -12.67 4.40
C THR A 39 -0.78 -11.37 3.98
N TYR A 40 -0.31 -10.83 2.85
CA TYR A 40 -0.87 -9.60 2.33
C TYR A 40 -1.19 -9.74 0.84
N PHE A 41 -1.77 -8.69 0.29
CA PHE A 41 -2.14 -8.68 -1.11
C PHE A 41 -2.66 -7.30 -1.54
N SER A 42 -1.94 -6.71 -2.49
CA SER A 42 -2.31 -5.40 -2.99
C SER A 42 -3.39 -5.53 -4.06
N ASP A 43 -4.20 -4.48 -4.18
CA ASP A 43 -5.27 -4.47 -5.15
C ASP A 43 -4.80 -5.15 -6.45
N SER A 44 -5.12 -6.43 -6.56
CA SER A 44 -4.73 -7.19 -7.73
C SER A 44 -5.47 -6.67 -8.97
N GLY A 45 -4.71 -6.48 -10.03
CA GLY A 45 -5.28 -5.98 -11.28
C GLY A 45 -4.84 -4.54 -11.55
N ASP A 46 -4.63 -3.81 -10.48
CA ASP A 46 -4.20 -2.42 -10.58
C ASP A 46 -3.31 -2.08 -9.38
N ILE A 47 -2.04 -2.41 -9.52
CA ILE A 47 -1.08 -2.14 -8.47
C ILE A 47 -0.79 -0.64 -8.42
N SER A 48 -0.89 -0.02 -9.59
CA SER A 48 -0.65 1.42 -9.69
C SER A 48 -1.80 2.19 -9.05
N GLU A 49 -2.97 1.55 -9.03
CA GLU A 49 -4.15 2.18 -8.45
C GLU A 49 -3.88 2.57 -6.99
N ALA A 50 -3.02 1.79 -6.35
CA ALA A 50 -2.67 2.05 -4.96
C ALA A 50 -1.84 3.32 -4.87
N GLU A 51 -0.99 3.51 -5.87
CA GLU A 51 -0.14 4.69 -5.92
C GLU A 51 -0.97 5.93 -6.24
N GLU A 52 -1.95 5.74 -7.11
CA GLU A 52 -2.82 6.84 -7.49
C GLU A 52 -3.75 7.22 -6.35
N LEU A 53 -4.54 6.24 -5.91
CA LEU A 53 -5.47 6.45 -4.82
C LEU A 53 -4.71 6.92 -3.58
N ALA A 54 -3.44 6.54 -3.52
CA ALA A 54 -2.60 6.91 -2.40
C ALA A 54 -2.26 8.40 -2.51
N ARG A 55 -1.87 8.81 -3.71
CA ARG A 55 -1.52 10.19 -3.96
C ARG A 55 -2.68 11.11 -3.59
N GLU A 56 -3.88 10.70 -4.01
CA GLU A 56 -5.07 11.48 -3.73
C GLU A 56 -5.50 11.30 -2.27
N LYS A 57 -5.25 10.09 -1.76
CA LYS A 57 -5.60 9.79 -0.39
C LYS A 57 -4.84 10.71 0.56
N PHE A 58 -3.53 10.75 0.37
CA PHE A 58 -2.68 11.59 1.20
C PHE A 58 -2.81 13.06 0.80
N GLU A 59 -2.87 13.28 -0.51
CA GLU A 59 -2.99 14.63 -1.03
C GLU A 59 -4.21 15.33 -0.42
N LYS A 60 -5.29 14.57 -0.30
CA LYS A 60 -6.52 15.10 0.26
C LYS A 60 -6.45 15.00 1.79
N GLY A 61 -5.50 14.22 2.27
CA GLY A 61 -5.32 14.04 3.70
C GLY A 61 -4.11 14.83 4.20
N GLU A 62 -3.14 14.09 4.70
CA GLU A 62 -1.92 14.71 5.22
C GLU A 62 -0.69 14.13 4.52
N VAL A 63 0.43 14.81 4.70
CA VAL A 63 1.68 14.37 4.09
C VAL A 63 2.72 14.14 5.19
N SER A 64 3.12 12.89 5.32
CA SER A 64 4.10 12.52 6.32
C SER A 64 5.52 12.61 5.73
N ASN A 65 6.09 13.80 5.83
CA ASN A 65 7.42 14.04 5.30
C ASN A 65 7.46 13.65 3.82
N PHE A 66 6.56 14.26 3.06
CA PHE A 66 6.48 13.99 1.64
C PHE A 66 7.31 15.00 0.84
N ASP A 67 8.22 14.47 0.03
CA ASP A 67 9.08 15.31 -0.78
C ASP A 67 8.32 15.74 -2.03
N ASP A 68 7.77 14.77 -2.73
CA ASP A 68 7.02 15.05 -3.95
C ASP A 68 5.88 14.02 -4.08
N VAL A 69 4.75 14.52 -4.54
CA VAL A 69 3.58 13.66 -4.71
C VAL A 69 3.99 12.41 -5.49
N GLU A 70 4.79 12.62 -6.52
CA GLU A 70 5.26 11.52 -7.34
C GLU A 70 6.20 10.62 -6.54
N GLU A 71 6.85 11.21 -5.55
CA GLU A 71 7.76 10.47 -4.70
C GLU A 71 6.99 9.56 -3.74
N LEU A 72 5.98 10.15 -3.10
CA LEU A 72 5.16 9.41 -2.16
C LEU A 72 4.50 8.23 -2.89
N VAL A 73 3.81 8.56 -3.97
CA VAL A 73 3.12 7.54 -4.75
C VAL A 73 4.12 6.44 -5.13
N LYS A 74 5.24 6.86 -5.71
CA LYS A 74 6.28 5.93 -6.11
C LYS A 74 6.67 5.05 -4.92
N LYS A 75 6.62 5.66 -3.74
CA LYS A 75 6.96 4.96 -2.52
C LYS A 75 5.85 3.96 -2.18
N VAL A 76 4.64 4.32 -2.57
CA VAL A 76 3.49 3.48 -2.32
C VAL A 76 3.55 2.25 -3.23
N VAL A 77 3.87 2.50 -4.49
CA VAL A 77 3.97 1.43 -5.46
C VAL A 77 5.22 0.60 -5.18
N ALA A 78 6.24 1.26 -4.68
CA ALA A 78 7.49 0.60 -4.36
C ALA A 78 7.25 -0.42 -3.25
N VAL A 79 6.55 0.02 -2.22
CA VAL A 79 6.24 -0.84 -1.10
C VAL A 79 5.26 -1.93 -1.54
N CYS A 80 4.36 -1.54 -2.44
CA CYS A 80 3.37 -2.46 -2.96
C CYS A 80 4.10 -3.67 -3.55
N GLU A 81 5.06 -3.38 -4.41
CA GLU A 81 5.84 -4.43 -5.05
C GLU A 81 6.79 -5.08 -4.04
N GLU A 82 7.37 -4.24 -3.19
CA GLU A 82 8.29 -4.73 -2.18
C GLU A 82 7.57 -5.67 -1.21
N LEU A 83 6.24 -5.57 -1.21
CA LEU A 83 5.44 -6.40 -0.35
C LEU A 83 5.23 -7.77 -1.00
N GLY A 84 5.55 -7.83 -2.28
CA GLY A 84 5.41 -9.06 -3.04
C GLY A 84 4.24 -9.89 -2.52
N ALA A 85 3.17 -9.18 -2.17
CA ALA A 85 1.97 -9.84 -1.65
C ALA A 85 0.78 -9.50 -2.56
N GLU A 86 0.08 -10.54 -2.99
CA GLU A 86 -1.08 -10.35 -3.85
C GLU A 86 -2.10 -11.47 -3.61
N GLU A 87 -1.96 -12.12 -2.46
CA GLU A 87 -2.85 -13.21 -2.10
C GLU A 87 -2.39 -13.87 -0.79
N CYS A 88 -3.35 -14.11 0.07
CA CYS A 88 -3.07 -14.73 1.36
C CYS A 88 -3.59 -16.16 1.33
N PHE A 89 -2.74 -17.06 0.90
CA PHE A 89 -3.10 -18.47 0.81
C PHE A 89 -3.54 -19.00 2.18
N SER A 90 -3.22 -18.24 3.20
CA SER A 90 -3.56 -18.62 4.57
C SER A 90 -5.08 -18.76 4.70
N CYS A 91 -5.78 -17.93 3.94
CA CYS A 91 -7.24 -17.94 3.96
C CYS A 91 -7.71 -19.30 3.42
N ASP A 92 -6.79 -19.98 2.74
CA ASP A 92 -7.10 -21.29 2.18
C ASP A 92 -6.42 -22.38 3.00
N PHE A 93 -5.78 -21.94 4.08
CA PHE A 93 -5.08 -22.86 4.96
C PHE A 93 -6.06 -23.82 5.63
N ASP A 94 -5.56 -25.01 5.95
CA ASP A 94 -6.37 -26.03 6.60
C ASP A 94 -6.43 -25.75 8.10
ZN ZN B . -6.47 -13.88 4.56
N SER A 18 9.95 6.57 6.88
CA SER A 18 8.86 6.95 7.75
C SER A 18 7.65 6.04 7.49
N GLU A 19 6.64 6.19 8.35
CA GLU A 19 5.44 5.38 8.22
C GLU A 19 4.41 6.10 7.34
N ALA A 20 4.77 7.31 6.93
CA ALA A 20 3.91 8.11 6.09
C ALA A 20 3.53 7.30 4.84
N VAL A 21 4.56 6.78 4.19
CA VAL A 21 4.36 6.00 2.98
C VAL A 21 3.40 4.84 3.28
N TYR A 22 3.78 4.05 4.28
CA TYR A 22 2.96 2.92 4.68
C TYR A 22 1.50 3.34 4.87
N ILE A 23 1.32 4.55 5.38
CA ILE A 23 -0.01 5.06 5.61
C ILE A 23 -0.74 5.22 4.27
N ALA A 24 -0.08 5.90 3.35
CA ALA A 24 -0.64 6.12 2.03
C ALA A 24 -1.04 4.77 1.42
N ILE A 25 -0.08 3.86 1.39
CA ILE A 25 -0.32 2.55 0.83
C ILE A 25 -1.31 1.79 1.72
N GLU A 26 -1.45 2.28 2.95
CA GLU A 26 -2.36 1.67 3.91
C GLU A 26 -3.67 2.45 3.96
N ALA A 27 -3.74 3.50 3.15
CA ALA A 27 -4.93 4.33 3.09
C ALA A 27 -6.05 3.55 2.41
N GLY A 28 -5.71 2.36 1.95
CA GLY A 28 -6.68 1.51 1.27
C GLY A 28 -6.11 0.96 -0.04
N THR A 29 -4.88 1.35 -0.33
CA THR A 29 -4.22 0.92 -1.55
C THR A 29 -4.17 -0.61 -1.61
N LEU A 30 -3.81 -1.20 -0.49
CA LEU A 30 -3.73 -2.65 -0.40
C LEU A 30 -4.28 -3.11 0.95
N ALA A 31 -4.36 -4.43 1.10
CA ALA A 31 -4.87 -5.01 2.33
C ALA A 31 -4.02 -6.22 2.70
N GLU A 32 -4.17 -6.66 3.95
CA GLU A 32 -3.43 -7.81 4.43
C GLU A 32 -4.10 -8.38 5.69
N CYS A 33 -4.02 -9.70 5.82
CA CYS A 33 -4.60 -10.38 6.97
C CYS A 33 -3.96 -9.83 8.24
N GLU A 34 -4.79 -9.26 9.10
CA GLU A 34 -4.31 -8.70 10.35
C GLU A 34 -3.95 -9.81 11.33
N VAL A 35 -4.16 -11.04 10.88
CA VAL A 35 -3.86 -12.19 11.71
C VAL A 35 -2.59 -12.88 11.18
N HIS A 36 -2.37 -12.71 9.89
CA HIS A 36 -1.20 -13.31 9.25
C HIS A 36 -0.11 -12.25 9.08
N GLU A 37 0.77 -12.17 10.07
CA GLU A 37 1.86 -11.21 10.05
C GLU A 37 2.86 -11.58 8.96
N GLY A 38 3.04 -10.67 8.01
CA GLY A 38 3.96 -10.87 6.92
C GLY A 38 3.21 -11.10 5.61
N THR A 39 2.03 -11.70 5.73
CA THR A 39 1.21 -11.98 4.57
C THR A 39 0.39 -10.74 4.18
N TYR A 40 0.44 -10.41 2.91
CA TYR A 40 -0.29 -9.26 2.41
C TYR A 40 -0.88 -9.53 1.02
N PHE A 41 -1.60 -8.55 0.50
CA PHE A 41 -2.21 -8.67 -0.81
C PHE A 41 -2.72 -7.32 -1.31
N SER A 42 -2.09 -6.83 -2.36
CA SER A 42 -2.49 -5.56 -2.94
C SER A 42 -3.50 -5.78 -4.06
N ASP A 43 -4.39 -4.81 -4.20
CA ASP A 43 -5.42 -4.89 -5.23
C ASP A 43 -4.79 -5.38 -6.53
N SER A 44 -4.93 -6.69 -6.76
CA SER A 44 -4.38 -7.30 -7.96
C SER A 44 -5.20 -6.87 -9.18
N GLY A 45 -4.48 -6.58 -10.27
CA GLY A 45 -5.13 -6.17 -11.50
C GLY A 45 -4.86 -4.69 -11.79
N ASP A 46 -4.64 -3.94 -10.72
CA ASP A 46 -4.37 -2.53 -10.84
C ASP A 46 -3.36 -2.11 -9.76
N ILE A 47 -2.09 -2.32 -10.08
CA ILE A 47 -1.02 -1.97 -9.16
C ILE A 47 -0.88 -0.45 -9.10
N SER A 48 -1.26 0.20 -10.20
CA SER A 48 -1.18 1.65 -10.29
C SER A 48 -2.17 2.28 -9.31
N GLU A 49 -3.21 1.53 -9.00
CA GLU A 49 -4.23 2.00 -8.09
C GLU A 49 -3.61 2.36 -6.73
N ALA A 50 -2.52 1.67 -6.43
CA ALA A 50 -1.81 1.90 -5.18
C ALA A 50 -1.34 3.35 -5.12
N GLU A 51 -0.76 3.80 -6.22
CA GLU A 51 -0.26 5.17 -6.30
C GLU A 51 -1.43 6.16 -6.30
N GLU A 52 -2.45 5.83 -7.08
CA GLU A 52 -3.63 6.68 -7.18
C GLU A 52 -4.22 6.92 -5.79
N LEU A 53 -4.58 5.82 -5.14
CA LEU A 53 -5.16 5.90 -3.81
C LEU A 53 -4.17 6.58 -2.87
N ALA A 54 -2.89 6.31 -3.11
CA ALA A 54 -1.84 6.89 -2.29
C ALA A 54 -1.88 8.41 -2.41
N ARG A 55 -2.04 8.87 -3.64
CA ARG A 55 -2.10 10.29 -3.92
C ARG A 55 -3.40 10.89 -3.35
N GLU A 56 -4.42 10.05 -3.28
CA GLU A 56 -5.70 10.48 -2.77
C GLU A 56 -5.61 10.78 -1.27
N LYS A 57 -5.11 9.80 -0.53
CA LYS A 57 -4.96 9.95 0.90
C LYS A 57 -3.83 10.93 1.19
N PHE A 58 -2.79 10.85 0.37
CA PHE A 58 -1.64 11.72 0.53
C PHE A 58 -2.03 13.19 0.36
N GLU A 59 -2.71 13.46 -0.75
CA GLU A 59 -3.15 14.81 -1.05
C GLU A 59 -4.18 15.27 -0.02
N LYS A 60 -5.07 14.36 0.34
CA LYS A 60 -6.11 14.65 1.30
C LYS A 60 -5.54 14.51 2.71
N GLY A 61 -4.25 14.23 2.77
CA GLY A 61 -3.57 14.07 4.04
C GLY A 61 -2.05 14.16 3.88
N GLU A 62 -1.57 15.40 3.82
CA GLU A 62 -0.15 15.65 3.66
C GLU A 62 0.64 14.92 4.75
N VAL A 63 1.70 14.26 4.33
CA VAL A 63 2.54 13.52 5.25
C VAL A 63 3.40 14.51 6.04
N SER A 64 3.87 14.05 7.20
CA SER A 64 4.70 14.87 8.05
C SER A 64 6.07 15.11 7.39
N ASN A 65 6.59 14.05 6.79
CA ASN A 65 7.87 14.13 6.12
C ASN A 65 7.81 15.19 5.01
N PHE A 66 6.58 15.49 4.60
CA PHE A 66 6.36 16.48 3.56
C PHE A 66 7.17 16.14 2.31
N ASP A 67 7.35 14.85 2.08
CA ASP A 67 8.11 14.38 0.93
C ASP A 67 7.35 14.74 -0.35
N ASP A 68 8.03 14.56 -1.47
CA ASP A 68 7.44 14.85 -2.76
C ASP A 68 6.30 13.87 -3.03
N VAL A 69 5.23 14.40 -3.62
CA VAL A 69 4.07 13.58 -3.93
C VAL A 69 4.50 12.43 -4.84
N GLU A 70 5.16 12.79 -5.93
CA GLU A 70 5.63 11.81 -6.89
C GLU A 70 6.56 10.80 -6.21
N GLU A 71 7.30 11.30 -5.23
CA GLU A 71 8.23 10.47 -4.50
C GLU A 71 7.47 9.51 -3.58
N LEU A 72 6.40 10.02 -2.99
CA LEU A 72 5.58 9.22 -2.10
C LEU A 72 4.88 8.13 -2.89
N VAL A 73 4.18 8.55 -3.93
CA VAL A 73 3.46 7.61 -4.78
C VAL A 73 4.42 6.54 -5.28
N LYS A 74 5.61 6.97 -5.66
CA LYS A 74 6.63 6.06 -6.16
C LYS A 74 7.02 5.09 -5.04
N LYS A 75 7.07 5.62 -3.83
CA LYS A 75 7.42 4.81 -2.68
C LYS A 75 6.24 3.92 -2.30
N VAL A 76 5.05 4.37 -2.68
CA VAL A 76 3.84 3.63 -2.39
C VAL A 76 3.84 2.34 -3.21
N VAL A 77 3.93 2.50 -4.52
CA VAL A 77 3.93 1.36 -5.42
C VAL A 77 5.17 0.50 -5.13
N ALA A 78 6.27 1.18 -4.84
CA ALA A 78 7.51 0.48 -4.55
C ALA A 78 7.28 -0.53 -3.43
N VAL A 79 6.73 -0.03 -2.33
CA VAL A 79 6.45 -0.88 -1.19
C VAL A 79 5.41 -1.95 -1.58
N CYS A 80 4.42 -1.50 -2.35
CA CYS A 80 3.37 -2.40 -2.81
C CYS A 80 4.03 -3.63 -3.44
N GLU A 81 4.95 -3.35 -4.36
CA GLU A 81 5.65 -4.42 -5.04
C GLU A 81 6.68 -5.07 -4.11
N GLU A 82 7.17 -4.27 -3.18
CA GLU A 82 8.14 -4.76 -2.22
C GLU A 82 7.51 -5.78 -1.27
N LEU A 83 6.18 -5.73 -1.20
CA LEU A 83 5.45 -6.63 -0.35
C LEU A 83 5.24 -7.96 -1.07
N GLY A 84 5.42 -7.92 -2.38
CA GLY A 84 5.26 -9.11 -3.20
C GLY A 84 4.18 -10.02 -2.63
N ALA A 85 3.02 -9.42 -2.36
CA ALA A 85 1.90 -10.18 -1.81
C ALA A 85 0.62 -9.73 -2.51
N GLU A 86 -0.14 -10.72 -2.97
CA GLU A 86 -1.40 -10.45 -3.64
C GLU A 86 -2.49 -11.38 -3.13
N GLU A 87 -2.34 -11.78 -1.88
CA GLU A 87 -3.31 -12.67 -1.25
C GLU A 87 -2.69 -13.34 -0.02
N CYS A 88 -3.58 -13.81 0.85
CA CYS A 88 -3.14 -14.47 2.07
C CYS A 88 -3.06 -15.97 1.81
N PHE A 89 -1.98 -16.37 1.16
CA PHE A 89 -1.78 -17.78 0.84
C PHE A 89 -2.22 -18.68 2.00
N SER A 90 -1.75 -18.32 3.18
CA SER A 90 -2.09 -19.08 4.38
C SER A 90 -3.60 -19.29 4.46
N CYS A 91 -4.33 -18.24 4.13
CA CYS A 91 -5.78 -18.30 4.16
C CYS A 91 -6.24 -19.36 3.16
N ASP A 92 -5.45 -19.52 2.11
CA ASP A 92 -5.76 -20.51 1.08
C ASP A 92 -5.03 -21.81 1.40
N PHE A 93 -4.15 -21.75 2.38
CA PHE A 93 -3.39 -22.91 2.80
C PHE A 93 -4.16 -23.73 3.84
N ASP A 94 -4.71 -24.85 3.37
CA ASP A 94 -5.46 -25.73 4.25
C ASP A 94 -4.60 -26.11 5.45
ZN ZN B . -5.31 -14.82 6.42
N SER A 18 4.32 3.51 12.94
CA SER A 18 3.90 3.60 11.55
C SER A 18 4.69 4.71 10.84
N GLU A 19 4.99 4.45 9.58
CA GLU A 19 5.74 5.42 8.78
C GLU A 19 4.82 6.07 7.74
N ALA A 20 5.25 7.24 7.28
CA ALA A 20 4.47 7.97 6.29
C ALA A 20 4.18 7.07 5.10
N VAL A 21 5.24 6.45 4.58
CA VAL A 21 5.11 5.55 3.45
C VAL A 21 4.06 4.49 3.76
N TYR A 22 4.29 3.78 4.87
CA TYR A 22 3.38 2.74 5.29
C TYR A 22 1.97 3.29 5.47
N ILE A 23 1.89 4.57 5.78
CA ILE A 23 0.61 5.23 5.97
C ILE A 23 -0.10 5.35 4.61
N ALA A 24 0.68 5.67 3.60
CA ALA A 24 0.15 5.83 2.26
C ALA A 24 -0.27 4.46 1.72
N ILE A 25 0.63 3.50 1.87
CA ILE A 25 0.37 2.15 1.41
C ILE A 25 -0.75 1.53 2.25
N GLU A 26 -0.91 2.06 3.44
CA GLU A 26 -1.94 1.57 4.35
C GLU A 26 -3.17 2.47 4.29
N ALA A 27 -3.00 3.61 3.65
CA ALA A 27 -4.09 4.56 3.51
C ALA A 27 -5.32 3.83 2.94
N GLY A 28 -5.05 2.77 2.21
CA GLY A 28 -6.12 1.99 1.60
C GLY A 28 -5.79 1.64 0.15
N THR A 29 -4.52 1.31 -0.08
CA THR A 29 -4.07 0.95 -1.41
C THR A 29 -4.08 -0.57 -1.58
N LEU A 30 -3.57 -1.26 -0.57
CA LEU A 30 -3.52 -2.71 -0.60
C LEU A 30 -4.28 -3.27 0.61
N ALA A 31 -4.41 -4.58 0.63
CA ALA A 31 -5.10 -5.25 1.71
C ALA A 31 -4.29 -6.47 2.15
N GLU A 32 -4.50 -6.86 3.41
CA GLU A 32 -3.81 -8.01 3.96
C GLU A 32 -4.65 -8.68 5.04
N CYS A 33 -4.60 -10.00 5.05
CA CYS A 33 -5.36 -10.77 6.03
C CYS A 33 -4.96 -10.30 7.43
N GLU A 34 -5.94 -9.79 8.15
CA GLU A 34 -5.71 -9.31 9.50
C GLU A 34 -5.68 -10.47 10.49
N VAL A 35 -5.85 -11.66 9.94
CA VAL A 35 -5.84 -12.87 10.76
C VAL A 35 -4.55 -13.64 10.52
N HIS A 36 -3.85 -13.24 9.47
CA HIS A 36 -2.59 -13.89 9.12
C HIS A 36 -1.49 -12.83 8.99
N GLU A 37 -0.80 -12.62 10.10
CA GLU A 37 0.28 -11.64 10.13
C GLU A 37 1.42 -12.09 9.22
N GLY A 38 1.81 -11.18 8.33
CA GLY A 38 2.88 -11.47 7.39
C GLY A 38 2.34 -11.60 5.96
N THR A 39 1.12 -12.09 5.87
CA THR A 39 0.49 -12.27 4.58
C THR A 39 -0.17 -10.97 4.12
N TYR A 40 0.04 -10.64 2.85
CA TYR A 40 -0.53 -9.43 2.28
C TYR A 40 -1.00 -9.67 0.84
N PHE A 41 -1.62 -8.63 0.28
CA PHE A 41 -2.12 -8.73 -1.08
C PHE A 41 -2.67 -7.37 -1.55
N SER A 42 -1.97 -6.78 -2.51
CA SER A 42 -2.38 -5.50 -3.04
C SER A 42 -3.40 -5.69 -4.16
N ASP A 43 -4.25 -4.70 -4.32
CA ASP A 43 -5.29 -4.75 -5.35
C ASP A 43 -4.69 -5.30 -6.64
N SER A 44 -4.88 -6.60 -6.83
CA SER A 44 -4.37 -7.26 -8.02
C SER A 44 -5.16 -6.82 -9.25
N GLY A 45 -4.44 -6.55 -10.32
CA GLY A 45 -5.06 -6.13 -11.56
C GLY A 45 -4.81 -4.64 -11.83
N ASP A 46 -4.65 -3.90 -10.74
CA ASP A 46 -4.39 -2.47 -10.84
C ASP A 46 -3.50 -2.04 -9.68
N ILE A 47 -2.20 -2.27 -9.87
CA ILE A 47 -1.23 -1.90 -8.84
C ILE A 47 -1.06 -0.38 -8.82
N SER A 48 -1.35 0.23 -9.97
CA SER A 48 -1.23 1.67 -10.09
C SER A 48 -2.36 2.36 -9.33
N GLU A 49 -3.46 1.64 -9.19
CA GLU A 49 -4.61 2.16 -8.49
C GLU A 49 -4.23 2.54 -7.05
N ALA A 50 -3.37 1.72 -6.46
CA ALA A 50 -2.92 1.95 -5.10
C ALA A 50 -2.11 3.25 -5.05
N GLU A 51 -1.43 3.52 -6.16
CA GLU A 51 -0.61 4.72 -6.24
C GLU A 51 -1.50 5.96 -6.36
N GLU A 52 -2.44 5.90 -7.29
CA GLU A 52 -3.36 6.99 -7.51
C GLU A 52 -4.18 7.27 -6.25
N LEU A 53 -4.70 6.19 -5.69
CA LEU A 53 -5.51 6.29 -4.48
C LEU A 53 -4.67 6.93 -3.37
N ALA A 54 -3.45 6.47 -3.26
CA ALA A 54 -2.54 6.99 -2.24
C ALA A 54 -2.19 8.44 -2.57
N ARG A 55 -2.12 8.72 -3.86
CA ARG A 55 -1.80 10.07 -4.31
C ARG A 55 -2.86 11.06 -3.82
N GLU A 56 -4.11 10.64 -3.94
CA GLU A 56 -5.23 11.47 -3.52
C GLU A 56 -5.37 11.43 -1.99
N LYS A 57 -5.05 10.27 -1.43
CA LYS A 57 -5.14 10.09 0.00
C LYS A 57 -4.18 11.07 0.70
N PHE A 58 -2.93 11.01 0.29
CA PHE A 58 -1.91 11.87 0.86
C PHE A 58 -2.09 13.32 0.38
N GLU A 59 -2.49 13.45 -0.87
CA GLU A 59 -2.69 14.76 -1.46
C GLU A 59 -3.76 15.53 -0.67
N LYS A 60 -4.74 14.79 -0.18
CA LYS A 60 -5.82 15.38 0.59
C LYS A 60 -5.35 15.58 2.04
N GLY A 61 -4.14 15.12 2.31
CA GLY A 61 -3.57 15.24 3.63
C GLY A 61 -2.05 15.43 3.57
N GLU A 62 -1.65 16.67 3.37
CA GLU A 62 -0.24 17.01 3.29
C GLU A 62 0.51 16.47 4.51
N VAL A 63 1.81 16.29 4.35
CA VAL A 63 2.64 15.79 5.43
C VAL A 63 3.27 16.97 6.17
N SER A 64 3.11 16.96 7.48
CA SER A 64 3.65 18.02 8.31
C SER A 64 5.14 18.20 8.00
N ASN A 65 5.73 17.16 7.44
CA ASN A 65 7.14 17.21 7.10
C ASN A 65 7.29 17.53 5.60
N PHE A 66 8.28 16.90 5.00
CA PHE A 66 8.54 17.10 3.58
C PHE A 66 8.32 15.81 2.79
N ASP A 67 7.82 15.97 1.57
CA ASP A 67 7.56 14.84 0.70
C ASP A 67 7.17 15.33 -0.69
N ASP A 68 6.92 14.39 -1.57
CA ASP A 68 6.53 14.71 -2.94
C ASP A 68 5.46 13.73 -3.41
N VAL A 69 4.76 14.13 -4.46
CA VAL A 69 3.71 13.29 -5.02
C VAL A 69 4.34 12.05 -5.66
N GLU A 70 5.29 12.30 -6.54
CA GLU A 70 5.98 11.21 -7.23
C GLU A 70 6.69 10.32 -6.22
N GLU A 71 7.13 10.93 -5.12
CA GLU A 71 7.82 10.20 -4.07
C GLU A 71 6.83 9.37 -3.26
N LEU A 72 5.69 9.99 -2.96
CA LEU A 72 4.65 9.31 -2.19
C LEU A 72 4.13 8.12 -2.99
N VAL A 73 3.72 8.39 -4.21
CA VAL A 73 3.20 7.34 -5.07
C VAL A 73 4.29 6.30 -5.33
N LYS A 74 5.52 6.80 -5.47
CA LYS A 74 6.65 5.92 -5.72
C LYS A 74 6.85 5.01 -4.51
N LYS A 75 6.72 5.59 -3.33
CA LYS A 75 6.88 4.84 -2.10
C LYS A 75 5.69 3.91 -1.91
N VAL A 76 4.57 4.30 -2.52
CA VAL A 76 3.36 3.50 -2.43
C VAL A 76 3.52 2.24 -3.27
N VAL A 77 3.82 2.45 -4.55
CA VAL A 77 4.00 1.35 -5.47
C VAL A 77 5.25 0.56 -5.08
N ALA A 78 6.23 1.29 -4.56
CA ALA A 78 7.48 0.67 -4.15
C ALA A 78 7.21 -0.28 -2.99
N VAL A 79 6.54 0.25 -1.97
CA VAL A 79 6.22 -0.54 -0.79
C VAL A 79 5.31 -1.70 -1.20
N CYS A 80 4.27 -1.36 -1.96
CA CYS A 80 3.33 -2.36 -2.42
C CYS A 80 4.10 -3.44 -3.19
N GLU A 81 5.07 -2.98 -3.97
CA GLU A 81 5.88 -3.90 -4.76
C GLU A 81 6.90 -4.61 -3.86
N GLU A 82 7.27 -3.94 -2.79
CA GLU A 82 8.22 -4.51 -1.85
C GLU A 82 7.55 -5.60 -1.01
N LEU A 83 6.24 -5.54 -0.96
CA LEU A 83 5.47 -6.51 -0.20
C LEU A 83 5.24 -7.76 -1.07
N GLY A 84 5.39 -7.56 -2.37
CA GLY A 84 5.20 -8.65 -3.31
C GLY A 84 4.14 -9.63 -2.82
N ALA A 85 3.03 -9.06 -2.35
CA ALA A 85 1.92 -9.87 -1.85
C ALA A 85 0.70 -9.66 -2.74
N GLU A 86 0.03 -10.76 -3.02
CA GLU A 86 -1.16 -10.72 -3.86
C GLU A 86 -2.20 -11.72 -3.37
N GLU A 87 -2.09 -12.06 -2.09
CA GLU A 87 -3.00 -13.02 -1.49
C GLU A 87 -2.42 -13.56 -0.18
N CYS A 88 -3.33 -13.94 0.71
CA CYS A 88 -2.91 -14.47 2.01
C CYS A 88 -2.98 -16.00 1.93
N PHE A 89 -1.87 -16.59 1.51
CA PHE A 89 -1.77 -18.03 1.40
C PHE A 89 -2.11 -18.71 2.73
N SER A 90 -1.83 -17.99 3.81
CA SER A 90 -2.10 -18.50 5.14
C SER A 90 -3.58 -18.87 5.28
N CYS A 91 -4.38 -18.36 4.35
CA CYS A 91 -5.80 -18.62 4.35
C CYS A 91 -6.02 -20.13 4.33
N ASP A 92 -5.19 -20.79 3.53
CA ASP A 92 -5.28 -22.24 3.40
C ASP A 92 -4.43 -22.90 4.49
N PHE A 93 -3.63 -22.07 5.15
CA PHE A 93 -2.76 -22.55 6.21
C PHE A 93 -3.50 -22.60 7.55
N ASP A 94 -3.44 -23.77 8.17
CA ASP A 94 -4.10 -23.96 9.46
C ASP A 94 -3.05 -24.01 10.57
ZN ZN B . -5.90 -15.26 5.56
N SER A 18 5.27 5.05 11.83
CA SER A 18 4.93 4.59 10.49
C SER A 18 5.38 5.63 9.46
N GLU A 19 6.10 5.14 8.46
CA GLU A 19 6.60 6.01 7.41
C GLU A 19 5.43 6.53 6.56
N ALA A 20 5.75 7.46 5.68
CA ALA A 20 4.74 8.04 4.81
C ALA A 20 4.31 7.01 3.77
N VAL A 21 5.26 6.15 3.40
CA VAL A 21 4.99 5.12 2.42
C VAL A 21 4.01 4.10 3.01
N TYR A 22 4.32 3.65 4.22
CA TYR A 22 3.48 2.69 4.90
C TYR A 22 2.08 3.25 5.15
N ILE A 23 2.06 4.51 5.58
CA ILE A 23 0.79 5.18 5.86
C ILE A 23 0.05 5.42 4.54
N ALA A 24 0.82 5.79 3.52
CA ALA A 24 0.24 6.07 2.21
C ALA A 24 -0.30 4.76 1.63
N ILE A 25 0.39 3.68 1.92
CA ILE A 25 -0.01 2.36 1.44
C ILE A 25 -0.95 1.71 2.45
N GLU A 26 -1.02 2.33 3.63
CA GLU A 26 -1.88 1.82 4.69
C GLU A 26 -3.13 2.70 4.81
N ALA A 27 -3.14 3.78 4.06
CA ALA A 27 -4.26 4.70 4.07
C ALA A 27 -5.43 4.09 3.29
N GLY A 28 -5.18 2.91 2.74
CA GLY A 28 -6.19 2.21 1.97
C GLY A 28 -5.69 1.91 0.56
N THR A 29 -4.42 1.55 0.48
CA THR A 29 -3.82 1.23 -0.81
C THR A 29 -3.87 -0.28 -1.07
N LEU A 30 -3.45 -1.03 -0.06
CA LEU A 30 -3.43 -2.48 -0.16
C LEU A 30 -4.31 -3.07 0.95
N ALA A 31 -4.50 -4.38 0.88
CA ALA A 31 -5.30 -5.08 1.86
C ALA A 31 -4.55 -6.32 2.33
N GLU A 32 -4.85 -6.71 3.57
CA GLU A 32 -4.21 -7.88 4.15
C GLU A 32 -5.16 -8.56 5.13
N CYS A 33 -5.14 -9.89 5.11
CA CYS A 33 -5.98 -10.68 5.98
C CYS A 33 -5.68 -10.27 7.43
N GLU A 34 -6.72 -9.78 8.11
CA GLU A 34 -6.58 -9.35 9.49
C GLU A 34 -6.60 -10.56 10.42
N VAL A 35 -6.77 -11.73 9.82
CA VAL A 35 -6.81 -12.97 10.58
C VAL A 35 -5.52 -13.76 10.34
N HIS A 36 -4.74 -13.27 9.38
CA HIS A 36 -3.48 -13.91 9.05
C HIS A 36 -2.36 -12.87 9.03
N GLU A 37 -1.63 -12.81 10.13
CA GLU A 37 -0.53 -11.86 10.24
C GLU A 37 0.64 -12.29 9.37
N GLY A 38 1.04 -11.39 8.48
CA GLY A 38 2.15 -11.67 7.58
C GLY A 38 1.66 -11.79 6.14
N THR A 39 0.40 -12.20 6.01
CA THR A 39 -0.20 -12.37 4.70
C THR A 39 -0.82 -11.05 4.23
N TYR A 40 -0.45 -10.65 3.03
CA TYR A 40 -0.97 -9.42 2.45
C TYR A 40 -1.29 -9.59 0.97
N PHE A 41 -1.85 -8.54 0.39
CA PHE A 41 -2.21 -8.56 -1.02
C PHE A 41 -2.63 -7.18 -1.51
N SER A 42 -1.93 -6.70 -2.52
CA SER A 42 -2.22 -5.40 -3.09
C SER A 42 -3.24 -5.53 -4.21
N ASP A 43 -4.12 -4.53 -4.29
CA ASP A 43 -5.15 -4.53 -5.31
C ASP A 43 -4.56 -5.03 -6.62
N SER A 44 -4.79 -6.31 -6.88
CA SER A 44 -4.29 -6.92 -8.10
C SER A 44 -5.08 -6.41 -9.31
N GLY A 45 -4.35 -6.11 -10.36
CA GLY A 45 -4.96 -5.60 -11.58
C GLY A 45 -4.65 -4.12 -11.78
N ASP A 46 -4.41 -3.44 -10.67
CA ASP A 46 -4.10 -2.02 -10.71
C ASP A 46 -3.08 -1.69 -9.62
N ILE A 47 -1.82 -1.93 -9.93
CA ILE A 47 -0.75 -1.67 -8.99
C ILE A 47 -0.53 -0.16 -8.88
N SER A 48 -0.66 0.52 -10.01
CA SER A 48 -0.49 1.95 -10.05
C SER A 48 -1.66 2.64 -9.34
N GLU A 49 -2.81 1.98 -9.38
CA GLU A 49 -3.99 2.51 -8.75
C GLU A 49 -3.75 2.74 -7.26
N ALA A 50 -2.84 1.96 -6.71
CA ALA A 50 -2.50 2.06 -5.30
C ALA A 50 -1.82 3.41 -5.04
N GLU A 51 -0.97 3.79 -5.98
CA GLU A 51 -0.25 5.05 -5.87
C GLU A 51 -1.19 6.23 -6.15
N GLU A 52 -2.14 5.99 -7.04
CA GLU A 52 -3.10 7.01 -7.40
C GLU A 52 -4.04 7.30 -6.23
N LEU A 53 -4.71 6.24 -5.77
CA LEU A 53 -5.63 6.37 -4.66
C LEU A 53 -4.86 6.77 -3.40
N ALA A 54 -3.59 6.40 -3.39
CA ALA A 54 -2.74 6.72 -2.25
C ALA A 54 -2.47 8.23 -2.23
N ARG A 55 -2.03 8.73 -3.37
CA ARG A 55 -1.72 10.15 -3.49
C ARG A 55 -2.97 10.99 -3.17
N GLU A 56 -4.11 10.50 -3.64
CA GLU A 56 -5.37 11.19 -3.41
C GLU A 56 -5.75 11.13 -1.93
N LYS A 57 -5.83 9.90 -1.42
CA LYS A 57 -6.17 9.69 -0.03
C LYS A 57 -5.29 10.57 0.85
N PHE A 58 -3.99 10.48 0.62
CA PHE A 58 -3.04 11.26 1.39
C PHE A 58 -3.10 12.74 0.99
N GLU A 59 -3.42 12.96 -0.28
CA GLU A 59 -3.52 14.31 -0.80
C GLU A 59 -4.47 15.15 0.06
N LYS A 60 -5.45 14.47 0.64
CA LYS A 60 -6.43 15.13 1.48
C LYS A 60 -5.84 15.31 2.88
N GLY A 61 -4.53 15.19 2.96
CA GLY A 61 -3.84 15.34 4.23
C GLY A 61 -2.52 14.57 4.23
N GLU A 62 -1.59 15.03 3.40
CA GLU A 62 -0.29 14.40 3.29
C GLU A 62 0.81 15.38 3.69
N VAL A 63 2.04 14.96 3.46
CA VAL A 63 3.19 15.79 3.79
C VAL A 63 3.51 16.70 2.60
N SER A 64 4.28 17.75 2.89
CA SER A 64 4.66 18.70 1.87
C SER A 64 6.19 18.81 1.80
N ASN A 65 6.80 18.85 2.97
CA ASN A 65 8.24 18.95 3.06
C ASN A 65 8.88 17.87 2.19
N PHE A 66 8.84 16.64 2.69
CA PHE A 66 9.42 15.52 1.97
C PHE A 66 8.32 14.52 1.56
N ASP A 67 8.76 13.47 0.89
CA ASP A 67 7.84 12.44 0.43
C ASP A 67 6.74 13.09 -0.41
N ASP A 68 7.16 13.84 -1.41
CA ASP A 68 6.23 14.52 -2.29
C ASP A 68 5.21 13.50 -2.81
N VAL A 69 4.31 13.99 -3.65
CA VAL A 69 3.27 13.15 -4.23
C VAL A 69 3.92 12.13 -5.17
N GLU A 70 4.93 12.60 -5.90
CA GLU A 70 5.64 11.74 -6.83
C GLU A 70 6.47 10.70 -6.07
N GLU A 71 7.07 11.15 -4.99
CA GLU A 71 7.90 10.28 -4.17
C GLU A 71 7.02 9.34 -3.34
N LEU A 72 5.84 9.83 -3.00
CA LEU A 72 4.90 9.05 -2.21
C LEU A 72 4.31 7.94 -3.09
N VAL A 73 3.76 8.35 -4.22
CA VAL A 73 3.16 7.40 -5.15
C VAL A 73 4.20 6.34 -5.52
N LYS A 74 5.37 6.81 -5.88
CA LYS A 74 6.46 5.91 -6.26
C LYS A 74 6.83 5.04 -5.06
N LYS A 75 6.74 5.64 -3.88
CA LYS A 75 7.07 4.94 -2.66
C LYS A 75 5.97 3.93 -2.34
N VAL A 76 4.77 4.26 -2.80
CA VAL A 76 3.62 3.39 -2.57
C VAL A 76 3.79 2.11 -3.37
N VAL A 77 4.04 2.28 -4.66
CA VAL A 77 4.22 1.14 -5.54
C VAL A 77 5.48 0.37 -5.13
N ALA A 78 6.47 1.13 -4.67
CA ALA A 78 7.72 0.52 -4.24
C ALA A 78 7.44 -0.46 -3.10
N VAL A 79 6.78 0.04 -2.07
CA VAL A 79 6.45 -0.78 -0.93
C VAL A 79 5.48 -1.88 -1.35
N CYS A 80 4.54 -1.51 -2.21
CA CYS A 80 3.56 -2.45 -2.71
C CYS A 80 4.29 -3.67 -3.28
N GLU A 81 5.27 -3.38 -4.13
CA GLU A 81 6.06 -4.44 -4.74
C GLU A 81 6.96 -5.09 -3.70
N GLU A 82 7.46 -4.28 -2.79
CA GLU A 82 8.34 -4.76 -1.74
C GLU A 82 7.59 -5.74 -0.83
N LEU A 83 6.27 -5.64 -0.86
CA LEU A 83 5.43 -6.49 -0.05
C LEU A 83 5.20 -7.82 -0.79
N GLY A 84 5.45 -7.79 -2.08
CA GLY A 84 5.28 -8.97 -2.92
C GLY A 84 4.13 -9.83 -2.40
N ALA A 85 3.00 -9.18 -2.17
CA ALA A 85 1.82 -9.88 -1.67
C ALA A 85 0.64 -9.62 -2.61
N GLU A 86 -0.08 -10.68 -2.91
CA GLU A 86 -1.24 -10.58 -3.79
C GLU A 86 -2.32 -11.56 -3.37
N GLU A 87 -2.33 -11.87 -2.08
CA GLU A 87 -3.30 -12.80 -1.54
C GLU A 87 -2.80 -13.39 -0.22
N CYS A 88 -3.76 -13.74 0.63
CA CYS A 88 -3.42 -14.32 1.93
C CYS A 88 -3.51 -15.84 1.82
N PHE A 89 -2.39 -16.43 1.42
CA PHE A 89 -2.34 -17.88 1.27
C PHE A 89 -2.74 -18.58 2.56
N SER A 90 -2.52 -17.90 3.67
CA SER A 90 -2.85 -18.44 4.98
C SER A 90 -4.34 -18.77 5.04
N CYS A 91 -5.08 -18.21 4.08
CA CYS A 91 -6.51 -18.44 4.01
C CYS A 91 -6.76 -19.95 3.94
N ASP A 92 -5.72 -20.67 3.54
CA ASP A 92 -5.81 -22.11 3.43
C ASP A 92 -4.94 -22.77 4.52
N PHE A 93 -4.14 -21.93 5.17
CA PHE A 93 -3.28 -22.41 6.22
C PHE A 93 -4.00 -22.42 7.57
N ASP A 94 -3.86 -23.54 8.27
CA ASP A 94 -4.50 -23.70 9.56
C ASP A 94 -3.61 -23.09 10.65
ZN ZN B . -6.61 -15.13 5.30
N SER A 18 2.74 3.54 10.34
CA SER A 18 3.91 4.13 10.97
C SER A 18 4.58 5.09 10.00
N GLU A 19 4.63 4.68 8.74
CA GLU A 19 5.25 5.49 7.71
C GLU A 19 4.16 6.13 6.83
N ALA A 20 4.47 7.35 6.37
CA ALA A 20 3.54 8.08 5.53
C ALA A 20 3.13 7.20 4.34
N VAL A 21 4.09 6.39 3.89
CA VAL A 21 3.85 5.50 2.77
C VAL A 21 2.97 4.33 3.23
N TYR A 22 3.43 3.68 4.29
CA TYR A 22 2.71 2.54 4.84
C TYR A 22 1.22 2.87 5.01
N ILE A 23 0.97 4.09 5.46
CA ILE A 23 -0.40 4.54 5.66
C ILE A 23 -1.06 4.80 4.31
N ALA A 24 -0.26 5.34 3.39
CA ALA A 24 -0.76 5.64 2.06
C ALA A 24 -1.17 4.33 1.36
N ILE A 25 -0.42 3.28 1.67
CA ILE A 25 -0.69 1.98 1.08
C ILE A 25 -1.61 1.19 2.01
N GLU A 26 -1.58 1.56 3.29
CA GLU A 26 -2.41 0.90 4.28
C GLU A 26 -3.69 1.70 4.53
N ALA A 27 -3.85 2.75 3.74
CA ALA A 27 -5.02 3.60 3.87
C ALA A 27 -6.22 2.92 3.19
N GLY A 28 -5.97 1.73 2.67
CA GLY A 28 -7.00 0.97 2.00
C GLY A 28 -6.57 0.57 0.59
N THR A 29 -5.33 0.92 0.25
CA THR A 29 -4.78 0.60 -1.05
C THR A 29 -4.82 -0.90 -1.30
N LEU A 30 -4.32 -1.64 -0.32
CA LEU A 30 -4.29 -3.09 -0.41
C LEU A 30 -4.95 -3.69 0.83
N ALA A 31 -5.07 -5.02 0.82
CA ALA A 31 -5.67 -5.72 1.93
C ALA A 31 -4.73 -6.83 2.39
N GLU A 32 -4.88 -7.19 3.66
CA GLU A 32 -4.05 -8.24 4.23
C GLU A 32 -4.80 -8.97 5.34
N CYS A 33 -4.71 -10.28 5.32
CA CYS A 33 -5.38 -11.10 6.32
C CYS A 33 -4.90 -10.68 7.71
N GLU A 34 -5.84 -10.61 8.63
CA GLU A 34 -5.52 -10.21 9.99
C GLU A 34 -5.48 -11.43 10.91
N VAL A 35 -5.32 -12.59 10.29
CA VAL A 35 -5.27 -13.84 11.03
C VAL A 35 -3.82 -14.33 11.09
N HIS A 36 -3.09 -14.06 10.02
CA HIS A 36 -1.69 -14.46 9.95
C HIS A 36 -0.85 -13.30 9.41
N GLU A 37 -0.04 -12.74 10.30
CA GLU A 37 0.82 -11.63 9.93
C GLU A 37 1.85 -12.07 8.88
N GLY A 38 2.03 -11.22 7.89
CA GLY A 38 2.98 -11.51 6.82
C GLY A 38 2.25 -11.77 5.50
N THR A 39 1.03 -12.26 5.62
CA THR A 39 0.22 -12.56 4.45
C THR A 39 -0.55 -11.32 4.01
N TYR A 40 -0.21 -10.84 2.82
CA TYR A 40 -0.87 -9.66 2.27
C TYR A 40 -1.24 -9.88 0.80
N PHE A 41 -1.94 -8.89 0.25
CA PHE A 41 -2.37 -8.95 -1.13
C PHE A 41 -2.95 -7.62 -1.60
N SER A 42 -2.29 -7.04 -2.59
CA SER A 42 -2.73 -5.77 -3.13
C SER A 42 -3.60 -5.99 -4.37
N ASP A 43 -4.56 -5.10 -4.55
CA ASP A 43 -5.47 -5.19 -5.69
C ASP A 43 -4.66 -5.58 -6.94
N SER A 44 -4.66 -6.87 -7.22
CA SER A 44 -3.94 -7.37 -8.39
C SER A 44 -4.62 -6.90 -9.68
N GLY A 45 -3.80 -6.51 -10.64
CA GLY A 45 -4.31 -6.04 -11.91
C GLY A 45 -4.08 -4.54 -12.07
N ASP A 46 -4.06 -3.85 -10.94
CA ASP A 46 -3.86 -2.41 -10.94
C ASP A 46 -3.08 -2.01 -9.69
N ILE A 47 -1.78 -2.18 -9.76
CA ILE A 47 -0.92 -1.84 -8.64
C ILE A 47 -0.81 -0.32 -8.53
N SER A 48 -1.00 0.34 -9.67
CA SER A 48 -0.92 1.79 -9.71
C SER A 48 -1.98 2.39 -8.77
N GLU A 49 -3.02 1.63 -8.54
CA GLU A 49 -4.10 2.07 -7.66
C GLU A 49 -3.56 2.45 -6.29
N ALA A 50 -2.43 1.84 -5.95
CA ALA A 50 -1.79 2.09 -4.66
C ALA A 50 -1.16 3.49 -4.69
N GLU A 51 -0.68 3.87 -5.86
CA GLU A 51 -0.05 5.16 -6.03
C GLU A 51 -1.11 6.27 -6.03
N GLU A 52 -2.23 5.97 -6.67
CA GLU A 52 -3.32 6.92 -6.76
C GLU A 52 -3.95 7.14 -5.37
N LEU A 53 -4.25 6.03 -4.71
CA LEU A 53 -4.86 6.08 -3.39
C LEU A 53 -3.91 6.82 -2.45
N ALA A 54 -2.65 6.42 -2.47
CA ALA A 54 -1.64 7.04 -1.63
C ALA A 54 -1.42 8.48 -2.08
N ARG A 55 -1.53 8.69 -3.38
CA ARG A 55 -1.34 10.01 -3.94
C ARG A 55 -2.30 11.01 -3.27
N GLU A 56 -3.56 10.61 -3.19
CA GLU A 56 -4.57 11.46 -2.57
C GLU A 56 -4.45 11.40 -1.05
N LYS A 57 -4.19 10.20 -0.55
CA LYS A 57 -4.06 10.01 0.89
C LYS A 57 -3.06 11.03 1.45
N PHE A 58 -1.90 11.08 0.83
CA PHE A 58 -0.86 12.00 1.26
C PHE A 58 -1.19 13.43 0.84
N GLU A 59 -1.70 13.56 -0.38
CA GLU A 59 -2.07 14.85 -0.91
C GLU A 59 -3.19 15.47 -0.07
N LYS A 60 -3.81 14.64 0.74
CA LYS A 60 -4.89 15.09 1.61
C LYS A 60 -4.30 15.74 2.86
N GLY A 61 -3.02 15.48 3.07
CA GLY A 61 -2.34 16.03 4.22
C GLY A 61 -0.92 16.50 3.85
N GLU A 62 0.06 15.83 4.43
CA GLU A 62 1.45 16.16 4.16
C GLU A 62 2.20 14.95 3.65
N VAL A 63 3.50 15.12 3.47
CA VAL A 63 4.35 14.04 2.99
C VAL A 63 5.51 13.84 3.95
N SER A 64 6.47 13.02 3.52
CA SER A 64 7.64 12.74 4.33
C SER A 64 8.83 13.57 3.86
N ASN A 65 9.17 13.38 2.60
CA ASN A 65 10.29 14.11 2.01
C ASN A 65 9.88 15.57 1.79
N PHE A 66 9.03 15.76 0.78
CA PHE A 66 8.55 17.09 0.45
C PHE A 66 7.45 17.03 -0.60
N ASP A 67 7.11 18.20 -1.13
CA ASP A 67 6.07 18.29 -2.14
C ASP A 67 6.51 17.54 -3.39
N ASP A 68 5.98 16.33 -3.53
CA ASP A 68 6.31 15.49 -4.67
C ASP A 68 5.31 14.33 -4.74
N VAL A 69 4.28 14.52 -5.54
CA VAL A 69 3.26 13.50 -5.71
C VAL A 69 3.86 12.31 -6.46
N GLU A 70 4.64 12.62 -7.50
CA GLU A 70 5.27 11.58 -8.30
C GLU A 70 6.27 10.80 -7.44
N GLU A 71 6.90 11.52 -6.52
CA GLU A 71 7.89 10.90 -5.64
C GLU A 71 7.19 10.05 -4.58
N LEU A 72 6.17 10.64 -3.98
CA LEU A 72 5.41 9.96 -2.94
C LEU A 72 4.87 8.64 -3.50
N VAL A 73 4.14 8.76 -4.61
CA VAL A 73 3.56 7.59 -5.25
C VAL A 73 4.67 6.57 -5.53
N LYS A 74 5.75 7.05 -6.11
CA LYS A 74 6.88 6.19 -6.44
C LYS A 74 7.25 5.36 -5.20
N LYS A 75 7.25 6.03 -4.06
CA LYS A 75 7.58 5.38 -2.81
C LYS A 75 6.45 4.42 -2.42
N VAL A 76 5.25 4.77 -2.86
CA VAL A 76 4.08 3.96 -2.56
C VAL A 76 4.16 2.65 -3.36
N VAL A 77 4.25 2.81 -4.67
CA VAL A 77 4.33 1.65 -5.55
C VAL A 77 5.49 0.75 -5.10
N ALA A 78 6.58 1.40 -4.72
CA ALA A 78 7.75 0.68 -4.27
C ALA A 78 7.39 -0.21 -3.07
N VAL A 79 6.75 0.42 -2.09
CA VAL A 79 6.33 -0.29 -0.89
C VAL A 79 5.35 -1.40 -1.28
N CYS A 80 4.40 -1.03 -2.13
CA CYS A 80 3.40 -1.99 -2.58
C CYS A 80 4.12 -3.22 -3.13
N GLU A 81 5.07 -2.96 -4.01
CA GLU A 81 5.84 -4.04 -4.61
C GLU A 81 6.77 -4.68 -3.58
N GLU A 82 7.15 -3.87 -2.60
CA GLU A 82 8.03 -4.34 -1.54
C GLU A 82 7.31 -5.35 -0.65
N LEU A 83 5.99 -5.28 -0.71
CA LEU A 83 5.16 -6.19 0.08
C LEU A 83 5.03 -7.53 -0.64
N GLY A 84 5.29 -7.49 -1.94
CA GLY A 84 5.21 -8.69 -2.76
C GLY A 84 4.14 -9.64 -2.22
N ALA A 85 2.92 -9.13 -2.16
CA ALA A 85 1.80 -9.92 -1.67
C ALA A 85 0.59 -9.72 -2.60
N GLU A 86 0.00 -10.84 -2.98
CA GLU A 86 -1.16 -10.80 -3.87
C GLU A 86 -2.18 -11.87 -3.46
N GLU A 87 -2.06 -12.31 -2.21
CA GLU A 87 -2.95 -13.32 -1.68
C GLU A 87 -2.29 -14.07 -0.52
N CYS A 88 -3.12 -14.59 0.36
CA CYS A 88 -2.63 -15.32 1.52
C CYS A 88 -2.89 -16.81 1.28
N PHE A 89 -1.83 -17.60 1.44
CA PHE A 89 -1.92 -19.03 1.25
C PHE A 89 -2.31 -19.73 2.55
N SER A 90 -2.27 -18.97 3.64
CA SER A 90 -2.60 -19.51 4.94
C SER A 90 -4.06 -20.01 4.94
N CYS A 91 -4.93 -19.17 4.40
CA CYS A 91 -6.34 -19.53 4.34
C CYS A 91 -6.48 -20.78 3.47
N ASP A 92 -5.43 -21.06 2.72
CA ASP A 92 -5.43 -22.23 1.86
C ASP A 92 -4.57 -23.33 2.48
N PHE A 93 -3.85 -22.94 3.52
CA PHE A 93 -2.98 -23.87 4.21
C PHE A 93 -3.67 -24.44 5.46
N ASP A 94 -3.97 -25.73 5.40
CA ASP A 94 -4.63 -26.39 6.51
C ASP A 94 -3.78 -26.22 7.77
ZN ZN B . -5.82 -15.48 5.22
N SER A 18 10.83 6.41 9.45
CA SER A 18 9.66 7.10 8.92
C SER A 18 8.61 6.07 8.49
N GLU A 19 7.45 6.15 9.14
CA GLU A 19 6.36 5.25 8.83
C GLU A 19 5.29 5.97 8.01
N ALA A 20 5.53 7.24 7.77
CA ALA A 20 4.59 8.05 7.01
C ALA A 20 4.29 7.35 5.68
N VAL A 21 5.34 6.97 4.99
CA VAL A 21 5.20 6.29 3.71
C VAL A 21 4.30 5.07 3.89
N TYR A 22 4.68 4.22 4.84
CA TYR A 22 3.92 3.01 5.11
C TYR A 22 2.43 3.32 5.23
N ILE A 23 2.14 4.44 5.89
CA ILE A 23 0.76 4.86 6.09
C ILE A 23 0.15 5.24 4.74
N ALA A 24 0.98 5.85 3.90
CA ALA A 24 0.55 6.26 2.58
C ALA A 24 0.15 5.02 1.76
N ILE A 25 0.88 3.95 2.00
CA ILE A 25 0.63 2.70 1.30
C ILE A 25 -0.28 1.81 2.16
N GLU A 26 -0.45 2.22 3.40
CA GLU A 26 -1.28 1.48 4.34
C GLU A 26 -2.61 2.20 4.56
N ALA A 27 -2.77 3.31 3.84
CA ALA A 27 -3.98 4.10 3.94
C ALA A 27 -5.15 3.33 3.33
N GLY A 28 -4.82 2.17 2.77
CA GLY A 28 -5.83 1.34 2.14
C GLY A 28 -5.42 0.97 0.71
N THR A 29 -4.18 1.30 0.37
CA THR A 29 -3.66 1.01 -0.95
C THR A 29 -3.77 -0.48 -1.25
N LEU A 30 -3.65 -1.28 -0.20
CA LEU A 30 -3.73 -2.72 -0.34
C LEU A 30 -4.55 -3.30 0.82
N ALA A 31 -4.82 -4.59 0.73
CA ALA A 31 -5.59 -5.26 1.76
C ALA A 31 -4.83 -6.52 2.21
N GLU A 32 -5.14 -6.94 3.43
CA GLU A 32 -4.50 -8.11 3.99
C GLU A 32 -5.47 -8.86 4.91
N CYS A 33 -5.38 -10.18 4.87
CA CYS A 33 -6.24 -11.02 5.69
C CYS A 33 -6.03 -10.62 7.16
N GLU A 34 -7.14 -10.31 7.81
CA GLU A 34 -7.10 -9.91 9.21
C GLU A 34 -7.03 -11.15 10.11
N VAL A 35 -7.10 -12.31 9.47
CA VAL A 35 -7.04 -13.57 10.20
C VAL A 35 -5.69 -14.23 9.95
N HIS A 36 -4.94 -13.67 9.01
CA HIS A 36 -3.64 -14.20 8.66
C HIS A 36 -2.60 -13.08 8.69
N GLU A 37 -1.91 -12.99 9.81
CA GLU A 37 -0.89 -11.97 9.98
C GLU A 37 0.35 -12.30 9.15
N GLY A 38 0.76 -11.35 8.32
CA GLY A 38 1.92 -11.54 7.48
C GLY A 38 1.51 -11.71 6.02
N THR A 39 0.26 -12.12 5.83
CA THR A 39 -0.26 -12.32 4.49
C THR A 39 -0.99 -11.07 4.01
N TYR A 40 -0.47 -10.52 2.92
CA TYR A 40 -1.06 -9.32 2.33
C TYR A 40 -1.33 -9.50 0.84
N PHE A 41 -1.91 -8.47 0.25
CA PHE A 41 -2.24 -8.51 -1.17
C PHE A 41 -2.70 -7.14 -1.67
N SER A 42 -1.92 -6.59 -2.59
CA SER A 42 -2.23 -5.27 -3.15
C SER A 42 -3.27 -5.43 -4.26
N ASP A 43 -4.06 -4.37 -4.43
CA ASP A 43 -5.09 -4.37 -5.45
C ASP A 43 -4.56 -5.02 -6.72
N SER A 44 -4.85 -6.31 -6.87
CA SER A 44 -4.41 -7.04 -8.04
C SER A 44 -5.19 -6.60 -9.27
N GLY A 45 -4.44 -6.38 -10.35
CA GLY A 45 -5.06 -5.95 -11.60
C GLY A 45 -4.71 -4.49 -11.90
N ASP A 46 -4.51 -3.73 -10.83
CA ASP A 46 -4.19 -2.32 -10.97
C ASP A 46 -3.24 -1.91 -9.84
N ILE A 47 -1.96 -2.17 -10.05
CA ILE A 47 -0.95 -1.84 -9.06
C ILE A 47 -0.76 -0.32 -9.03
N SER A 48 -0.96 0.30 -10.19
CA SER A 48 -0.81 1.74 -10.30
C SER A 48 -1.99 2.44 -9.61
N GLU A 49 -3.11 1.73 -9.57
CA GLU A 49 -4.32 2.26 -8.96
C GLU A 49 -4.05 2.62 -7.49
N ALA A 50 -3.19 1.82 -6.87
CA ALA A 50 -2.84 2.04 -5.48
C ALA A 50 -2.01 3.31 -5.36
N GLU A 51 -1.17 3.54 -6.37
CA GLU A 51 -0.31 4.71 -6.38
C GLU A 51 -1.16 5.98 -6.45
N GLU A 52 -2.16 5.94 -7.33
CA GLU A 52 -3.04 7.08 -7.51
C GLU A 52 -3.97 7.22 -6.30
N LEU A 53 -4.51 6.10 -5.87
CA LEU A 53 -5.40 6.08 -4.73
C LEU A 53 -4.68 6.66 -3.50
N ALA A 54 -3.43 6.26 -3.36
CA ALA A 54 -2.62 6.73 -2.25
C ALA A 54 -2.30 8.21 -2.44
N ARG A 55 -1.97 8.56 -3.68
CA ARG A 55 -1.65 9.94 -4.00
C ARG A 55 -2.76 10.87 -3.54
N GLU A 56 -3.99 10.40 -3.69
CA GLU A 56 -5.15 11.19 -3.29
C GLU A 56 -5.34 11.10 -1.78
N LYS A 57 -5.11 9.89 -1.25
CA LYS A 57 -5.26 9.67 0.18
C LYS A 57 -4.40 10.66 0.95
N PHE A 58 -3.14 10.71 0.58
CA PHE A 58 -2.20 11.61 1.23
C PHE A 58 -2.43 13.05 0.77
N GLU A 59 -2.68 13.21 -0.51
CA GLU A 59 -2.92 14.53 -1.08
C GLU A 59 -4.18 15.15 -0.47
N LYS A 60 -5.04 14.28 0.05
CA LYS A 60 -6.27 14.72 0.67
C LYS A 60 -6.28 14.31 2.14
N GLY A 61 -5.11 13.91 2.61
CA GLY A 61 -4.96 13.49 4.00
C GLY A 61 -3.77 14.19 4.65
N GLU A 62 -2.80 13.37 5.04
CA GLU A 62 -1.61 13.90 5.69
C GLU A 62 -0.36 13.46 4.93
N VAL A 63 0.74 14.13 5.23
CA VAL A 63 2.00 13.82 4.58
C VAL A 63 3.11 13.73 5.64
N SER A 64 4.32 13.49 5.16
CA SER A 64 5.46 13.37 6.05
C SER A 64 6.14 14.73 6.21
N ASN A 65 6.68 15.23 5.10
CA ASN A 65 7.35 16.51 5.11
C ASN A 65 7.51 17.01 3.68
N PHE A 66 6.67 17.97 3.32
CA PHE A 66 6.71 18.53 1.97
C PHE A 66 7.02 17.46 0.94
N ASP A 67 6.50 16.26 1.19
CA ASP A 67 6.73 15.14 0.29
C ASP A 67 6.13 15.47 -1.08
N ASP A 68 6.50 14.67 -2.07
CA ASP A 68 6.01 14.87 -3.41
C ASP A 68 5.00 13.76 -3.75
N VAL A 69 4.12 14.07 -4.69
CA VAL A 69 3.10 13.13 -5.12
C VAL A 69 3.76 11.94 -5.82
N GLU A 70 4.79 12.26 -6.59
CA GLU A 70 5.52 11.24 -7.32
C GLU A 70 6.30 10.35 -6.36
N GLU A 71 6.75 10.95 -5.27
CA GLU A 71 7.51 10.23 -4.26
C GLU A 71 6.57 9.39 -3.40
N LEU A 72 5.35 9.90 -3.24
CA LEU A 72 4.36 9.21 -2.44
C LEU A 72 3.82 8.02 -3.22
N VAL A 73 3.38 8.28 -4.44
CA VAL A 73 2.84 7.24 -5.29
C VAL A 73 3.95 6.22 -5.59
N LYS A 74 5.15 6.73 -5.79
CA LYS A 74 6.29 5.88 -6.07
C LYS A 74 6.63 5.06 -4.82
N LYS A 75 6.73 5.76 -3.70
CA LYS A 75 7.05 5.10 -2.44
C LYS A 75 5.97 4.07 -2.11
N VAL A 76 4.76 4.36 -2.56
CA VAL A 76 3.63 3.46 -2.32
C VAL A 76 3.79 2.23 -3.22
N VAL A 77 3.85 2.49 -4.51
CA VAL A 77 3.99 1.41 -5.49
C VAL A 77 5.20 0.56 -5.12
N ALA A 78 6.23 1.23 -4.61
CA ALA A 78 7.45 0.54 -4.22
C ALA A 78 7.14 -0.41 -3.06
N VAL A 79 6.51 0.14 -2.02
CA VAL A 79 6.15 -0.64 -0.85
C VAL A 79 5.29 -1.83 -1.28
N CYS A 80 4.29 -1.52 -2.08
CA CYS A 80 3.38 -2.56 -2.57
C CYS A 80 4.21 -3.65 -3.24
N GLU A 81 5.21 -3.21 -3.98
CA GLU A 81 6.09 -4.14 -4.68
C GLU A 81 7.05 -4.82 -3.69
N GLU A 82 7.33 -4.09 -2.61
CA GLU A 82 8.23 -4.61 -1.59
C GLU A 82 7.51 -5.65 -0.72
N LEU A 83 6.19 -5.57 -0.75
CA LEU A 83 5.36 -6.50 0.01
C LEU A 83 5.17 -7.79 -0.78
N GLY A 84 5.43 -7.69 -2.08
CA GLY A 84 5.29 -8.83 -2.96
C GLY A 84 4.13 -9.73 -2.51
N ALA A 85 3.04 -9.08 -2.12
CA ALA A 85 1.86 -9.79 -1.67
C ALA A 85 0.71 -9.51 -2.63
N GLU A 86 0.06 -10.58 -3.07
CA GLU A 86 -1.07 -10.46 -3.99
C GLU A 86 -2.17 -11.44 -3.60
N GLU A 87 -2.22 -11.75 -2.32
CA GLU A 87 -3.22 -12.67 -1.80
C GLU A 87 -2.76 -13.29 -0.49
N CYS A 88 -3.72 -13.78 0.28
CA CYS A 88 -3.42 -14.40 1.55
C CYS A 88 -3.45 -15.93 1.38
N PHE A 89 -2.32 -16.46 0.96
CA PHE A 89 -2.20 -17.89 0.75
C PHE A 89 -2.58 -18.67 2.01
N SER A 90 -2.38 -18.02 3.15
CA SER A 90 -2.70 -18.63 4.42
C SER A 90 -4.18 -19.01 4.47
N CYS A 91 -4.93 -18.44 3.54
CA CYS A 91 -6.36 -18.71 3.46
C CYS A 91 -6.56 -20.22 3.37
N ASP A 92 -5.51 -20.90 2.92
CA ASP A 92 -5.55 -22.35 2.78
C ASP A 92 -4.98 -23.00 4.04
N PHE A 93 -5.04 -22.24 5.13
CA PHE A 93 -4.53 -22.73 6.40
C PHE A 93 -5.58 -23.59 7.12
N ASP A 94 -5.09 -24.61 7.80
CA ASP A 94 -5.97 -25.51 8.53
C ASP A 94 -6.39 -24.85 9.85
ZN ZN B . -6.61 -15.47 4.85
N SER A 18 8.96 6.70 6.59
CA SER A 18 9.06 5.26 6.70
C SER A 18 7.69 4.66 7.00
N GLU A 19 6.89 5.43 7.73
CA GLU A 19 5.56 4.99 8.10
C GLU A 19 4.52 5.60 7.15
N ALA A 20 4.89 6.74 6.58
CA ALA A 20 4.00 7.43 5.66
C ALA A 20 3.72 6.53 4.45
N VAL A 21 4.70 5.69 4.14
CA VAL A 21 4.56 4.78 3.02
C VAL A 21 3.63 3.63 3.41
N TYR A 22 3.92 3.05 4.56
CA TYR A 22 3.12 1.94 5.06
C TYR A 22 1.67 2.38 5.33
N ILE A 23 1.54 3.65 5.71
CA ILE A 23 0.23 4.21 5.99
C ILE A 23 -0.49 4.51 4.68
N ALA A 24 0.27 4.98 3.71
CA ALA A 24 -0.27 5.31 2.40
C ALA A 24 -0.73 4.02 1.71
N ILE A 25 0.12 3.01 1.80
CA ILE A 25 -0.19 1.72 1.19
C ILE A 25 -1.34 1.07 1.94
N GLU A 26 -1.37 1.29 3.25
CA GLU A 26 -2.41 0.73 4.09
C GLU A 26 -3.60 1.69 4.17
N ALA A 27 -3.43 2.85 3.56
CA ALA A 27 -4.47 3.85 3.55
C ALA A 27 -5.69 3.31 2.80
N GLY A 28 -5.48 2.19 2.13
CA GLY A 28 -6.55 1.56 1.37
C GLY A 28 -6.03 1.05 0.02
N THR A 29 -4.78 1.38 -0.27
CA THR A 29 -4.16 0.96 -1.51
C THR A 29 -4.20 -0.56 -1.65
N LEU A 30 -3.80 -1.23 -0.58
CA LEU A 30 -3.78 -2.69 -0.56
C LEU A 30 -4.49 -3.19 0.69
N ALA A 31 -4.65 -4.50 0.76
CA ALA A 31 -5.31 -5.12 1.90
C ALA A 31 -4.52 -6.35 2.34
N GLU A 32 -4.39 -6.50 3.65
CA GLU A 32 -3.67 -7.63 4.21
C GLU A 32 -4.43 -8.20 5.41
N CYS A 33 -4.51 -9.51 5.44
CA CYS A 33 -5.20 -10.20 6.53
C CYS A 33 -4.55 -9.76 7.85
N GLU A 34 -5.38 -9.24 8.74
CA GLU A 34 -4.92 -8.79 10.03
C GLU A 34 -4.57 -9.99 10.92
N VAL A 35 -4.88 -11.17 10.41
CA VAL A 35 -4.61 -12.40 11.14
C VAL A 35 -3.44 -13.12 10.49
N HIS A 36 -3.13 -12.72 9.27
CA HIS A 36 -2.04 -13.32 8.53
C HIS A 36 -0.81 -12.40 8.58
N GLU A 37 0.08 -12.70 9.50
CA GLU A 37 1.29 -11.91 9.67
C GLU A 37 2.25 -12.17 8.49
N GLY A 38 2.53 -11.09 7.76
CA GLY A 38 3.43 -11.19 6.62
C GLY A 38 2.64 -11.44 5.34
N THR A 39 1.41 -11.90 5.50
CA THR A 39 0.55 -12.18 4.37
C THR A 39 -0.25 -10.94 3.98
N TYR A 40 0.02 -10.44 2.78
CA TYR A 40 -0.67 -9.26 2.29
C TYR A 40 -1.15 -9.48 0.85
N PHE A 41 -1.91 -8.50 0.37
CA PHE A 41 -2.44 -8.57 -0.98
C PHE A 41 -2.91 -7.19 -1.46
N SER A 42 -2.34 -6.76 -2.57
CA SER A 42 -2.68 -5.46 -3.13
C SER A 42 -3.62 -5.65 -4.33
N ASP A 43 -4.49 -4.67 -4.52
CA ASP A 43 -5.44 -4.72 -5.62
C ASP A 43 -4.72 -5.19 -6.88
N SER A 44 -4.87 -6.48 -7.17
CA SER A 44 -4.24 -7.06 -8.33
C SER A 44 -4.94 -6.57 -9.60
N GLY A 45 -4.14 -6.28 -10.62
CA GLY A 45 -4.67 -5.81 -11.88
C GLY A 45 -4.31 -4.33 -12.10
N ASP A 46 -4.12 -3.63 -10.98
CA ASP A 46 -3.79 -2.22 -11.05
C ASP A 46 -2.81 -1.89 -9.91
N ILE A 47 -1.54 -2.13 -10.18
CA ILE A 47 -0.50 -1.86 -9.19
C ILE A 47 -0.31 -0.35 -9.06
N SER A 48 -0.68 0.36 -10.11
CA SER A 48 -0.56 1.81 -10.11
C SER A 48 -1.61 2.42 -9.18
N GLU A 49 -2.70 1.69 -9.02
CA GLU A 49 -3.78 2.15 -8.16
C GLU A 49 -3.26 2.39 -6.74
N ALA A 50 -2.21 1.68 -6.40
CA ALA A 50 -1.61 1.80 -5.07
C ALA A 50 -1.10 3.24 -4.89
N GLU A 51 -0.39 3.71 -5.89
CA GLU A 51 0.16 5.05 -5.86
C GLU A 51 -0.96 6.09 -5.98
N GLU A 52 -1.97 5.73 -6.76
CA GLU A 52 -3.10 6.62 -6.98
C GLU A 52 -3.85 6.85 -5.67
N LEU A 53 -4.31 5.75 -5.09
CA LEU A 53 -5.05 5.82 -3.84
C LEU A 53 -4.20 6.54 -2.79
N ALA A 54 -2.91 6.19 -2.77
CA ALA A 54 -1.98 6.79 -1.83
C ALA A 54 -1.80 8.28 -2.18
N ARG A 55 -1.85 8.55 -3.48
CA ARG A 55 -1.69 9.92 -3.96
C ARG A 55 -2.77 10.82 -3.37
N GLU A 56 -4.00 10.31 -3.42
CA GLU A 56 -5.14 11.06 -2.89
C GLU A 56 -5.16 10.99 -1.37
N LYS A 57 -5.15 9.77 -0.86
CA LYS A 57 -5.17 9.55 0.57
C LYS A 57 -4.11 10.42 1.23
N PHE A 58 -2.88 10.28 0.75
CA PHE A 58 -1.78 11.06 1.28
C PHE A 58 -1.97 12.54 1.02
N GLU A 59 -2.41 12.84 -0.19
CA GLU A 59 -2.64 14.23 -0.58
C GLU A 59 -3.83 14.81 0.19
N LYS A 60 -4.56 13.91 0.82
CA LYS A 60 -5.72 14.32 1.60
C LYS A 60 -5.27 14.81 2.97
N GLY A 61 -3.96 14.83 3.15
CA GLY A 61 -3.39 15.28 4.42
C GLY A 61 -2.34 16.37 4.19
N GLU A 62 -1.10 16.03 4.54
CA GLU A 62 0.01 16.97 4.38
C GLU A 62 1.11 16.33 3.53
N VAL A 63 1.57 17.10 2.54
CA VAL A 63 2.62 16.64 1.67
C VAL A 63 3.81 17.59 1.75
N SER A 64 4.81 17.17 2.51
CA SER A 64 6.01 17.97 2.69
C SER A 64 6.37 18.66 1.37
N ASN A 65 6.13 17.95 0.28
CA ASN A 65 6.41 18.48 -1.04
C ASN A 65 5.28 18.10 -2.01
N PHE A 66 4.45 19.09 -2.31
CA PHE A 66 3.34 18.87 -3.21
C PHE A 66 3.82 18.69 -4.65
N ASP A 67 5.06 19.08 -4.88
CA ASP A 67 5.65 18.98 -6.20
C ASP A 67 6.42 17.66 -6.30
N ASP A 68 6.39 16.91 -5.21
CA ASP A 68 7.07 15.63 -5.16
C ASP A 68 6.05 14.51 -4.97
N VAL A 69 4.80 14.85 -5.21
CA VAL A 69 3.71 13.89 -5.07
C VAL A 69 4.04 12.65 -5.89
N GLU A 70 4.67 12.88 -7.04
CA GLU A 70 5.05 11.79 -7.92
C GLU A 70 6.07 10.88 -7.25
N GLU A 71 6.93 11.51 -6.44
CA GLU A 71 7.96 10.77 -5.74
C GLU A 71 7.34 9.98 -4.58
N LEU A 72 6.44 10.62 -3.87
CA LEU A 72 5.76 9.99 -2.75
C LEU A 72 4.96 8.78 -3.25
N VAL A 73 4.10 9.06 -4.22
CA VAL A 73 3.27 8.02 -4.79
C VAL A 73 4.17 6.90 -5.33
N LYS A 74 5.28 7.30 -5.91
CA LYS A 74 6.22 6.35 -6.47
C LYS A 74 6.70 5.41 -5.36
N LYS A 75 7.07 6.01 -4.25
CA LYS A 75 7.55 5.24 -3.10
C LYS A 75 6.45 4.29 -2.65
N VAL A 76 5.21 4.73 -2.79
CA VAL A 76 4.06 3.92 -2.40
C VAL A 76 4.00 2.68 -3.27
N VAL A 77 4.05 2.90 -4.58
CA VAL A 77 4.00 1.80 -5.53
C VAL A 77 5.11 0.80 -5.20
N ALA A 78 6.28 1.34 -4.93
CA ALA A 78 7.43 0.51 -4.60
C ALA A 78 7.11 -0.34 -3.36
N VAL A 79 6.64 0.33 -2.33
CA VAL A 79 6.29 -0.34 -1.09
C VAL A 79 5.26 -1.44 -1.39
N CYS A 80 4.34 -1.11 -2.30
CA CYS A 80 3.30 -2.05 -2.67
C CYS A 80 3.96 -3.32 -3.20
N GLU A 81 4.90 -3.13 -4.12
CA GLU A 81 5.61 -4.24 -4.69
C GLU A 81 6.50 -4.91 -3.65
N GLU A 82 6.98 -4.09 -2.72
CA GLU A 82 7.84 -4.60 -1.66
C GLU A 82 7.01 -5.32 -0.60
N LEU A 83 5.72 -5.02 -0.59
CA LEU A 83 4.81 -5.64 0.36
C LEU A 83 4.36 -7.00 -0.18
N GLY A 84 4.92 -7.35 -1.32
CA GLY A 84 4.58 -8.63 -1.95
C GLY A 84 3.12 -8.98 -1.70
N ALA A 85 2.27 -7.97 -1.74
CA ALA A 85 0.85 -8.16 -1.53
C ALA A 85 0.26 -8.91 -2.72
N GLU A 86 0.00 -10.19 -2.51
CA GLU A 86 -0.57 -11.03 -3.54
C GLU A 86 -1.94 -11.57 -3.11
N GLU A 87 -1.95 -12.17 -1.92
CA GLU A 87 -3.18 -12.72 -1.38
C GLU A 87 -2.86 -13.77 -0.32
N CYS A 88 -3.76 -13.86 0.66
CA CYS A 88 -3.57 -14.81 1.75
C CYS A 88 -4.50 -16.00 1.50
N PHE A 89 -3.90 -17.16 1.28
CA PHE A 89 -4.66 -18.37 1.03
C PHE A 89 -4.99 -19.09 2.33
N SER A 90 -4.25 -18.74 3.37
CA SER A 90 -4.45 -19.34 4.68
C SER A 90 -5.90 -19.14 5.12
N CYS A 91 -6.57 -18.21 4.46
CA CYS A 91 -7.96 -17.92 4.78
C CYS A 91 -8.78 -19.19 4.60
N ASP A 92 -8.20 -20.12 3.85
CA ASP A 92 -8.85 -21.39 3.59
C ASP A 92 -8.06 -22.52 4.26
N PHE A 93 -6.87 -22.17 4.71
CA PHE A 93 -6.01 -23.14 5.37
C PHE A 93 -6.13 -23.03 6.89
N ASP A 94 -6.75 -24.04 7.49
CA ASP A 94 -6.93 -24.06 8.93
C ASP A 94 -5.59 -24.38 9.60
ZN ZN B . -6.51 -14.37 5.51
N SER A 18 3.61 2.67 12.09
CA SER A 18 3.70 2.63 10.64
C SER A 18 4.45 3.86 10.12
N GLU A 19 5.43 3.59 9.27
CA GLU A 19 6.24 4.67 8.71
C GLU A 19 5.40 5.52 7.76
N ALA A 20 5.99 6.63 7.32
CA ALA A 20 5.30 7.53 6.41
C ALA A 20 4.82 6.75 5.18
N VAL A 21 5.75 6.01 4.59
CA VAL A 21 5.43 5.21 3.42
C VAL A 21 4.34 4.19 3.78
N TYR A 22 4.59 3.43 4.83
CA TYR A 22 3.65 2.43 5.29
C TYR A 22 2.27 3.05 5.52
N ILE A 23 2.28 4.34 5.82
CA ILE A 23 1.03 5.06 6.06
C ILE A 23 0.32 5.30 4.74
N ALA A 24 1.05 5.88 3.80
CA ALA A 24 0.50 6.18 2.49
C ALA A 24 -0.16 4.92 1.92
N ILE A 25 0.50 3.80 2.14
CA ILE A 25 -0.02 2.52 1.66
C ILE A 25 -1.14 2.06 2.58
N GLU A 26 -1.00 2.38 3.86
CA GLU A 26 -2.00 2.00 4.84
C GLU A 26 -3.27 2.83 4.66
N ALA A 27 -3.14 3.89 3.87
CA ALA A 27 -4.28 4.77 3.60
C ALA A 27 -5.34 3.99 2.82
N GLY A 28 -4.88 2.98 2.09
CA GLY A 28 -5.78 2.16 1.31
C GLY A 28 -5.15 1.79 -0.05
N THR A 29 -3.89 1.41 0.01
CA THR A 29 -3.16 1.05 -1.18
C THR A 29 -3.36 -0.44 -1.49
N LEU A 30 -3.22 -1.25 -0.46
CA LEU A 30 -3.39 -2.69 -0.60
C LEU A 30 -4.13 -3.24 0.62
N ALA A 31 -4.42 -4.52 0.57
CA ALA A 31 -5.13 -5.18 1.65
C ALA A 31 -4.36 -6.44 2.08
N GLU A 32 -4.37 -6.69 3.37
CA GLU A 32 -3.68 -7.85 3.91
C GLU A 32 -4.47 -8.45 5.07
N CYS A 33 -4.37 -9.77 5.20
CA CYS A 33 -5.07 -10.48 6.25
C CYS A 33 -4.46 -10.06 7.60
N GLU A 34 -5.29 -9.43 8.42
CA GLU A 34 -4.84 -8.99 9.72
C GLU A 34 -4.65 -10.18 10.66
N VAL A 35 -4.96 -11.35 10.14
CA VAL A 35 -4.83 -12.58 10.91
C VAL A 35 -3.57 -13.32 10.46
N HIS A 36 -3.21 -13.10 9.21
CA HIS A 36 -2.03 -13.74 8.64
C HIS A 36 -0.88 -12.73 8.56
N GLU A 37 -0.08 -12.72 9.62
CA GLU A 37 1.05 -11.82 9.68
C GLU A 37 2.06 -12.15 8.59
N GLY A 38 2.31 -11.15 7.75
CA GLY A 38 3.25 -11.33 6.64
C GLY A 38 2.52 -11.53 5.33
N THR A 39 1.27 -11.98 5.43
CA THR A 39 0.46 -12.23 4.26
C THR A 39 -0.28 -10.95 3.85
N TYR A 40 0.00 -10.50 2.63
CA TYR A 40 -0.62 -9.30 2.11
C TYR A 40 -1.05 -9.50 0.65
N PHE A 41 -1.73 -8.48 0.13
CA PHE A 41 -2.21 -8.53 -1.24
C PHE A 41 -2.68 -7.15 -1.70
N SER A 42 -2.10 -6.71 -2.81
CA SER A 42 -2.44 -5.42 -3.37
C SER A 42 -3.44 -5.59 -4.52
N ASP A 43 -4.31 -4.60 -4.67
CA ASP A 43 -5.31 -4.63 -5.72
C ASP A 43 -4.68 -5.21 -7.00
N SER A 44 -4.88 -6.50 -7.19
CA SER A 44 -4.35 -7.18 -8.36
C SER A 44 -5.12 -6.76 -9.61
N GLY A 45 -4.37 -6.54 -10.67
CA GLY A 45 -4.97 -6.13 -11.94
C GLY A 45 -4.70 -4.66 -12.23
N ASP A 46 -4.56 -3.89 -11.15
CA ASP A 46 -4.29 -2.47 -11.28
C ASP A 46 -3.40 -2.02 -10.13
N ILE A 47 -2.11 -2.23 -10.31
CA ILE A 47 -1.14 -1.85 -9.29
C ILE A 47 -1.00 -0.33 -9.26
N SER A 48 -1.34 0.29 -10.39
CA SER A 48 -1.26 1.73 -10.51
C SER A 48 -2.39 2.38 -9.70
N GLU A 49 -3.47 1.63 -9.55
CA GLU A 49 -4.62 2.13 -8.80
C GLU A 49 -4.20 2.49 -7.37
N ALA A 50 -3.27 1.71 -6.84
CA ALA A 50 -2.78 1.95 -5.49
C ALA A 50 -1.98 3.25 -5.46
N GLU A 51 -1.32 3.52 -6.57
CA GLU A 51 -0.51 4.73 -6.68
C GLU A 51 -1.40 5.97 -6.61
N GLU A 52 -2.39 6.00 -7.49
CA GLU A 52 -3.32 7.12 -7.54
C GLU A 52 -4.20 7.13 -6.28
N LEU A 53 -4.55 5.93 -5.83
CA LEU A 53 -5.38 5.79 -4.65
C LEU A 53 -4.66 6.39 -3.44
N ALA A 54 -3.40 6.02 -3.30
CA ALA A 54 -2.59 6.52 -2.20
C ALA A 54 -2.28 8.00 -2.43
N ARG A 55 -2.16 8.36 -3.70
CA ARG A 55 -1.86 9.73 -4.06
C ARG A 55 -3.01 10.66 -3.62
N GLU A 56 -4.22 10.18 -3.84
CA GLU A 56 -5.41 10.95 -3.47
C GLU A 56 -5.64 10.85 -1.96
N LYS A 57 -5.55 9.64 -1.45
CA LYS A 57 -5.76 9.41 -0.02
C LYS A 57 -4.71 10.20 0.77
N PHE A 58 -3.51 10.25 0.21
CA PHE A 58 -2.42 10.96 0.86
C PHE A 58 -2.56 12.46 0.66
N GLU A 59 -3.06 12.83 -0.52
CA GLU A 59 -3.25 14.24 -0.84
C GLU A 59 -4.23 14.88 0.14
N LYS A 60 -5.23 14.10 0.53
CA LYS A 60 -6.24 14.58 1.46
C LYS A 60 -5.71 14.46 2.88
N GLY A 61 -4.45 14.05 2.98
CA GLY A 61 -3.82 13.89 4.28
C GLY A 61 -2.35 13.53 4.13
N GLU A 62 -1.58 14.50 3.63
CA GLU A 62 -0.16 14.29 3.42
C GLU A 62 0.51 13.84 4.73
N VAL A 63 1.76 13.42 4.61
CA VAL A 63 2.51 12.97 5.77
C VAL A 63 3.45 14.08 6.24
N SER A 64 3.86 14.90 5.28
CA SER A 64 4.76 16.00 5.59
C SER A 64 6.12 15.48 6.01
N ASN A 65 6.61 14.50 5.26
CA ASN A 65 7.89 13.90 5.55
C ASN A 65 8.77 13.93 4.29
N PHE A 66 8.15 13.57 3.17
CA PHE A 66 8.84 13.55 1.89
C PHE A 66 8.69 14.90 1.17
N ASP A 67 7.45 15.36 1.11
CA ASP A 67 7.16 16.62 0.45
C ASP A 67 7.23 16.43 -1.06
N ASP A 68 6.92 15.22 -1.49
CA ASP A 68 6.94 14.90 -2.90
C ASP A 68 5.89 13.83 -3.19
N VAL A 69 4.74 14.28 -3.68
CA VAL A 69 3.65 13.38 -3.99
C VAL A 69 4.15 12.31 -4.97
N GLU A 70 4.77 12.77 -6.04
CA GLU A 70 5.30 11.87 -7.05
C GLU A 70 6.14 10.76 -6.39
N GLU A 71 7.09 11.20 -5.57
CA GLU A 71 7.96 10.27 -4.87
C GLU A 71 7.16 9.44 -3.87
N LEU A 72 6.10 10.06 -3.36
CA LEU A 72 5.24 9.40 -2.38
C LEU A 72 4.57 8.19 -3.03
N VAL A 73 3.92 8.45 -4.15
CA VAL A 73 3.23 7.40 -4.88
C VAL A 73 4.25 6.33 -5.31
N LYS A 74 5.41 6.81 -5.74
CA LYS A 74 6.47 5.92 -6.18
C LYS A 74 6.88 5.01 -5.02
N LYS A 75 6.87 5.59 -3.82
CA LYS A 75 7.23 4.84 -2.63
C LYS A 75 6.09 3.90 -2.25
N VAL A 76 4.89 4.29 -2.65
CA VAL A 76 3.71 3.49 -2.37
C VAL A 76 3.72 2.23 -3.24
N VAL A 77 4.07 2.43 -4.50
CA VAL A 77 4.13 1.34 -5.45
C VAL A 77 5.32 0.43 -5.11
N ALA A 78 6.40 1.08 -4.70
CA ALA A 78 7.62 0.36 -4.35
C ALA A 78 7.36 -0.48 -3.09
N VAL A 79 6.80 0.18 -2.09
CA VAL A 79 6.50 -0.48 -0.83
C VAL A 79 5.42 -1.53 -1.06
N CYS A 80 4.44 -1.17 -1.88
CA CYS A 80 3.36 -2.07 -2.20
C CYS A 80 3.94 -3.33 -2.85
N GLU A 81 4.78 -3.11 -3.85
CA GLU A 81 5.41 -4.20 -4.56
C GLU A 81 6.39 -4.93 -3.64
N GLU A 82 6.96 -4.17 -2.71
CA GLU A 82 7.91 -4.73 -1.77
C GLU A 82 7.19 -5.52 -0.68
N LEU A 83 5.90 -5.23 -0.54
CA LEU A 83 5.08 -5.91 0.45
C LEU A 83 4.60 -7.24 -0.11
N GLY A 84 5.14 -7.59 -1.27
CA GLY A 84 4.77 -8.84 -1.92
C GLY A 84 3.28 -9.13 -1.73
N ALA A 85 2.48 -8.10 -1.93
CA ALA A 85 1.04 -8.23 -1.79
C ALA A 85 0.46 -8.91 -3.04
N GLU A 86 0.16 -10.19 -2.89
CA GLU A 86 -0.39 -10.95 -4.00
C GLU A 86 -1.72 -11.59 -3.59
N GLU A 87 -1.78 -12.01 -2.33
CA GLU A 87 -2.97 -12.64 -1.80
C GLU A 87 -2.64 -13.49 -0.58
N CYS A 88 -3.66 -13.75 0.22
CA CYS A 88 -3.48 -14.54 1.42
C CYS A 88 -3.56 -16.02 1.04
N PHE A 89 -2.45 -16.53 0.55
CA PHE A 89 -2.37 -17.92 0.13
C PHE A 89 -3.01 -18.84 1.18
N SER A 90 -2.67 -18.58 2.43
CA SER A 90 -3.20 -19.36 3.53
C SER A 90 -4.73 -19.45 3.44
N CYS A 91 -5.32 -18.29 3.14
CA CYS A 91 -6.77 -18.21 3.02
C CYS A 91 -7.20 -19.16 1.91
N ASP A 92 -6.31 -19.36 0.95
CA ASP A 92 -6.59 -20.24 -0.17
C ASP A 92 -6.15 -21.67 0.18
N PHE A 93 -5.45 -21.77 1.30
CA PHE A 93 -4.96 -23.06 1.76
C PHE A 93 -5.98 -23.74 2.68
N ASP A 94 -6.44 -24.90 2.25
CA ASP A 94 -7.41 -25.65 3.04
C ASP A 94 -6.92 -25.77 4.48
ZN ZN B . -6.10 -14.84 5.52
N SER A 18 2.43 3.78 9.91
CA SER A 18 3.57 4.38 10.58
C SER A 18 4.24 5.41 9.68
N GLU A 19 4.71 4.93 8.54
CA GLU A 19 5.37 5.80 7.57
C GLU A 19 4.34 6.40 6.61
N ALA A 20 4.70 7.56 6.05
CA ALA A 20 3.82 8.24 5.13
C ALA A 20 3.39 7.27 4.02
N VAL A 21 4.38 6.62 3.43
CA VAL A 21 4.11 5.66 2.38
C VAL A 21 3.13 4.61 2.88
N TYR A 22 3.50 3.97 3.98
CA TYR A 22 2.68 2.93 4.57
C TYR A 22 1.25 3.46 4.83
N ILE A 23 1.16 4.77 4.99
CA ILE A 23 -0.12 5.41 5.24
C ILE A 23 -0.95 5.39 3.97
N ALA A 24 -0.35 5.91 2.90
CA ALA A 24 -1.02 5.96 1.61
C ALA A 24 -1.57 4.57 1.27
N ILE A 25 -0.77 3.56 1.58
CA ILE A 25 -1.15 2.18 1.30
C ILE A 25 -2.15 1.73 2.37
N GLU A 26 -1.96 2.23 3.57
CA GLU A 26 -2.82 1.89 4.69
C GLU A 26 -4.20 2.53 4.51
N ALA A 27 -4.24 3.52 3.63
CA ALA A 27 -5.48 4.22 3.35
C ALA A 27 -6.53 3.23 2.83
N GLY A 28 -6.04 2.07 2.44
CA GLY A 28 -6.92 1.03 1.92
C GLY A 28 -6.50 0.61 0.51
N THR A 29 -5.20 0.46 0.34
CA THR A 29 -4.66 0.07 -0.95
C THR A 29 -4.46 -1.45 -1.01
N LEU A 30 -3.83 -1.97 0.03
CA LEU A 30 -3.56 -3.39 0.13
C LEU A 30 -4.08 -3.92 1.47
N ALA A 31 -4.27 -5.23 1.52
CA ALA A 31 -4.76 -5.87 2.73
C ALA A 31 -3.85 -7.06 3.07
N GLU A 32 -3.97 -7.50 4.31
CA GLU A 32 -3.17 -8.63 4.77
C GLU A 32 -3.93 -9.41 5.85
N CYS A 33 -3.84 -10.72 5.75
CA CYS A 33 -4.51 -11.59 6.72
C CYS A 33 -4.02 -11.22 8.12
N GLU A 34 -4.98 -10.83 8.95
CA GLU A 34 -4.66 -10.45 10.32
C GLU A 34 -4.50 -11.69 11.19
N VAL A 35 -4.67 -12.85 10.57
CA VAL A 35 -4.56 -14.12 11.27
C VAL A 35 -3.26 -14.81 10.84
N HIS A 36 -2.64 -14.24 9.82
CA HIS A 36 -1.40 -14.79 9.30
C HIS A 36 -0.35 -13.68 9.18
N GLU A 37 0.52 -13.62 10.17
CA GLU A 37 1.57 -12.62 10.18
C GLU A 37 2.63 -12.94 9.11
N GLY A 38 2.84 -11.99 8.23
CA GLY A 38 3.80 -12.14 7.16
C GLY A 38 3.11 -12.27 5.80
N THR A 39 1.85 -12.71 5.85
CA THR A 39 1.08 -12.88 4.63
C THR A 39 0.33 -11.58 4.29
N TYR A 40 0.50 -11.16 3.05
CA TYR A 40 -0.15 -9.94 2.59
C TYR A 40 -0.70 -10.12 1.17
N PHE A 41 -1.38 -9.09 0.70
CA PHE A 41 -1.97 -9.11 -0.62
C PHE A 41 -2.54 -7.75 -1.01
N SER A 42 -1.95 -7.15 -2.02
CA SER A 42 -2.39 -5.85 -2.48
C SER A 42 -3.42 -6.01 -3.61
N ASP A 43 -4.35 -5.07 -3.66
CA ASP A 43 -5.39 -5.10 -4.68
C ASP A 43 -4.78 -5.52 -6.01
N SER A 44 -4.88 -6.81 -6.29
CA SER A 44 -4.34 -7.36 -7.52
C SER A 44 -5.22 -6.93 -8.70
N GLY A 45 -4.56 -6.62 -9.80
CA GLY A 45 -5.27 -6.19 -11.00
C GLY A 45 -5.02 -4.71 -11.29
N ASP A 46 -4.78 -3.97 -10.22
CA ASP A 46 -4.52 -2.55 -10.35
C ASP A 46 -3.51 -2.11 -9.28
N ILE A 47 -2.24 -2.35 -9.60
CA ILE A 47 -1.16 -1.99 -8.68
C ILE A 47 -0.99 -0.47 -8.69
N SER A 48 -1.27 0.13 -9.84
CA SER A 48 -1.14 1.58 -9.97
C SER A 48 -2.21 2.28 -9.14
N GLU A 49 -3.29 1.55 -8.89
CA GLU A 49 -4.40 2.09 -8.11
C GLU A 49 -3.90 2.56 -6.74
N ALA A 50 -2.83 1.92 -6.28
CA ALA A 50 -2.25 2.27 -5.00
C ALA A 50 -1.60 3.66 -5.09
N GLU A 51 -0.87 3.86 -6.18
CA GLU A 51 -0.20 5.12 -6.41
C GLU A 51 -1.22 6.26 -6.47
N GLU A 52 -2.29 6.02 -7.20
CA GLU A 52 -3.34 7.01 -7.36
C GLU A 52 -4.02 7.26 -6.01
N LEU A 53 -4.45 6.18 -5.39
CA LEU A 53 -5.11 6.28 -4.10
C LEU A 53 -4.20 6.99 -3.10
N ALA A 54 -2.92 6.70 -3.22
CA ALA A 54 -1.92 7.31 -2.34
C ALA A 54 -1.89 8.81 -2.59
N ARG A 55 -1.98 9.17 -3.86
CA ARG A 55 -1.96 10.58 -4.23
C ARG A 55 -3.19 11.30 -3.69
N GLU A 56 -4.29 10.57 -3.64
CA GLU A 56 -5.54 11.12 -3.13
C GLU A 56 -5.41 11.43 -1.64
N LYS A 57 -5.07 10.40 -0.89
CA LYS A 57 -4.92 10.54 0.56
C LYS A 57 -3.72 11.45 0.84
N PHE A 58 -2.75 11.40 -0.05
CA PHE A 58 -1.55 12.21 0.11
C PHE A 58 -1.86 13.69 -0.10
N GLU A 59 -2.70 13.96 -1.10
CA GLU A 59 -3.08 15.32 -1.42
C GLU A 59 -4.00 15.87 -0.32
N LYS A 60 -4.78 14.97 0.26
CA LYS A 60 -5.71 15.35 1.31
C LYS A 60 -4.96 15.46 2.64
N GLY A 61 -3.66 15.21 2.56
CA GLY A 61 -2.82 15.27 3.75
C GLY A 61 -1.35 15.00 3.39
N GLU A 62 -0.72 16.03 2.82
CA GLU A 62 0.68 15.92 2.44
C GLU A 62 1.57 15.90 3.67
N VAL A 63 2.50 14.95 3.68
CA VAL A 63 3.43 14.82 4.79
C VAL A 63 4.81 14.45 4.26
N SER A 64 5.01 13.15 4.10
CA SER A 64 6.29 12.66 3.60
C SER A 64 7.44 13.30 4.37
N ASN A 65 7.21 13.52 5.65
CA ASN A 65 8.21 14.13 6.50
C ASN A 65 8.96 15.21 5.72
N PHE A 66 8.21 15.89 4.86
CA PHE A 66 8.79 16.95 4.04
C PHE A 66 9.62 16.37 2.90
N ASP A 67 8.93 15.70 1.99
CA ASP A 67 9.59 15.09 0.84
C ASP A 67 8.79 15.41 -0.43
N ASP A 68 9.23 14.82 -1.53
CA ASP A 68 8.56 15.02 -2.81
C ASP A 68 7.35 14.09 -2.90
N VAL A 69 6.35 14.56 -3.62
CA VAL A 69 5.13 13.78 -3.80
C VAL A 69 5.44 12.54 -4.65
N GLU A 70 5.90 12.81 -5.86
CA GLU A 70 6.25 11.73 -6.79
C GLU A 70 7.13 10.70 -6.09
N GLU A 71 7.86 11.17 -5.08
CA GLU A 71 8.74 10.29 -4.33
C GLU A 71 7.93 9.40 -3.39
N LEU A 72 7.06 10.04 -2.62
CA LEU A 72 6.22 9.32 -1.68
C LEU A 72 5.34 8.32 -2.45
N VAL A 73 4.59 8.84 -3.40
CA VAL A 73 3.71 8.02 -4.20
C VAL A 73 4.52 6.88 -4.82
N LYS A 74 5.71 7.22 -5.30
CA LYS A 74 6.58 6.24 -5.93
C LYS A 74 6.93 5.15 -4.90
N LYS A 75 7.05 5.58 -3.65
CA LYS A 75 7.37 4.67 -2.57
C LYS A 75 6.14 3.82 -2.23
N VAL A 76 4.97 4.42 -2.47
CA VAL A 76 3.72 3.75 -2.20
C VAL A 76 3.61 2.51 -3.09
N VAL A 77 3.69 2.75 -4.39
CA VAL A 77 3.60 1.67 -5.36
C VAL A 77 4.81 0.74 -5.20
N ALA A 78 5.93 1.34 -4.84
CA ALA A 78 7.16 0.58 -4.65
C ALA A 78 6.96 -0.40 -3.49
N VAL A 79 6.16 0.02 -2.53
CA VAL A 79 5.88 -0.81 -1.36
C VAL A 79 4.93 -1.93 -1.75
N CYS A 80 3.96 -1.57 -2.58
CA CYS A 80 2.98 -2.55 -3.03
C CYS A 80 3.71 -3.70 -3.71
N GLU A 81 4.56 -3.34 -4.66
CA GLU A 81 5.34 -4.33 -5.39
C GLU A 81 6.40 -4.94 -4.48
N GLU A 82 7.03 -4.07 -3.70
CA GLU A 82 8.08 -4.51 -2.78
C GLU A 82 7.51 -5.51 -1.78
N LEU A 83 6.19 -5.49 -1.64
CA LEU A 83 5.51 -6.39 -0.72
C LEU A 83 5.33 -7.75 -1.38
N GLY A 84 5.46 -7.76 -2.70
CA GLY A 84 5.31 -8.99 -3.46
C GLY A 84 4.29 -9.92 -2.79
N ALA A 85 3.15 -9.34 -2.44
CA ALA A 85 2.09 -10.11 -1.81
C ALA A 85 0.77 -9.81 -2.51
N GLU A 86 0.06 -10.87 -2.87
CA GLU A 86 -1.21 -10.74 -3.54
C GLU A 86 -2.20 -11.79 -3.02
N GLU A 87 -1.86 -12.36 -1.87
CA GLU A 87 -2.70 -13.38 -1.27
C GLU A 87 -2.04 -13.93 0.00
N CYS A 88 -2.87 -14.50 0.87
CA CYS A 88 -2.37 -15.07 2.11
C CYS A 88 -2.40 -16.59 1.98
N PHE A 89 -1.33 -17.12 1.40
CA PHE A 89 -1.21 -18.56 1.22
C PHE A 89 -1.38 -19.29 2.55
N SER A 90 -1.06 -18.59 3.63
CA SER A 90 -1.17 -19.17 4.96
C SER A 90 -2.62 -19.57 5.24
N CYS A 91 -3.51 -19.04 4.40
CA CYS A 91 -4.93 -19.33 4.55
C CYS A 91 -5.12 -20.85 4.47
N ASP A 92 -4.14 -21.51 3.87
CA ASP A 92 -4.19 -22.96 3.74
C ASP A 92 -3.10 -23.58 4.60
N PHE A 93 -2.21 -22.72 5.09
CA PHE A 93 -1.12 -23.18 5.94
C PHE A 93 -1.48 -23.05 7.42
N ASP A 94 -1.73 -24.20 8.03
CA ASP A 94 -2.08 -24.23 9.44
C ASP A 94 -0.92 -24.82 10.24
ZN ZN B . -4.97 -16.04 5.93
N SER A 18 10.52 6.70 7.41
CA SER A 18 9.26 7.38 7.34
C SER A 18 8.10 6.37 7.27
N GLU A 19 7.19 6.51 8.21
CA GLU A 19 6.05 5.61 8.27
C GLU A 19 4.88 6.18 7.46
N ALA A 20 5.02 7.45 7.11
CA ALA A 20 3.99 8.13 6.33
C ALA A 20 3.65 7.28 5.10
N VAL A 21 4.69 6.86 4.40
CA VAL A 21 4.51 6.05 3.20
C VAL A 21 3.66 4.82 3.55
N TYR A 22 4.15 4.08 4.53
CA TYR A 22 3.44 2.87 4.96
C TYR A 22 1.97 3.16 5.21
N ILE A 23 1.70 4.36 5.69
CA ILE A 23 0.33 4.77 5.97
C ILE A 23 -0.39 5.04 4.66
N ALA A 24 0.35 5.54 3.69
CA ALA A 24 -0.20 5.84 2.38
C ALA A 24 -0.61 4.53 1.69
N ILE A 25 0.15 3.49 1.97
CA ILE A 25 -0.11 2.18 1.39
C ILE A 25 -0.97 1.37 2.36
N GLU A 26 -0.91 1.76 3.62
CA GLU A 26 -1.67 1.07 4.66
C GLU A 26 -2.94 1.86 4.98
N ALA A 27 -3.16 2.92 4.23
CA ALA A 27 -4.32 3.76 4.43
C ALA A 27 -5.54 3.10 3.79
N GLY A 28 -5.31 1.92 3.24
CA GLY A 28 -6.37 1.17 2.58
C GLY A 28 -6.02 0.87 1.14
N THR A 29 -4.80 1.23 0.76
CA THR A 29 -4.33 1.01 -0.60
C THR A 29 -4.31 -0.50 -0.90
N LEU A 30 -3.80 -1.25 0.06
CA LEU A 30 -3.72 -2.69 -0.10
C LEU A 30 -4.49 -3.38 1.03
N ALA A 31 -4.60 -4.69 0.92
CA ALA A 31 -5.31 -5.47 1.92
C ALA A 31 -4.47 -6.70 2.30
N GLU A 32 -4.55 -7.07 3.57
CA GLU A 32 -3.82 -8.21 4.07
C GLU A 32 -4.63 -8.96 5.12
N CYS A 33 -4.62 -10.28 5.02
CA CYS A 33 -5.35 -11.11 5.95
C CYS A 33 -4.87 -10.78 7.37
N GLU A 34 -5.79 -10.25 8.16
CA GLU A 34 -5.49 -9.89 9.53
C GLU A 34 -5.51 -11.13 10.43
N VAL A 35 -5.70 -12.27 9.79
CA VAL A 35 -5.76 -13.53 10.52
C VAL A 35 -4.49 -14.33 10.24
N HIS A 36 -3.70 -13.83 9.30
CA HIS A 36 -2.45 -14.48 8.93
C HIS A 36 -1.33 -13.45 8.88
N GLU A 37 -0.47 -13.51 9.89
CA GLU A 37 0.65 -12.59 9.97
C GLU A 37 1.70 -12.94 8.91
N GLY A 38 1.96 -11.97 8.05
CA GLY A 38 2.94 -12.15 6.98
C GLY A 38 2.25 -12.28 5.62
N THR A 39 0.92 -12.41 5.68
CA THR A 39 0.15 -12.54 4.46
C THR A 39 -0.40 -11.17 4.02
N TYR A 40 -0.21 -10.88 2.74
CA TYR A 40 -0.68 -9.62 2.20
C TYR A 40 -1.16 -9.80 0.75
N PHE A 41 -1.82 -8.76 0.25
CA PHE A 41 -2.34 -8.79 -1.10
C PHE A 41 -2.92 -7.43 -1.50
N SER A 42 -2.27 -6.81 -2.48
CA SER A 42 -2.71 -5.51 -2.95
C SER A 42 -3.67 -5.68 -4.14
N ASP A 43 -4.58 -4.74 -4.26
CA ASP A 43 -5.56 -4.77 -5.34
C ASP A 43 -4.87 -5.23 -6.63
N SER A 44 -5.00 -6.51 -6.91
CA SER A 44 -4.40 -7.09 -8.09
C SER A 44 -5.15 -6.62 -9.34
N GLY A 45 -4.37 -6.33 -10.39
CA GLY A 45 -4.96 -5.86 -11.64
C GLY A 45 -4.62 -4.39 -11.88
N ASP A 46 -4.45 -3.67 -10.78
CA ASP A 46 -4.13 -2.25 -10.86
C ASP A 46 -3.22 -1.87 -9.71
N ILE A 47 -1.93 -2.15 -9.89
CA ILE A 47 -0.94 -1.84 -8.87
C ILE A 47 -0.72 -0.32 -8.83
N SER A 48 -0.84 0.30 -10.00
CA SER A 48 -0.65 1.74 -10.11
C SER A 48 -1.79 2.47 -9.40
N GLU A 49 -2.94 1.82 -9.36
CA GLU A 49 -4.11 2.40 -8.72
C GLU A 49 -3.82 2.69 -7.25
N ALA A 50 -2.98 1.85 -6.66
CA ALA A 50 -2.62 2.01 -5.27
C ALA A 50 -1.91 3.35 -5.08
N GLU A 51 -0.98 3.62 -5.99
CA GLU A 51 -0.22 4.86 -5.94
C GLU A 51 -1.16 6.06 -6.13
N GLU A 52 -2.08 5.90 -7.07
CA GLU A 52 -3.04 6.95 -7.37
C GLU A 52 -3.85 7.30 -6.13
N LEU A 53 -4.55 6.30 -5.61
CA LEU A 53 -5.36 6.49 -4.42
C LEU A 53 -4.47 6.89 -3.25
N ALA A 54 -3.22 6.48 -3.33
CA ALA A 54 -2.25 6.79 -2.30
C ALA A 54 -1.97 8.29 -2.30
N ARG A 55 -1.72 8.82 -3.48
CA ARG A 55 -1.44 10.24 -3.63
C ARG A 55 -2.66 11.06 -3.23
N GLU A 56 -3.83 10.52 -3.52
CA GLU A 56 -5.08 11.19 -3.18
C GLU A 56 -5.28 11.22 -1.68
N LYS A 57 -5.22 10.03 -1.08
CA LYS A 57 -5.39 9.91 0.36
C LYS A 57 -4.39 10.82 1.07
N PHE A 58 -3.13 10.66 0.70
CA PHE A 58 -2.07 11.46 1.29
C PHE A 58 -2.23 12.94 0.94
N GLU A 59 -2.67 13.18 -0.29
CA GLU A 59 -2.87 14.53 -0.76
C GLU A 59 -3.82 15.29 0.17
N LYS A 60 -4.86 14.57 0.61
CA LYS A 60 -5.84 15.16 1.50
C LYS A 60 -5.40 14.96 2.94
N GLY A 61 -4.11 14.65 3.10
CA GLY A 61 -3.56 14.44 4.42
C GLY A 61 -2.71 15.63 4.87
N GLU A 62 -1.42 15.37 5.05
CA GLU A 62 -0.50 16.41 5.47
C GLU A 62 0.66 16.52 4.48
N VAL A 63 0.50 17.42 3.54
CA VAL A 63 1.52 17.64 2.53
C VAL A 63 1.56 19.12 2.15
N SER A 64 2.45 19.85 2.82
CA SER A 64 2.60 21.27 2.56
C SER A 64 3.57 21.50 1.41
N ASN A 65 3.85 20.43 0.69
CA ASN A 65 4.75 20.49 -0.44
C ASN A 65 4.04 20.03 -1.71
N PHE A 66 3.28 18.95 -1.56
CA PHE A 66 2.53 18.40 -2.67
C PHE A 66 3.34 18.47 -3.96
N ASP A 67 4.66 18.41 -3.81
CA ASP A 67 5.55 18.48 -4.94
C ASP A 67 6.25 17.13 -5.12
N ASP A 68 6.38 16.42 -4.01
CA ASP A 68 7.01 15.11 -4.02
C ASP A 68 5.95 14.03 -4.23
N VAL A 69 4.84 14.44 -4.83
CA VAL A 69 3.75 13.52 -5.10
C VAL A 69 4.29 12.32 -5.89
N GLU A 70 4.90 12.62 -7.02
CA GLU A 70 5.46 11.58 -7.87
C GLU A 70 6.31 10.62 -7.05
N GLU A 71 7.11 11.20 -6.16
CA GLU A 71 7.98 10.42 -5.31
C GLU A 71 7.16 9.63 -4.29
N LEU A 72 6.06 10.24 -3.86
CA LEU A 72 5.18 9.62 -2.89
C LEU A 72 4.54 8.38 -3.52
N VAL A 73 3.91 8.60 -4.66
CA VAL A 73 3.25 7.52 -5.37
C VAL A 73 4.25 6.38 -5.60
N LYS A 74 5.44 6.76 -6.04
CA LYS A 74 6.48 5.79 -6.30
C LYS A 74 6.81 5.04 -5.02
N LYS A 75 6.78 5.77 -3.92
CA LYS A 75 7.07 5.18 -2.61
C LYS A 75 5.99 4.15 -2.27
N VAL A 76 4.78 4.45 -2.72
CA VAL A 76 3.65 3.57 -2.47
C VAL A 76 3.79 2.31 -3.34
N VAL A 77 4.17 2.53 -4.58
CA VAL A 77 4.35 1.44 -5.52
C VAL A 77 5.52 0.57 -5.08
N ALA A 78 6.52 1.23 -4.50
CA ALA A 78 7.70 0.53 -4.03
C ALA A 78 7.32 -0.35 -2.84
N VAL A 79 6.50 0.21 -1.97
CA VAL A 79 6.06 -0.52 -0.79
C VAL A 79 5.16 -1.68 -1.22
N CYS A 80 4.20 -1.36 -2.08
CA CYS A 80 3.27 -2.36 -2.57
C CYS A 80 4.08 -3.53 -3.14
N GLU A 81 5.14 -3.17 -3.86
CA GLU A 81 5.99 -4.17 -4.47
C GLU A 81 6.87 -4.83 -3.41
N GLU A 82 7.28 -4.02 -2.43
CA GLU A 82 8.12 -4.52 -1.36
C GLU A 82 7.36 -5.56 -0.53
N LEU A 83 6.05 -5.50 -0.62
CA LEU A 83 5.20 -6.43 0.11
C LEU A 83 5.06 -7.73 -0.69
N GLY A 84 5.36 -7.62 -1.97
CA GLY A 84 5.27 -8.78 -2.85
C GLY A 84 4.15 -9.73 -2.40
N ALA A 85 2.95 -9.18 -2.31
CA ALA A 85 1.80 -9.97 -1.89
C ALA A 85 0.58 -9.54 -2.70
N GLU A 86 -0.09 -10.53 -3.26
CA GLU A 86 -1.28 -10.28 -4.06
C GLU A 86 -2.39 -11.26 -3.69
N GLU A 87 -2.27 -11.81 -2.50
CA GLU A 87 -3.25 -12.77 -2.01
C GLU A 87 -2.75 -13.44 -0.73
N CYS A 88 -3.70 -14.05 -0.01
CA CYS A 88 -3.37 -14.73 1.23
C CYS A 88 -3.35 -16.23 0.96
N PHE A 89 -2.15 -16.78 0.94
CA PHE A 89 -1.98 -18.21 0.68
C PHE A 89 -2.30 -19.03 1.95
N SER A 90 -2.08 -18.40 3.09
CA SER A 90 -2.33 -19.04 4.36
C SER A 90 -3.83 -19.31 4.53
N CYS A 91 -4.60 -18.65 3.69
CA CYS A 91 -6.05 -18.81 3.73
C CYS A 91 -6.38 -20.28 3.49
N ASP A 92 -5.49 -20.94 2.75
CA ASP A 92 -5.68 -22.35 2.44
C ASP A 92 -4.92 -23.19 3.47
N PHE A 93 -4.10 -22.51 4.26
CA PHE A 93 -3.32 -23.18 5.29
C PHE A 93 -4.06 -23.19 6.62
N ASP A 94 -4.32 -24.40 7.11
CA ASP A 94 -5.01 -24.55 8.38
C ASP A 94 -4.23 -25.52 9.27
ZN ZN B . -6.06 -15.53 5.16
N SER A 18 9.63 5.64 6.46
CA SER A 18 9.23 4.24 6.58
C SER A 18 7.79 4.16 7.10
N GLU A 19 7.36 5.23 7.74
CA GLU A 19 6.01 5.29 8.29
C GLU A 19 5.06 5.95 7.29
N ALA A 20 5.56 6.99 6.65
CA ALA A 20 4.78 7.71 5.66
C ALA A 20 4.43 6.79 4.51
N VAL A 21 5.32 5.83 4.26
CA VAL A 21 5.12 4.88 3.18
C VAL A 21 4.09 3.83 3.63
N TYR A 22 4.33 3.28 4.81
CA TYR A 22 3.43 2.27 5.35
C TYR A 22 2.03 2.83 5.55
N ILE A 23 1.98 4.11 5.90
CA ILE A 23 0.71 4.78 6.12
C ILE A 23 0.05 5.08 4.78
N ALA A 24 0.87 5.52 3.83
CA ALA A 24 0.39 5.84 2.50
C ALA A 24 -0.15 4.57 1.83
N ILE A 25 0.51 3.45 2.14
CA ILE A 25 0.13 2.17 1.58
C ILE A 25 -0.94 1.54 2.47
N GLU A 26 -0.95 1.96 3.72
CA GLU A 26 -1.92 1.44 4.68
C GLU A 26 -3.11 2.40 4.80
N ALA A 27 -3.05 3.47 4.03
CA ALA A 27 -4.10 4.47 4.04
C ALA A 27 -5.27 3.98 3.17
N GLY A 28 -5.13 2.75 2.68
CA GLY A 28 -6.15 2.15 1.84
C GLY A 28 -5.60 1.85 0.44
N THR A 29 -4.33 1.52 0.40
CA THR A 29 -3.67 1.21 -0.86
C THR A 29 -3.71 -0.30 -1.12
N LEU A 30 -3.33 -1.06 -0.10
CA LEU A 30 -3.32 -2.51 -0.22
C LEU A 30 -4.21 -3.10 0.88
N ALA A 31 -4.36 -4.42 0.82
CA ALA A 31 -5.18 -5.11 1.79
C ALA A 31 -4.38 -6.28 2.39
N GLU A 32 -4.54 -6.45 3.69
CA GLU A 32 -3.84 -7.51 4.40
C GLU A 32 -4.76 -8.17 5.43
N CYS A 33 -4.78 -9.49 5.39
CA CYS A 33 -5.61 -10.25 6.32
C CYS A 33 -5.19 -9.90 7.74
N GLU A 34 -6.18 -9.75 8.61
CA GLU A 34 -5.93 -9.42 9.99
C GLU A 34 -6.08 -10.66 10.88
N VAL A 35 -5.99 -11.82 10.23
CA VAL A 35 -6.12 -13.08 10.95
C VAL A 35 -4.74 -13.73 11.07
N HIS A 36 -3.94 -13.54 10.04
CA HIS A 36 -2.59 -14.10 10.03
C HIS A 36 -1.61 -13.05 9.49
N GLU A 37 -0.69 -12.67 10.36
CA GLU A 37 0.32 -11.68 9.98
C GLU A 37 1.31 -12.28 8.98
N GLY A 38 1.75 -11.44 8.06
CA GLY A 38 2.70 -11.86 7.05
C GLY A 38 2.03 -11.98 5.68
N THR A 39 0.75 -12.33 5.71
CA THR A 39 -0.03 -12.48 4.50
C THR A 39 -0.59 -11.13 4.05
N TYR A 40 -0.27 -10.76 2.82
CA TYR A 40 -0.74 -9.50 2.27
C TYR A 40 -1.18 -9.67 0.82
N PHE A 41 -1.80 -8.62 0.30
CA PHE A 41 -2.27 -8.64 -1.08
C PHE A 41 -2.81 -7.26 -1.48
N SER A 42 -2.14 -6.66 -2.45
CA SER A 42 -2.54 -5.35 -2.95
C SER A 42 -3.53 -5.51 -4.11
N ASP A 43 -4.41 -4.53 -4.22
CA ASP A 43 -5.41 -4.55 -5.28
C ASP A 43 -4.78 -5.07 -6.57
N SER A 44 -4.95 -6.35 -6.80
CA SER A 44 -4.40 -6.99 -8.00
C SER A 44 -5.18 -6.52 -9.24
N GLY A 45 -4.43 -6.27 -10.30
CA GLY A 45 -5.04 -5.83 -11.54
C GLY A 45 -4.72 -4.35 -11.82
N ASP A 46 -4.52 -3.62 -10.73
CA ASP A 46 -4.20 -2.20 -10.84
C ASP A 46 -3.24 -1.81 -9.72
N ILE A 47 -1.96 -2.06 -9.99
CA ILE A 47 -0.92 -1.74 -9.02
C ILE A 47 -0.74 -0.23 -8.96
N SER A 48 -0.82 0.40 -10.12
CA SER A 48 -0.66 1.84 -10.21
C SER A 48 -1.86 2.54 -9.57
N GLU A 49 -3.00 1.85 -9.61
CA GLU A 49 -4.22 2.38 -9.03
C GLU A 49 -4.03 2.68 -7.54
N ALA A 50 -3.18 1.86 -6.91
CA ALA A 50 -2.91 2.03 -5.50
C ALA A 50 -2.14 3.32 -5.28
N GLU A 51 -1.35 3.68 -6.29
CA GLU A 51 -0.55 4.90 -6.23
C GLU A 51 -1.45 6.13 -6.40
N GLU A 52 -2.36 6.03 -7.36
CA GLU A 52 -3.28 7.11 -7.64
C GLU A 52 -4.17 7.38 -6.43
N LEU A 53 -4.64 6.31 -5.83
CA LEU A 53 -5.49 6.42 -4.66
C LEU A 53 -4.66 6.88 -3.46
N ALA A 54 -3.41 6.46 -3.45
CA ALA A 54 -2.51 6.81 -2.37
C ALA A 54 -2.13 8.29 -2.50
N ARG A 55 -2.03 8.73 -3.74
CA ARG A 55 -1.69 10.13 -4.01
C ARG A 55 -2.80 11.06 -3.54
N GLU A 56 -4.03 10.67 -3.85
CA GLU A 56 -5.19 11.45 -3.47
C GLU A 56 -5.51 11.24 -1.99
N LYS A 57 -5.23 10.03 -1.52
CA LYS A 57 -5.48 9.69 -0.13
C LYS A 57 -4.63 10.59 0.77
N PHE A 58 -3.33 10.59 0.51
CA PHE A 58 -2.41 11.39 1.28
C PHE A 58 -2.57 12.88 0.95
N GLU A 59 -2.82 13.16 -0.32
CA GLU A 59 -3.00 14.53 -0.76
C GLU A 59 -4.11 15.20 0.04
N LYS A 60 -5.15 14.44 0.34
CA LYS A 60 -6.27 14.95 1.09
C LYS A 60 -6.39 14.17 2.40
N GLY A 61 -5.30 13.49 2.76
CA GLY A 61 -5.28 12.70 3.98
C GLY A 61 -4.46 13.41 5.06
N GLU A 62 -3.49 12.67 5.61
CA GLU A 62 -2.64 13.20 6.64
C GLU A 62 -1.16 13.01 6.27
N VAL A 63 -0.46 14.14 6.20
CA VAL A 63 0.95 14.12 5.85
C VAL A 63 1.75 14.84 6.93
N SER A 64 2.61 14.09 7.59
CA SER A 64 3.45 14.65 8.64
C SER A 64 3.86 16.08 8.27
N ASN A 65 4.77 16.17 7.31
CA ASN A 65 5.26 17.45 6.87
C ASN A 65 4.90 17.65 5.39
N PHE A 66 5.36 16.71 4.58
CA PHE A 66 5.09 16.77 3.14
C PHE A 66 5.76 15.60 2.41
N ASP A 67 5.54 15.56 1.10
CA ASP A 67 6.11 14.51 0.29
C ASP A 67 5.53 14.60 -1.13
N ASP A 68 6.42 14.87 -2.08
CA ASP A 68 6.01 14.99 -3.47
C ASP A 68 4.99 13.89 -3.78
N VAL A 69 4.09 14.22 -4.70
CA VAL A 69 3.05 13.27 -5.11
C VAL A 69 3.70 12.10 -5.84
N GLU A 70 4.65 12.43 -6.70
CA GLU A 70 5.36 11.42 -7.46
C GLU A 70 6.29 10.61 -6.55
N GLU A 71 6.75 11.27 -5.50
CA GLU A 71 7.64 10.63 -4.55
C GLU A 71 6.86 9.64 -3.68
N LEU A 72 5.75 10.12 -3.15
CA LEU A 72 4.91 9.28 -2.30
C LEU A 72 4.42 8.08 -3.10
N VAL A 73 3.78 8.38 -4.23
CA VAL A 73 3.26 7.33 -5.10
C VAL A 73 4.36 6.29 -5.35
N LYS A 74 5.52 6.79 -5.74
CA LYS A 74 6.65 5.92 -6.02
C LYS A 74 6.97 5.09 -4.78
N LYS A 75 6.76 5.70 -3.62
CA LYS A 75 7.02 5.05 -2.36
C LYS A 75 5.90 4.04 -2.07
N VAL A 76 4.72 4.36 -2.59
CA VAL A 76 3.57 3.50 -2.39
C VAL A 76 3.72 2.23 -3.24
N VAL A 77 4.11 2.46 -4.49
CA VAL A 77 4.31 1.35 -5.43
C VAL A 77 5.49 0.50 -4.97
N ALA A 78 6.48 1.19 -4.42
CA ALA A 78 7.68 0.51 -3.93
C ALA A 78 7.32 -0.38 -2.75
N VAL A 79 6.50 0.18 -1.86
CA VAL A 79 6.06 -0.56 -0.68
C VAL A 79 5.20 -1.74 -1.12
N CYS A 80 4.23 -1.44 -1.98
CA CYS A 80 3.33 -2.47 -2.48
C CYS A 80 4.15 -3.54 -3.18
N GLU A 81 5.17 -3.09 -3.92
CA GLU A 81 6.04 -4.00 -4.64
C GLU A 81 6.99 -4.69 -3.67
N GLU A 82 7.30 -3.99 -2.58
CA GLU A 82 8.20 -4.53 -1.58
C GLU A 82 7.47 -5.58 -0.72
N LEU A 83 6.16 -5.50 -0.74
CA LEU A 83 5.33 -6.42 0.03
C LEU A 83 5.14 -7.71 -0.79
N GLY A 84 5.38 -7.59 -2.09
CA GLY A 84 5.23 -8.73 -2.98
C GLY A 84 4.09 -9.65 -2.51
N ALA A 85 2.97 -9.03 -2.20
CA ALA A 85 1.81 -9.77 -1.75
C ALA A 85 0.61 -9.45 -2.64
N GLU A 86 -0.09 -10.49 -3.05
CA GLU A 86 -1.25 -10.34 -3.90
C GLU A 86 -2.33 -11.35 -3.52
N GLU A 87 -2.19 -11.90 -2.33
CA GLU A 87 -3.14 -12.89 -1.84
C GLU A 87 -2.55 -13.67 -0.67
N CYS A 88 -3.42 -14.12 0.21
CA CYS A 88 -3.00 -14.87 1.38
C CYS A 88 -3.40 -16.33 1.17
N PHE A 89 -2.42 -17.22 1.34
CA PHE A 89 -2.65 -18.64 1.17
C PHE A 89 -3.11 -19.27 2.48
N SER A 90 -3.01 -18.49 3.55
CA SER A 90 -3.41 -18.96 4.86
C SER A 90 -4.90 -19.27 4.88
N CYS A 91 -5.67 -18.39 4.24
CA CYS A 91 -7.11 -18.54 4.17
C CYS A 91 -7.41 -19.86 3.46
N ASP A 92 -6.40 -20.37 2.77
CA ASP A 92 -6.55 -21.62 2.04
C ASP A 92 -5.68 -22.70 2.70
N PHE A 93 -4.83 -22.25 3.61
CA PHE A 93 -3.94 -23.15 4.32
C PHE A 93 -4.68 -23.86 5.46
N ASP A 94 -4.49 -25.17 5.51
CA ASP A 94 -5.13 -25.98 6.54
C ASP A 94 -4.14 -27.05 7.03
ZN ZN B . -6.38 -14.51 4.94
N SER A 18 5.34 4.24 12.13
CA SER A 18 4.67 4.17 10.83
C SER A 18 5.37 5.11 9.85
N GLU A 19 5.40 4.68 8.60
CA GLU A 19 6.02 5.47 7.55
C GLU A 19 4.95 6.12 6.67
N ALA A 20 5.33 7.23 6.05
CA ALA A 20 4.42 7.94 5.18
C ALA A 20 3.82 6.98 4.16
N VAL A 21 4.72 6.25 3.50
CA VAL A 21 4.30 5.28 2.49
C VAL A 21 3.30 4.31 3.11
N TYR A 22 3.72 3.69 4.21
CA TYR A 22 2.87 2.74 4.90
C TYR A 22 1.50 3.34 5.20
N ILE A 23 1.49 4.66 5.35
CA ILE A 23 0.25 5.37 5.64
C ILE A 23 -0.63 5.35 4.39
N ALA A 24 -0.07 5.82 3.29
CA ALA A 24 -0.79 5.87 2.03
C ALA A 24 -1.46 4.52 1.78
N ILE A 25 -0.67 3.47 1.95
CA ILE A 25 -1.16 2.11 1.74
C ILE A 25 -2.20 1.79 2.82
N GLU A 26 -1.96 2.32 4.01
CA GLU A 26 -2.86 2.09 5.12
C GLU A 26 -4.17 2.85 4.91
N ALA A 27 -4.12 3.82 4.01
CA ALA A 27 -5.29 4.62 3.71
C ALA A 27 -6.36 3.73 3.08
N GLY A 28 -5.91 2.67 2.43
CA GLY A 28 -6.82 1.73 1.78
C GLY A 28 -6.36 1.42 0.36
N THR A 29 -5.04 1.39 0.19
CA THR A 29 -4.46 1.11 -1.11
C THR A 29 -4.07 -0.37 -1.21
N LEU A 30 -3.75 -0.95 -0.06
CA LEU A 30 -3.36 -2.34 0.00
C LEU A 30 -4.32 -3.09 0.93
N ALA A 31 -4.20 -4.41 0.90
CA ALA A 31 -5.05 -5.25 1.73
C ALA A 31 -4.27 -6.51 2.13
N GLU A 32 -4.42 -6.88 3.40
CA GLU A 32 -3.73 -8.04 3.92
C GLU A 32 -4.56 -8.70 5.03
N CYS A 33 -4.51 -10.01 5.07
CA CYS A 33 -5.25 -10.76 6.08
C CYS A 33 -4.80 -10.27 7.47
N GLU A 34 -5.78 -10.03 8.33
CA GLU A 34 -5.49 -9.57 9.68
C GLU A 34 -5.36 -10.77 10.63
N VAL A 35 -5.56 -11.95 10.07
CA VAL A 35 -5.48 -13.17 10.86
C VAL A 35 -4.21 -13.93 10.47
N HIS A 36 -3.57 -13.45 9.42
CA HIS A 36 -2.34 -14.07 8.94
C HIS A 36 -1.23 -13.02 8.88
N GLU A 37 -0.40 -13.02 9.91
CA GLU A 37 0.71 -12.09 9.98
C GLU A 37 1.79 -12.46 8.97
N GLY A 38 2.07 -11.53 8.07
CA GLY A 38 3.07 -11.75 7.05
C GLY A 38 2.44 -11.89 5.67
N THR A 39 1.18 -12.34 5.67
CA THR A 39 0.45 -12.52 4.43
C THR A 39 -0.26 -11.22 4.04
N TYR A 40 0.00 -10.79 2.81
CA TYR A 40 -0.59 -9.58 2.30
C TYR A 40 -0.99 -9.73 0.82
N PHE A 41 -1.59 -8.68 0.29
CA PHE A 41 -2.02 -8.69 -1.10
C PHE A 41 -2.52 -7.30 -1.53
N SER A 42 -1.86 -6.76 -2.55
CA SER A 42 -2.22 -5.46 -3.06
C SER A 42 -3.27 -5.60 -4.16
N ASP A 43 -4.17 -4.63 -4.22
CA ASP A 43 -5.23 -4.63 -5.21
C ASP A 43 -4.67 -5.12 -6.54
N SER A 44 -4.90 -6.40 -6.81
CA SER A 44 -4.43 -7.00 -8.05
C SER A 44 -5.22 -6.46 -9.24
N GLY A 45 -4.50 -6.17 -10.31
CA GLY A 45 -5.12 -5.65 -11.52
C GLY A 45 -4.76 -4.18 -11.73
N ASP A 46 -4.51 -3.50 -10.62
CA ASP A 46 -4.15 -2.10 -10.66
C ASP A 46 -3.15 -1.79 -9.55
N ILE A 47 -1.89 -2.05 -9.85
CA ILE A 47 -0.82 -1.81 -8.90
C ILE A 47 -0.62 -0.30 -8.74
N SER A 48 -0.90 0.41 -9.81
CA SER A 48 -0.75 1.87 -9.80
C SER A 48 -1.86 2.50 -8.96
N GLU A 49 -2.97 1.78 -8.86
CA GLU A 49 -4.10 2.27 -8.08
C GLU A 49 -3.69 2.50 -6.64
N ALA A 50 -2.68 1.75 -6.21
CA ALA A 50 -2.18 1.87 -4.85
C ALA A 50 -1.63 3.28 -4.64
N GLU A 51 -0.77 3.69 -5.57
CA GLU A 51 -0.16 5.00 -5.50
C GLU A 51 -1.21 6.10 -5.74
N GLU A 52 -2.20 5.74 -6.54
CA GLU A 52 -3.27 6.67 -6.87
C GLU A 52 -4.02 7.07 -5.59
N LEU A 53 -4.47 6.07 -4.86
CA LEU A 53 -5.20 6.30 -3.63
C LEU A 53 -4.24 6.86 -2.57
N ALA A 54 -2.97 6.51 -2.72
CA ALA A 54 -1.96 6.96 -1.79
C ALA A 54 -1.81 8.48 -1.91
N ARG A 55 -1.52 8.92 -3.13
CA ARG A 55 -1.35 10.34 -3.38
C ARG A 55 -2.63 11.10 -3.06
N GLU A 56 -3.75 10.49 -3.42
CA GLU A 56 -5.05 11.09 -3.17
C GLU A 56 -5.27 11.27 -1.66
N LYS A 57 -5.15 10.16 -0.95
CA LYS A 57 -5.33 10.17 0.49
C LYS A 57 -4.40 11.20 1.12
N PHE A 58 -3.12 11.08 0.78
CA PHE A 58 -2.12 11.98 1.30
C PHE A 58 -2.35 13.40 0.80
N GLU A 59 -2.94 13.50 -0.38
CA GLU A 59 -3.24 14.79 -0.98
C GLU A 59 -4.34 15.50 -0.19
N LYS A 60 -5.20 14.69 0.41
CA LYS A 60 -6.31 15.22 1.20
C LYS A 60 -5.81 15.58 2.60
N GLY A 61 -4.51 15.43 2.78
CA GLY A 61 -3.89 15.73 4.07
C GLY A 61 -2.38 15.95 3.91
N GLU A 62 -2.02 17.21 3.73
CA GLU A 62 -0.62 17.58 3.57
C GLU A 62 0.21 17.04 4.74
N VAL A 63 1.19 16.23 4.39
CA VAL A 63 2.07 15.65 5.40
C VAL A 63 3.17 16.65 5.76
N SER A 64 3.94 16.27 6.77
CA SER A 64 5.03 17.13 7.22
C SER A 64 6.32 16.79 6.44
N ASN A 65 6.41 15.54 6.03
CA ASN A 65 7.57 15.08 5.29
C ASN A 65 7.26 15.12 3.78
N PHE A 66 6.26 15.92 3.44
CA PHE A 66 5.85 16.06 2.05
C PHE A 66 7.06 16.34 1.15
N ASP A 67 7.51 15.28 0.48
CA ASP A 67 8.65 15.40 -0.41
C ASP A 67 8.16 15.76 -1.82
N ASP A 68 7.42 14.84 -2.39
CA ASP A 68 6.88 15.04 -3.73
C ASP A 68 5.87 13.93 -4.05
N VAL A 69 4.92 14.27 -4.90
CA VAL A 69 3.90 13.32 -5.29
C VAL A 69 4.55 12.10 -5.94
N GLU A 70 5.31 12.36 -6.99
CA GLU A 70 6.00 11.29 -7.71
C GLU A 70 6.75 10.39 -6.71
N GLU A 71 7.19 11.01 -5.63
CA GLU A 71 7.92 10.28 -4.61
C GLU A 71 6.96 9.41 -3.79
N LEU A 72 5.89 10.05 -3.33
CA LEU A 72 4.89 9.35 -2.54
C LEU A 72 4.35 8.17 -3.33
N VAL A 73 3.86 8.49 -4.53
CA VAL A 73 3.30 7.48 -5.40
C VAL A 73 4.37 6.41 -5.68
N LYS A 74 5.59 6.86 -5.87
CA LYS A 74 6.70 5.97 -6.15
C LYS A 74 6.97 5.12 -4.91
N LYS A 75 6.72 5.72 -3.74
CA LYS A 75 6.94 5.02 -2.49
C LYS A 75 5.84 3.98 -2.29
N VAL A 76 4.68 4.27 -2.85
CA VAL A 76 3.55 3.36 -2.75
C VAL A 76 3.80 2.12 -3.59
N VAL A 77 4.05 2.36 -4.87
CA VAL A 77 4.33 1.28 -5.81
C VAL A 77 5.55 0.50 -5.32
N ALA A 78 6.49 1.23 -4.75
CA ALA A 78 7.71 0.62 -4.25
C ALA A 78 7.36 -0.39 -3.15
N VAL A 79 6.55 0.06 -2.21
CA VAL A 79 6.13 -0.79 -1.10
C VAL A 79 5.22 -1.89 -1.64
N CYS A 80 4.45 -1.55 -2.66
CA CYS A 80 3.53 -2.50 -3.25
C CYS A 80 4.34 -3.70 -3.74
N GLU A 81 5.43 -3.40 -4.44
CA GLU A 81 6.29 -4.45 -4.95
C GLU A 81 7.12 -5.07 -3.82
N GLU A 82 7.49 -4.22 -2.87
CA GLU A 82 8.27 -4.67 -1.73
C GLU A 82 7.44 -5.62 -0.86
N LEU A 83 6.13 -5.54 -1.03
CA LEU A 83 5.22 -6.38 -0.27
C LEU A 83 5.13 -7.76 -0.94
N GLY A 84 5.51 -7.80 -2.21
CA GLY A 84 5.48 -9.04 -2.96
C GLY A 84 4.33 -9.94 -2.48
N ALA A 85 3.20 -9.30 -2.19
CA ALA A 85 2.03 -10.03 -1.73
C ALA A 85 0.83 -9.65 -2.60
N GLU A 86 0.08 -10.68 -2.99
CA GLU A 86 -1.09 -10.47 -3.83
C GLU A 86 -2.17 -11.51 -3.49
N GLU A 87 -2.06 -12.06 -2.29
CA GLU A 87 -3.01 -13.06 -1.84
C GLU A 87 -2.56 -13.66 -0.50
N CYS A 88 -3.54 -14.09 0.27
CA CYS A 88 -3.27 -14.67 1.58
C CYS A 88 -3.47 -16.19 1.47
N PHE A 89 -2.45 -16.86 0.94
CA PHE A 89 -2.50 -18.29 0.78
C PHE A 89 -2.73 -18.99 2.13
N SER A 90 -2.24 -18.35 3.18
CA SER A 90 -2.39 -18.88 4.51
C SER A 90 -3.87 -19.06 4.86
N CYS A 91 -4.71 -18.46 4.03
CA CYS A 91 -6.15 -18.53 4.23
C CYS A 91 -6.54 -20.01 4.30
N ASP A 92 -5.92 -20.79 3.44
CA ASP A 92 -6.20 -22.22 3.38
C ASP A 92 -5.28 -22.94 4.38
N PHE A 93 -4.31 -22.21 4.88
CA PHE A 93 -3.36 -22.77 5.84
C PHE A 93 -3.93 -22.71 7.26
N ASP A 94 -4.03 -23.89 7.87
CA ASP A 94 -4.54 -23.99 9.22
C ASP A 94 -3.62 -23.24 10.18
ZN ZN B . -5.92 -15.20 5.45
N SER A 18 9.74 7.84 6.63
CA SER A 18 10.13 6.45 6.79
C SER A 18 8.88 5.56 6.89
N GLU A 19 7.96 6.00 7.73
CA GLU A 19 6.72 5.26 7.92
C GLU A 19 5.57 5.95 7.19
N ALA A 20 5.83 7.17 6.75
CA ALA A 20 4.83 7.94 6.04
C ALA A 20 4.27 7.10 4.89
N VAL A 21 5.18 6.57 4.08
CA VAL A 21 4.80 5.74 2.95
C VAL A 21 3.90 4.61 3.44
N TYR A 22 4.43 3.83 4.37
CA TYR A 22 3.69 2.71 4.93
C TYR A 22 2.28 3.14 5.34
N ILE A 23 2.17 4.39 5.75
CA ILE A 23 0.89 4.93 6.18
C ILE A 23 0.03 5.22 4.95
N ALA A 24 0.70 5.59 3.87
CA ALA A 24 0.01 5.90 2.62
C ALA A 24 -0.53 4.59 2.02
N ILE A 25 0.32 3.58 2.01
CA ILE A 25 -0.05 2.29 1.46
C ILE A 25 -1.09 1.64 2.37
N GLU A 26 -0.97 1.92 3.66
CA GLU A 26 -1.89 1.38 4.65
C GLU A 26 -3.12 2.27 4.77
N ALA A 27 -2.99 3.47 4.24
CA ALA A 27 -4.08 4.43 4.28
C ALA A 27 -5.34 3.79 3.67
N GLY A 28 -5.12 2.86 2.77
CA GLY A 28 -6.21 2.17 2.11
C GLY A 28 -5.87 1.88 0.65
N THR A 29 -4.62 1.50 0.42
CA THR A 29 -4.16 1.19 -0.92
C THR A 29 -4.26 -0.31 -1.17
N LEU A 30 -3.74 -1.08 -0.23
CA LEU A 30 -3.76 -2.53 -0.35
C LEU A 30 -4.50 -3.13 0.85
N ALA A 31 -4.67 -4.43 0.81
CA ALA A 31 -5.36 -5.13 1.88
C ALA A 31 -4.53 -6.36 2.30
N GLU A 32 -4.69 -6.72 3.56
CA GLU A 32 -3.96 -7.87 4.10
C GLU A 32 -4.77 -8.52 5.22
N CYS A 33 -4.70 -9.85 5.27
CA CYS A 33 -5.42 -10.60 6.28
C CYS A 33 -4.97 -10.11 7.66
N GLU A 34 -5.95 -9.71 8.45
CA GLU A 34 -5.68 -9.21 9.79
C GLU A 34 -5.57 -10.38 10.78
N VAL A 35 -5.76 -11.58 10.26
CA VAL A 35 -5.69 -12.77 11.08
C VAL A 35 -4.40 -13.53 10.75
N HIS A 36 -3.74 -13.07 9.71
CA HIS A 36 -2.49 -13.70 9.27
C HIS A 36 -1.40 -12.64 9.14
N GLU A 37 -0.58 -12.54 10.18
CA GLU A 37 0.50 -11.57 10.20
C GLU A 37 1.61 -12.00 9.23
N GLY A 38 1.91 -11.11 8.30
CA GLY A 38 2.95 -11.38 7.31
C GLY A 38 2.34 -11.57 5.92
N THR A 39 1.06 -11.92 5.91
CA THR A 39 0.35 -12.15 4.66
C THR A 39 -0.34 -10.86 4.21
N TYR A 40 -0.11 -10.50 2.95
CA TYR A 40 -0.70 -9.29 2.39
C TYR A 40 -1.16 -9.54 0.96
N PHE A 41 -1.80 -8.53 0.40
CA PHE A 41 -2.30 -8.61 -0.96
C PHE A 41 -2.86 -7.26 -1.43
N SER A 42 -2.18 -6.69 -2.42
CA SER A 42 -2.58 -5.41 -2.96
C SER A 42 -3.49 -5.62 -4.17
N ASP A 43 -4.36 -4.64 -4.40
CA ASP A 43 -5.28 -4.71 -5.52
C ASP A 43 -4.56 -5.26 -6.75
N SER A 44 -4.66 -6.57 -6.91
CA SER A 44 -4.03 -7.24 -8.03
C SER A 44 -4.77 -6.91 -9.33
N GLY A 45 -4.00 -6.67 -10.38
CA GLY A 45 -4.56 -6.34 -11.67
C GLY A 45 -4.34 -4.87 -12.02
N ASP A 46 -4.29 -4.05 -10.97
CA ASP A 46 -4.07 -2.62 -11.15
C ASP A 46 -3.30 -2.08 -9.96
N ILE A 47 -1.98 -2.25 -10.02
CA ILE A 47 -1.11 -1.78 -8.95
C ILE A 47 -0.99 -0.26 -9.02
N SER A 48 -1.10 0.25 -10.25
CA SER A 48 -1.01 1.68 -10.46
C SER A 48 -2.12 2.41 -9.69
N GLU A 49 -3.27 1.74 -9.62
CA GLU A 49 -4.42 2.31 -8.91
C GLU A 49 -4.06 2.57 -7.45
N ALA A 50 -3.19 1.71 -6.93
CA ALA A 50 -2.76 1.84 -5.54
C ALA A 50 -1.92 3.10 -5.39
N GLU A 51 -0.98 3.28 -6.32
CA GLU A 51 -0.11 4.43 -6.29
C GLU A 51 -0.93 5.72 -6.33
N GLU A 52 -1.78 5.81 -7.35
CA GLU A 52 -2.62 6.98 -7.52
C GLU A 52 -3.61 7.09 -6.36
N LEU A 53 -4.08 5.93 -5.92
CA LEU A 53 -5.03 5.88 -4.83
C LEU A 53 -4.40 6.49 -3.58
N ALA A 54 -3.15 6.13 -3.35
CA ALA A 54 -2.42 6.64 -2.19
C ALA A 54 -2.14 8.12 -2.39
N ARG A 55 -1.75 8.46 -3.62
CA ARG A 55 -1.45 9.85 -3.95
C ARG A 55 -2.59 10.76 -3.52
N GLU A 56 -3.81 10.36 -3.87
CA GLU A 56 -4.99 11.13 -3.52
C GLU A 56 -5.36 10.91 -2.05
N LYS A 57 -5.09 9.70 -1.60
CA LYS A 57 -5.39 9.34 -0.21
C LYS A 57 -4.69 10.32 0.73
N PHE A 58 -3.39 10.47 0.50
CA PHE A 58 -2.60 11.38 1.32
C PHE A 58 -2.95 12.84 1.02
N GLU A 59 -3.08 13.13 -0.27
CA GLU A 59 -3.41 14.47 -0.71
C GLU A 59 -4.85 14.82 -0.31
N LYS A 60 -5.58 13.79 0.07
CA LYS A 60 -6.97 13.98 0.47
C LYS A 60 -7.03 14.45 1.92
N GLY A 61 -5.90 14.29 2.61
CA GLY A 61 -5.80 14.69 3.99
C GLY A 61 -4.42 15.27 4.31
N GLU A 62 -3.68 14.56 5.15
CA GLU A 62 -2.35 14.99 5.53
C GLU A 62 -1.33 13.90 5.20
N VAL A 63 -0.07 14.30 5.17
CA VAL A 63 1.01 13.38 4.87
C VAL A 63 2.30 13.88 5.51
N SER A 64 2.99 12.97 6.18
CA SER A 64 4.23 13.31 6.84
C SER A 64 5.42 12.98 5.93
N ASN A 65 5.15 12.13 4.95
CA ASN A 65 6.18 11.74 4.00
C ASN A 65 7.03 12.96 3.64
N PHE A 66 6.40 14.12 3.68
CA PHE A 66 7.08 15.36 3.36
C PHE A 66 7.88 15.22 2.07
N ASP A 67 7.21 14.72 1.04
CA ASP A 67 7.84 14.53 -0.25
C ASP A 67 6.83 14.82 -1.36
N ASP A 68 7.35 15.03 -2.56
CA ASP A 68 6.51 15.31 -3.71
C ASP A 68 5.52 14.16 -3.91
N VAL A 69 4.36 14.49 -4.44
CA VAL A 69 3.32 13.50 -4.68
C VAL A 69 3.94 12.32 -5.44
N GLU A 70 4.86 12.65 -6.33
CA GLU A 70 5.52 11.63 -7.14
C GLU A 70 6.38 10.73 -6.24
N GLU A 71 6.90 11.34 -5.18
CA GLU A 71 7.74 10.61 -4.25
C GLU A 71 6.89 9.65 -3.40
N LEU A 72 5.70 10.13 -3.04
CA LEU A 72 4.79 9.33 -2.23
C LEU A 72 4.29 8.15 -3.07
N VAL A 73 3.75 8.47 -4.23
CA VAL A 73 3.23 7.45 -5.13
C VAL A 73 4.32 6.39 -5.37
N LYS A 74 5.47 6.87 -5.80
CA LYS A 74 6.59 5.98 -6.07
C LYS A 74 6.93 5.19 -4.81
N LYS A 75 6.70 5.82 -3.67
CA LYS A 75 6.98 5.19 -2.39
C LYS A 75 5.89 4.16 -2.09
N VAL A 76 4.69 4.45 -2.58
CA VAL A 76 3.57 3.55 -2.39
C VAL A 76 3.72 2.32 -3.27
N VAL A 77 4.19 2.57 -4.49
CA VAL A 77 4.40 1.49 -5.45
C VAL A 77 5.60 0.66 -5.02
N ALA A 78 6.58 1.34 -4.42
CA ALA A 78 7.78 0.67 -3.96
C ALA A 78 7.43 -0.31 -2.85
N VAL A 79 6.68 0.20 -1.88
CA VAL A 79 6.26 -0.61 -0.75
C VAL A 79 5.30 -1.70 -1.23
N CYS A 80 4.31 -1.26 -2.01
CA CYS A 80 3.32 -2.18 -2.55
C CYS A 80 4.05 -3.33 -3.24
N GLU A 81 4.98 -2.95 -4.11
CA GLU A 81 5.76 -3.93 -4.85
C GLU A 81 6.72 -4.68 -3.91
N GLU A 82 7.15 -3.96 -2.87
CA GLU A 82 8.06 -4.52 -1.90
C GLU A 82 7.34 -5.59 -1.07
N LEU A 83 6.03 -5.50 -1.05
CA LEU A 83 5.22 -6.44 -0.29
C LEU A 83 4.98 -7.70 -1.14
N GLY A 84 5.17 -7.53 -2.44
CA GLY A 84 4.98 -8.64 -3.37
C GLY A 84 3.89 -9.60 -2.86
N ALA A 85 2.85 -9.02 -2.31
CA ALA A 85 1.75 -9.81 -1.78
C ALA A 85 0.50 -9.58 -2.65
N GLU A 86 -0.18 -10.67 -2.94
CA GLU A 86 -1.39 -10.60 -3.76
C GLU A 86 -2.44 -11.56 -3.22
N GLU A 87 -2.26 -11.95 -1.97
CA GLU A 87 -3.19 -12.87 -1.33
C GLU A 87 -2.61 -13.39 -0.02
N CYS A 88 -3.50 -13.85 0.85
CA CYS A 88 -3.09 -14.37 2.15
C CYS A 88 -3.15 -15.90 2.09
N PHE A 89 -2.07 -16.49 1.61
CA PHE A 89 -1.99 -17.93 1.49
C PHE A 89 -2.25 -18.60 2.86
N SER A 90 -1.94 -17.86 3.91
CA SER A 90 -2.14 -18.37 5.25
C SER A 90 -3.61 -18.72 5.48
N CYS A 91 -4.44 -18.22 4.58
CA CYS A 91 -5.87 -18.46 4.66
C CYS A 91 -6.09 -19.98 4.68
N ASP A 92 -5.30 -20.67 3.86
CA ASP A 92 -5.40 -22.11 3.78
C ASP A 92 -4.32 -22.75 4.67
N PHE A 93 -3.89 -21.99 5.65
CA PHE A 93 -2.86 -22.47 6.57
C PHE A 93 -3.40 -23.62 7.44
N ASP A 94 -2.67 -24.71 7.39
CA ASP A 94 -3.05 -25.89 8.17
C ASP A 94 -1.88 -26.31 9.06
ZN ZN B . -5.92 -15.10 5.83
N SER A 18 8.57 7.68 9.94
CA SER A 18 9.20 6.78 8.99
C SER A 18 8.17 5.77 8.48
N GLU A 19 6.93 5.97 8.89
CA GLU A 19 5.85 5.09 8.49
C GLU A 19 4.87 5.83 7.58
N ALA A 20 5.27 7.03 7.18
CA ALA A 20 4.44 7.85 6.32
C ALA A 20 4.01 7.02 5.10
N VAL A 21 4.99 6.43 4.45
CA VAL A 21 4.73 5.60 3.28
C VAL A 21 3.75 4.50 3.65
N TYR A 22 4.12 3.73 4.66
CA TYR A 22 3.28 2.63 5.12
C TYR A 22 1.85 3.10 5.37
N ILE A 23 1.73 4.39 5.68
CA ILE A 23 0.43 4.98 5.95
C ILE A 23 -0.31 5.19 4.62
N ALA A 24 0.38 5.81 3.68
CA ALA A 24 -0.19 6.07 2.38
C ALA A 24 -0.64 4.75 1.74
N ILE A 25 0.24 3.76 1.84
CA ILE A 25 -0.04 2.45 1.28
C ILE A 25 -1.11 1.75 2.14
N GLU A 26 -1.11 2.10 3.42
CA GLU A 26 -2.06 1.52 4.35
C GLU A 26 -3.34 2.35 4.39
N ALA A 27 -3.33 3.44 3.62
CA ALA A 27 -4.47 4.33 3.57
C ALA A 27 -5.63 3.61 2.89
N GLY A 28 -5.33 2.44 2.35
CA GLY A 28 -6.33 1.65 1.66
C GLY A 28 -5.83 1.17 0.30
N THR A 29 -4.61 1.59 -0.02
CA THR A 29 -4.00 1.21 -1.28
C THR A 29 -3.97 -0.31 -1.43
N LEU A 30 -3.61 -0.97 -0.34
CA LEU A 30 -3.52 -2.42 -0.34
C LEU A 30 -4.27 -2.96 0.87
N ALA A 31 -4.38 -4.28 0.93
CA ALA A 31 -5.06 -4.94 2.03
C ALA A 31 -4.13 -5.98 2.66
N GLU A 32 -4.21 -6.09 3.98
CA GLU A 32 -3.39 -7.04 4.70
C GLU A 32 -4.17 -7.61 5.90
N CYS A 33 -3.86 -8.85 6.22
CA CYS A 33 -4.52 -9.52 7.33
C CYS A 33 -3.84 -9.07 8.63
N GLU A 34 -4.66 -8.82 9.63
CA GLU A 34 -4.16 -8.38 10.92
C GLU A 34 -4.25 -9.52 11.94
N VAL A 35 -4.37 -10.73 11.43
CA VAL A 35 -4.47 -11.91 12.27
C VAL A 35 -3.16 -12.70 12.19
N HIS A 36 -2.56 -12.67 11.01
CA HIS A 36 -1.32 -13.38 10.79
C HIS A 36 -0.37 -12.51 9.95
N GLU A 37 0.52 -11.82 10.65
CA GLU A 37 1.48 -10.95 9.99
C GLU A 37 2.26 -11.73 8.93
N GLY A 38 2.55 -11.06 7.83
CA GLY A 38 3.29 -11.67 6.74
C GLY A 38 2.40 -11.85 5.50
N THR A 39 1.12 -12.08 5.77
CA THR A 39 0.16 -12.27 4.69
C THR A 39 -0.41 -10.93 4.24
N TYR A 40 -0.12 -10.58 2.99
CA TYR A 40 -0.59 -9.32 2.43
C TYR A 40 -1.07 -9.51 0.99
N PHE A 41 -1.65 -8.45 0.45
CA PHE A 41 -2.15 -8.49 -0.91
C PHE A 41 -2.71 -7.12 -1.33
N SER A 42 -2.02 -6.48 -2.26
CA SER A 42 -2.44 -5.19 -2.75
C SER A 42 -3.50 -5.35 -3.83
N ASP A 43 -4.32 -4.33 -3.96
CA ASP A 43 -5.39 -4.35 -4.96
C ASP A 43 -4.86 -4.98 -6.25
N SER A 44 -5.09 -6.27 -6.38
CA SER A 44 -4.65 -7.00 -7.55
C SER A 44 -5.51 -6.63 -8.76
N GLY A 45 -4.84 -6.44 -9.88
CA GLY A 45 -5.53 -6.07 -11.11
C GLY A 45 -5.23 -4.62 -11.50
N ASP A 46 -4.93 -3.81 -10.49
CA ASP A 46 -4.62 -2.42 -10.71
C ASP A 46 -3.57 -1.96 -9.70
N ILE A 47 -2.32 -2.23 -10.03
CA ILE A 47 -1.21 -1.85 -9.17
C ILE A 47 -1.04 -0.33 -9.20
N SER A 48 -1.40 0.25 -10.34
CA SER A 48 -1.28 1.68 -10.51
C SER A 48 -2.33 2.40 -9.65
N GLU A 49 -3.40 1.68 -9.36
CA GLU A 49 -4.48 2.23 -8.55
C GLU A 49 -4.00 2.45 -7.12
N ALA A 50 -3.00 1.68 -6.73
CA ALA A 50 -2.44 1.79 -5.38
C ALA A 50 -1.71 3.12 -5.25
N GLU A 51 -0.84 3.39 -6.22
CA GLU A 51 -0.07 4.62 -6.22
C GLU A 51 -1.01 5.82 -6.31
N GLU A 52 -2.00 5.70 -7.19
CA GLU A 52 -2.97 6.77 -7.39
C GLU A 52 -3.90 6.87 -6.19
N LEU A 53 -4.20 5.71 -5.62
CA LEU A 53 -5.08 5.65 -4.46
C LEU A 53 -4.41 6.33 -3.27
N ALA A 54 -3.14 6.00 -3.08
CA ALA A 54 -2.37 6.57 -2.00
C ALA A 54 -2.24 8.08 -2.20
N ARG A 55 -2.00 8.45 -3.45
CA ARG A 55 -1.85 9.86 -3.79
C ARG A 55 -3.19 10.59 -3.62
N GLU A 56 -4.26 9.83 -3.77
CA GLU A 56 -5.59 10.39 -3.64
C GLU A 56 -5.87 10.75 -2.18
N LYS A 57 -5.71 9.77 -1.32
CA LYS A 57 -5.94 9.98 0.10
C LYS A 57 -4.84 10.88 0.67
N PHE A 58 -3.65 10.71 0.12
CA PHE A 58 -2.51 11.50 0.57
C PHE A 58 -2.67 12.96 0.15
N GLU A 59 -3.27 13.16 -1.00
CA GLU A 59 -3.49 14.50 -1.53
C GLU A 59 -4.61 15.19 -0.74
N LYS A 60 -5.63 14.43 -0.41
CA LYS A 60 -6.76 14.96 0.33
C LYS A 60 -6.42 14.98 1.82
N GLY A 61 -5.18 14.60 2.12
CA GLY A 61 -4.71 14.58 3.49
C GLY A 61 -3.24 14.97 3.57
N GLU A 62 -2.99 16.27 3.56
CA GLU A 62 -1.64 16.78 3.63
C GLU A 62 -0.93 16.21 4.86
N VAL A 63 0.32 15.80 4.64
CA VAL A 63 1.12 15.24 5.72
C VAL A 63 2.41 16.05 5.86
N SER A 64 3.08 15.84 6.98
CA SER A 64 4.32 16.54 7.26
C SER A 64 5.48 15.54 7.36
N ASN A 65 5.25 14.36 6.79
CA ASN A 65 6.26 13.32 6.81
C ASN A 65 6.62 12.93 5.37
N PHE A 66 6.24 13.80 4.45
CA PHE A 66 6.51 13.57 3.04
C PHE A 66 7.50 14.60 2.49
N ASP A 67 8.15 14.22 1.40
CA ASP A 67 9.11 15.11 0.77
C ASP A 67 8.59 15.52 -0.60
N ASP A 68 7.90 14.60 -1.26
CA ASP A 68 7.34 14.85 -2.57
C ASP A 68 6.19 13.89 -2.83
N VAL A 69 5.19 14.38 -3.56
CA VAL A 69 4.03 13.58 -3.88
C VAL A 69 4.44 12.46 -4.83
N GLU A 70 5.13 12.85 -5.90
CA GLU A 70 5.59 11.89 -6.89
C GLU A 70 6.53 10.86 -6.24
N GLU A 71 7.26 11.33 -5.25
CA GLU A 71 8.20 10.48 -4.54
C GLU A 71 7.44 9.51 -3.62
N LEU A 72 6.48 10.06 -2.90
CA LEU A 72 5.68 9.27 -1.98
C LEU A 72 4.94 8.19 -2.77
N VAL A 73 4.17 8.64 -3.75
CA VAL A 73 3.41 7.72 -4.58
C VAL A 73 4.35 6.63 -5.12
N LYS A 74 5.49 7.07 -5.61
CA LYS A 74 6.47 6.14 -6.16
C LYS A 74 6.88 5.14 -5.08
N LYS A 75 6.95 5.64 -3.85
CA LYS A 75 7.32 4.80 -2.73
C LYS A 75 6.16 3.85 -2.39
N VAL A 76 4.96 4.33 -2.67
CA VAL A 76 3.76 3.54 -2.42
C VAL A 76 3.78 2.28 -3.30
N VAL A 77 3.99 2.50 -4.58
CA VAL A 77 4.02 1.41 -5.54
C VAL A 77 5.21 0.50 -5.21
N ALA A 78 6.31 1.13 -4.83
CA ALA A 78 7.52 0.39 -4.49
C ALA A 78 7.23 -0.53 -3.31
N VAL A 79 6.46 0.00 -2.36
CA VAL A 79 6.10 -0.77 -1.17
C VAL A 79 5.18 -1.92 -1.57
N CYS A 80 4.17 -1.59 -2.34
CA CYS A 80 3.21 -2.58 -2.80
C CYS A 80 3.98 -3.69 -3.52
N GLU A 81 4.94 -3.27 -4.33
CA GLU A 81 5.76 -4.21 -5.08
C GLU A 81 6.79 -4.87 -4.16
N GLU A 82 7.18 -4.13 -3.13
CA GLU A 82 8.15 -4.64 -2.17
C GLU A 82 7.49 -5.65 -1.24
N LEU A 83 6.17 -5.57 -1.17
CA LEU A 83 5.41 -6.48 -0.31
C LEU A 83 5.19 -7.80 -1.05
N GLY A 84 5.41 -7.76 -2.36
CA GLY A 84 5.23 -8.94 -3.18
C GLY A 84 4.06 -9.80 -2.67
N ALA A 85 3.04 -9.11 -2.17
CA ALA A 85 1.87 -9.78 -1.66
C ALA A 85 0.65 -9.42 -2.51
N GLU A 86 -0.08 -10.44 -2.92
CA GLU A 86 -1.26 -10.24 -3.73
C GLU A 86 -2.32 -11.30 -3.43
N GLU A 87 -2.30 -11.77 -2.18
CA GLU A 87 -3.24 -12.78 -1.75
C GLU A 87 -2.76 -13.43 -0.44
N CYS A 88 -3.72 -13.95 0.31
CA CYS A 88 -3.42 -14.59 1.57
C CYS A 88 -3.55 -16.10 1.39
N PHE A 89 -2.51 -16.81 1.81
CA PHE A 89 -2.51 -18.26 1.70
C PHE A 89 -3.11 -18.90 2.94
N SER A 90 -2.86 -18.29 4.08
CA SER A 90 -3.37 -18.79 5.34
C SER A 90 -4.90 -18.72 5.34
N CYS A 91 -5.42 -17.67 4.74
CA CYS A 91 -6.86 -17.49 4.66
C CYS A 91 -7.45 -18.62 3.83
N ASP A 92 -6.57 -19.28 3.08
CA ASP A 92 -6.99 -20.38 2.23
C ASP A 92 -6.53 -21.71 2.86
N PHE A 93 -5.71 -21.58 3.89
CA PHE A 93 -5.19 -22.75 4.58
C PHE A 93 -6.15 -23.20 5.68
N ASP A 94 -6.05 -24.48 6.02
CA ASP A 94 -6.90 -25.04 7.05
C ASP A 94 -6.04 -25.40 8.27
ZN ZN B . -5.23 -13.81 6.02
#